data_5QP6
# 
_entry.id   5QP6 
# 
_audit_conform.dict_name       mmcif_pdbx.dic 
_audit_conform.dict_version    5.387 
_audit_conform.dict_location   http://mmcif.pdb.org/dictionaries/ascii/mmcif_pdbx.dic 
# 
loop_
_database_2.database_id 
_database_2.database_code 
_database_2.pdbx_database_accession 
_database_2.pdbx_DOI 
PDB   5QP6         pdb_00005qp6 10.2210/pdb5qp6/pdb 
WWPDB D_1001402231 ?            ?                   
# 
loop_
_pdbx_audit_revision_history.ordinal 
_pdbx_audit_revision_history.data_content_type 
_pdbx_audit_revision_history.major_revision 
_pdbx_audit_revision_history.minor_revision 
_pdbx_audit_revision_history.revision_date 
1 'Structure model' 1 0 2019-05-08 
2 'Structure model' 1 1 2019-11-20 
3 'Structure model' 1 2 2024-03-06 
# 
_pdbx_audit_revision_details.ordinal             1 
_pdbx_audit_revision_details.revision_ordinal    1 
_pdbx_audit_revision_details.data_content_type   'Structure model' 
_pdbx_audit_revision_details.provider            repository 
_pdbx_audit_revision_details.type                'Initial release' 
_pdbx_audit_revision_details.description         ? 
_pdbx_audit_revision_details.details             ? 
# 
loop_
_pdbx_audit_revision_group.ordinal 
_pdbx_audit_revision_group.revision_ordinal 
_pdbx_audit_revision_group.data_content_type 
_pdbx_audit_revision_group.group 
1 2 'Structure model' 'Data collection'     
2 3 'Structure model' 'Data collection'     
3 3 'Structure model' 'Database references' 
# 
loop_
_pdbx_audit_revision_category.ordinal 
_pdbx_audit_revision_category.revision_ordinal 
_pdbx_audit_revision_category.data_content_type 
_pdbx_audit_revision_category.category 
1 2 'Structure model' diffrn_source  
2 3 'Structure model' chem_comp_atom 
3 3 'Structure model' chem_comp_bond 
4 3 'Structure model' database_2     
# 
loop_
_pdbx_audit_revision_item.ordinal 
_pdbx_audit_revision_item.revision_ordinal 
_pdbx_audit_revision_item.data_content_type 
_pdbx_audit_revision_item.item 
1 2 'Structure model' '_diffrn_source.pdbx_synchrotron_beamline' 
2 2 'Structure model' '_diffrn_source.type'                      
3 3 'Structure model' '_database_2.pdbx_DOI'                     
4 3 'Structure model' '_database_2.pdbx_database_accession'      
# 
_pdbx_database_status.entry_id                        5QP6 
_pdbx_database_status.status_code                     REL 
_pdbx_database_status.status_code_sf                  REL 
_pdbx_database_status.status_code_mr                  ? 
_pdbx_database_status.status_code_cs                  ? 
_pdbx_database_status.recvd_initial_deposition_date   2019-02-22 
_pdbx_database_status.deposit_site                    RCSB 
_pdbx_database_status.process_site                    RCSB 
_pdbx_database_status.SG_entry                        ? 
_pdbx_database_status.pdb_format_compatible           Y 
_pdbx_database_status.methods_development_category    ? 
_pdbx_database_status.status_code_nmr_data            ? 
# 
loop_
_audit_author.name 
_audit_author.pdbx_ordinal 
_audit_author.identifier_ORCID 
'Nelson, E.R.'      1  ? 
'Velupillai, S.'    2  ? 
'Talon, R.'         3  ? 
'Collins, P.M.'     4  ? 
'Krojer, T.'        5  ? 
'Wang, D.'          6  ? 
'Brandao-Neto, J.'  7  ? 
'Douangamath, A.'   8  ? 
'Burgess-Brown, N.' 9  ? 
'Arrowsmith, C.H.'  10 ? 
'Bountra, C.'       11 ? 
'Huber, K.'         12 ? 
'von Delft, F.'     13 ? 
# 
_citation.id                        primary 
_citation.title                     'PanDDA analysis group deposition' 
_citation.journal_abbrev            'To Be Published' 
_citation.journal_volume            ? 
_citation.page_first                ? 
_citation.page_last                 ? 
_citation.year                      ? 
_citation.journal_id_ASTM           ? 
_citation.country                   ? 
_citation.journal_id_ISSN           ? 
_citation.journal_id_CSD            0353 
_citation.book_publisher            ? 
_citation.pdbx_database_id_PubMed   ? 
_citation.pdbx_database_id_DOI      ? 
# 
loop_
_citation_author.citation_id 
_citation_author.name 
_citation_author.identifier_ORCID 
_citation_author.ordinal 
primary 'Nelson, E.R.'      ? 1  
primary 'Velupillai, S.'    ? 2  
primary 'Talon, R.'         ? 3  
primary 'Collins, P.M.'     ? 4  
primary 'Krojer, T.'        ? 5  
primary 'Wang, D.'          ? 6  
primary 'Brandao-Neto, J.'  ? 7  
primary 'Douangamath, A.'   ? 8  
primary 'Burgess-Brown, N.' ? 9  
primary 'Arrowsmith, C.H.'  ? 10 
primary 'Bountra, C.'       ? 11 
primary 'Huber, K.'         ? 12 
primary 'von Delft, F.'     ? 13 
# 
loop_
_entity.id 
_entity.type 
_entity.src_method 
_entity.pdbx_description 
_entity.formula_weight 
_entity.pdbx_number_of_molecules 
_entity.pdbx_ec 
_entity.pdbx_mutation 
_entity.pdbx_fragment 
_entity.details 
1 polymer     man 'DCP2 (NUDT20)'                                                 19073.738 1  3.6.1.62 ? 'UNP residues 95-260' ? 
2 non-polymer syn 1,2-ETHANEDIOL                                                  62.068    2  ?        ? ?                     ? 
3 non-polymer syn 'DIMETHYL SULFOXIDE'                                            78.133    1  ?        ? ?                     ? 
4 non-polymer syn 'ACETATE ION'                                                   59.044    2  ?        ? ?                     ? 
5 non-polymer syn '5-ethyl-N-[(4-fluorophenyl)methyl]-1,3-thiazole-2-carboxamide' 264.319   1  ?        ? ?                     ? 
6 water       nat water                                                           18.015    87 ?        ? ?                     ? 
# 
_entity_name_com.entity_id   1 
_entity_name_com.name        
'Nucleoside diphosphate-linked moiety X motif 20, Nudix motif 20, mRNA-decapping enzyme 2, hDpc, m7GpppN-mRNA hydrolase' 
# 
_entity_poly.entity_id                      1 
_entity_poly.type                           'polypeptide(L)' 
_entity_poly.nstd_linkage                   no 
_entity_poly.nstd_monomer                   no 
_entity_poly.pdbx_seq_one_letter_code       
;SMGVPTYGAIILDETLENVLLVQGYLAKSGWGFPKGKVNKEEAPHDCAAREVFEETGFDIKDYICKDDYIELRINDQLAR
LYIIPGIPKDTKFNPKTRREIRNIEWFSIEKLPCHRNDMTPKSKLGLAPNKFFMAIPFIRPLRDWLSRRFGDSSDSDNGF
SSTGSTP
;
_entity_poly.pdbx_seq_one_letter_code_can   
;SMGVPTYGAIILDETLENVLLVQGYLAKSGWGFPKGKVNKEEAPHDCAAREVFEETGFDIKDYICKDDYIELRINDQLAR
LYIIPGIPKDTKFNPKTRREIRNIEWFSIEKLPCHRNDMTPKSKLGLAPNKFFMAIPFIRPLRDWLSRRFGDSSDSDNGF
SSTGSTP
;
_entity_poly.pdbx_strand_id                 A 
_entity_poly.pdbx_target_identifier         ? 
# 
loop_
_pdbx_entity_nonpoly.entity_id 
_pdbx_entity_nonpoly.name 
_pdbx_entity_nonpoly.comp_id 
2 1,2-ETHANEDIOL                                                  EDO 
3 'DIMETHYL SULFOXIDE'                                            DMS 
4 'ACETATE ION'                                                   ACT 
5 '5-ethyl-N-[(4-fluorophenyl)methyl]-1,3-thiazole-2-carboxamide' LJM 
6 water                                                           HOH 
# 
loop_
_entity_poly_seq.entity_id 
_entity_poly_seq.num 
_entity_poly_seq.mon_id 
_entity_poly_seq.hetero 
1 1   SER n 
1 2   MET n 
1 3   GLY n 
1 4   VAL n 
1 5   PRO n 
1 6   THR n 
1 7   TYR n 
1 8   GLY n 
1 9   ALA n 
1 10  ILE n 
1 11  ILE n 
1 12  LEU n 
1 13  ASP n 
1 14  GLU n 
1 15  THR n 
1 16  LEU n 
1 17  GLU n 
1 18  ASN n 
1 19  VAL n 
1 20  LEU n 
1 21  LEU n 
1 22  VAL n 
1 23  GLN n 
1 24  GLY n 
1 25  TYR n 
1 26  LEU n 
1 27  ALA n 
1 28  LYS n 
1 29  SER n 
1 30  GLY n 
1 31  TRP n 
1 32  GLY n 
1 33  PHE n 
1 34  PRO n 
1 35  LYS n 
1 36  GLY n 
1 37  LYS n 
1 38  VAL n 
1 39  ASN n 
1 40  LYS n 
1 41  GLU n 
1 42  GLU n 
1 43  ALA n 
1 44  PRO n 
1 45  HIS n 
1 46  ASP n 
1 47  CYS n 
1 48  ALA n 
1 49  ALA n 
1 50  ARG n 
1 51  GLU n 
1 52  VAL n 
1 53  PHE n 
1 54  GLU n 
1 55  GLU n 
1 56  THR n 
1 57  GLY n 
1 58  PHE n 
1 59  ASP n 
1 60  ILE n 
1 61  LYS n 
1 62  ASP n 
1 63  TYR n 
1 64  ILE n 
1 65  CYS n 
1 66  LYS n 
1 67  ASP n 
1 68  ASP n 
1 69  TYR n 
1 70  ILE n 
1 71  GLU n 
1 72  LEU n 
1 73  ARG n 
1 74  ILE n 
1 75  ASN n 
1 76  ASP n 
1 77  GLN n 
1 78  LEU n 
1 79  ALA n 
1 80  ARG n 
1 81  LEU n 
1 82  TYR n 
1 83  ILE n 
1 84  ILE n 
1 85  PRO n 
1 86  GLY n 
1 87  ILE n 
1 88  PRO n 
1 89  LYS n 
1 90  ASP n 
1 91  THR n 
1 92  LYS n 
1 93  PHE n 
1 94  ASN n 
1 95  PRO n 
1 96  LYS n 
1 97  THR n 
1 98  ARG n 
1 99  ARG n 
1 100 GLU n 
1 101 ILE n 
1 102 ARG n 
1 103 ASN n 
1 104 ILE n 
1 105 GLU n 
1 106 TRP n 
1 107 PHE n 
1 108 SER n 
1 109 ILE n 
1 110 GLU n 
1 111 LYS n 
1 112 LEU n 
1 113 PRO n 
1 114 CYS n 
1 115 HIS n 
1 116 ARG n 
1 117 ASN n 
1 118 ASP n 
1 119 MET n 
1 120 THR n 
1 121 PRO n 
1 122 LYS n 
1 123 SER n 
1 124 LYS n 
1 125 LEU n 
1 126 GLY n 
1 127 LEU n 
1 128 ALA n 
1 129 PRO n 
1 130 ASN n 
1 131 LYS n 
1 132 PHE n 
1 133 PHE n 
1 134 MET n 
1 135 ALA n 
1 136 ILE n 
1 137 PRO n 
1 138 PHE n 
1 139 ILE n 
1 140 ARG n 
1 141 PRO n 
1 142 LEU n 
1 143 ARG n 
1 144 ASP n 
1 145 TRP n 
1 146 LEU n 
1 147 SER n 
1 148 ARG n 
1 149 ARG n 
1 150 PHE n 
1 151 GLY n 
1 152 ASP n 
1 153 SER n 
1 154 SER n 
1 155 ASP n 
1 156 SER n 
1 157 ASP n 
1 158 ASN n 
1 159 GLY n 
1 160 PHE n 
1 161 SER n 
1 162 SER n 
1 163 THR n 
1 164 GLY n 
1 165 SER n 
1 166 THR n 
1 167 PRO n 
# 
_entity_src_gen.entity_id                          1 
_entity_src_gen.pdbx_src_id                        1 
_entity_src_gen.pdbx_alt_source_flag               sample 
_entity_src_gen.pdbx_seq_type                      'Biological sequence' 
_entity_src_gen.pdbx_beg_seq_num                   1 
_entity_src_gen.pdbx_end_seq_num                   167 
_entity_src_gen.gene_src_common_name               Human 
_entity_src_gen.gene_src_genus                     ? 
_entity_src_gen.pdbx_gene_src_gene                 'DCP2, NUDT20' 
_entity_src_gen.gene_src_species                   ? 
_entity_src_gen.gene_src_strain                    ? 
_entity_src_gen.gene_src_tissue                    ? 
_entity_src_gen.gene_src_tissue_fraction           ? 
_entity_src_gen.gene_src_details                   ? 
_entity_src_gen.pdbx_gene_src_fragment             ? 
_entity_src_gen.pdbx_gene_src_scientific_name      'Homo sapiens' 
_entity_src_gen.pdbx_gene_src_ncbi_taxonomy_id     9606 
_entity_src_gen.pdbx_gene_src_variant              ? 
_entity_src_gen.pdbx_gene_src_cell_line            ? 
_entity_src_gen.pdbx_gene_src_atcc                 ? 
_entity_src_gen.pdbx_gene_src_organ                ? 
_entity_src_gen.pdbx_gene_src_organelle            ? 
_entity_src_gen.pdbx_gene_src_cell                 ? 
_entity_src_gen.pdbx_gene_src_cellular_location    ? 
_entity_src_gen.host_org_common_name               ? 
_entity_src_gen.pdbx_host_org_scientific_name      'Escherichia coli' 
_entity_src_gen.pdbx_host_org_ncbi_taxonomy_id     562 
_entity_src_gen.host_org_genus                     ? 
_entity_src_gen.pdbx_host_org_gene                 ? 
_entity_src_gen.pdbx_host_org_organ                ? 
_entity_src_gen.host_org_species                   ? 
_entity_src_gen.pdbx_host_org_tissue               ? 
_entity_src_gen.pdbx_host_org_tissue_fraction      ? 
_entity_src_gen.pdbx_host_org_strain               ? 
_entity_src_gen.pdbx_host_org_variant              ? 
_entity_src_gen.pdbx_host_org_cell_line            ? 
_entity_src_gen.pdbx_host_org_atcc                 ? 
_entity_src_gen.pdbx_host_org_culture_collection   ? 
_entity_src_gen.pdbx_host_org_cell                 ? 
_entity_src_gen.pdbx_host_org_organelle            ? 
_entity_src_gen.pdbx_host_org_cellular_location    ? 
_entity_src_gen.pdbx_host_org_vector_type          ? 
_entity_src_gen.pdbx_host_org_vector               ? 
_entity_src_gen.host_org_details                   ? 
_entity_src_gen.expression_system_id               ? 
_entity_src_gen.plasmid_name                       ? 
_entity_src_gen.plasmid_details                    ? 
_entity_src_gen.pdbx_description                   ? 
# 
loop_
_chem_comp.id 
_chem_comp.type 
_chem_comp.mon_nstd_flag 
_chem_comp.name 
_chem_comp.pdbx_synonyms 
_chem_comp.formula 
_chem_comp.formula_weight 
ACT non-polymer         . 'ACETATE ION'                                                   ?                 'C2 H3 O2 -1'      
59.044  
ALA 'L-peptide linking' y ALANINE                                                         ?                 'C3 H7 N O2'       
89.093  
ARG 'L-peptide linking' y ARGININE                                                        ?                 'C6 H15 N4 O2 1'   
175.209 
ASN 'L-peptide linking' y ASPARAGINE                                                      ?                 'C4 H8 N2 O3'      
132.118 
ASP 'L-peptide linking' y 'ASPARTIC ACID'                                                 ?                 'C4 H7 N O4'       
133.103 
CYS 'L-peptide linking' y CYSTEINE                                                        ?                 'C3 H7 N O2 S'     
121.158 
DMS non-polymer         . 'DIMETHYL SULFOXIDE'                                            ?                 'C2 H6 O S'        
78.133  
EDO non-polymer         . 1,2-ETHANEDIOL                                                  'ETHYLENE GLYCOL' 'C2 H6 O2'         
62.068  
GLN 'L-peptide linking' y GLUTAMINE                                                       ?                 'C5 H10 N2 O3'     
146.144 
GLU 'L-peptide linking' y 'GLUTAMIC ACID'                                                 ?                 'C5 H9 N O4'       
147.129 
GLY 'peptide linking'   y GLYCINE                                                         ?                 'C2 H5 N O2'       
75.067  
HIS 'L-peptide linking' y HISTIDINE                                                       ?                 'C6 H10 N3 O2 1'   
156.162 
HOH non-polymer         . WATER                                                           ?                 'H2 O'             
18.015  
ILE 'L-peptide linking' y ISOLEUCINE                                                      ?                 'C6 H13 N O2'      
131.173 
LEU 'L-peptide linking' y LEUCINE                                                         ?                 'C6 H13 N O2'      
131.173 
LJM non-polymer         . '5-ethyl-N-[(4-fluorophenyl)methyl]-1,3-thiazole-2-carboxamide' ?                 'C13 H13 F N2 O S' 
264.319 
LYS 'L-peptide linking' y LYSINE                                                          ?                 'C6 H15 N2 O2 1'   
147.195 
MET 'L-peptide linking' y METHIONINE                                                      ?                 'C5 H11 N O2 S'    
149.211 
PHE 'L-peptide linking' y PHENYLALANINE                                                   ?                 'C9 H11 N O2'      
165.189 
PRO 'L-peptide linking' y PROLINE                                                         ?                 'C5 H9 N O2'       
115.130 
SER 'L-peptide linking' y SERINE                                                          ?                 'C3 H7 N O3'       
105.093 
THR 'L-peptide linking' y THREONINE                                                       ?                 'C4 H9 N O3'       
119.119 
TRP 'L-peptide linking' y TRYPTOPHAN                                                      ?                 'C11 H12 N2 O2'    
204.225 
TYR 'L-peptide linking' y TYROSINE                                                        ?                 'C9 H11 N O3'      
181.189 
VAL 'L-peptide linking' y VALINE                                                          ?                 'C5 H11 N O2'      
117.146 
# 
loop_
_pdbx_poly_seq_scheme.asym_id 
_pdbx_poly_seq_scheme.entity_id 
_pdbx_poly_seq_scheme.seq_id 
_pdbx_poly_seq_scheme.mon_id 
_pdbx_poly_seq_scheme.ndb_seq_num 
_pdbx_poly_seq_scheme.pdb_seq_num 
_pdbx_poly_seq_scheme.auth_seq_num 
_pdbx_poly_seq_scheme.pdb_mon_id 
_pdbx_poly_seq_scheme.auth_mon_id 
_pdbx_poly_seq_scheme.pdb_strand_id 
_pdbx_poly_seq_scheme.pdb_ins_code 
_pdbx_poly_seq_scheme.hetero 
A 1 1   SER 1   94  ?   ?   ?   A . n 
A 1 2   MET 2   95  ?   ?   ?   A . n 
A 1 3   GLY 3   96  96  GLY GLY A . n 
A 1 4   VAL 4   97  97  VAL VAL A . n 
A 1 5   PRO 5   98  98  PRO PRO A . n 
A 1 6   THR 6   99  99  THR THR A . n 
A 1 7   TYR 7   100 100 TYR TYR A . n 
A 1 8   GLY 8   101 101 GLY GLY A . n 
A 1 9   ALA 9   102 102 ALA ALA A . n 
A 1 10  ILE 10  103 103 ILE ILE A . n 
A 1 11  ILE 11  104 104 ILE ILE A . n 
A 1 12  LEU 12  105 105 LEU LEU A . n 
A 1 13  ASP 13  106 106 ASP ASP A . n 
A 1 14  GLU 14  107 107 GLU GLU A . n 
A 1 15  THR 15  108 108 THR THR A . n 
A 1 16  LEU 16  109 109 LEU LEU A . n 
A 1 17  GLU 17  110 110 GLU GLU A . n 
A 1 18  ASN 18  111 111 ASN ASN A . n 
A 1 19  VAL 19  112 112 VAL VAL A . n 
A 1 20  LEU 20  113 113 LEU LEU A . n 
A 1 21  LEU 21  114 114 LEU LEU A . n 
A 1 22  VAL 22  115 115 VAL VAL A . n 
A 1 23  GLN 23  116 116 GLN GLN A . n 
A 1 24  GLY 24  117 117 GLY GLY A . n 
A 1 25  TYR 25  118 118 TYR TYR A . n 
A 1 26  LEU 26  119 119 LEU LEU A . n 
A 1 27  ALA 27  120 120 ALA ALA A . n 
A 1 28  LYS 28  121 121 LYS LYS A . n 
A 1 29  SER 29  122 122 SER SER A . n 
A 1 30  GLY 30  123 123 GLY GLY A . n 
A 1 31  TRP 31  124 124 TRP TRP A . n 
A 1 32  GLY 32  125 125 GLY GLY A . n 
A 1 33  PHE 33  126 126 PHE PHE A . n 
A 1 34  PRO 34  127 127 PRO PRO A . n 
A 1 35  LYS 35  128 128 LYS LYS A . n 
A 1 36  GLY 36  129 129 GLY GLY A . n 
A 1 37  LYS 37  130 130 LYS LYS A . n 
A 1 38  VAL 38  131 131 VAL VAL A . n 
A 1 39  ASN 39  132 132 ASN ASN A . n 
A 1 40  LYS 40  133 133 LYS LYS A . n 
A 1 41  GLU 41  134 134 GLU GLU A . n 
A 1 42  GLU 42  135 135 GLU GLU A . n 
A 1 43  ALA 43  136 136 ALA ALA A . n 
A 1 44  PRO 44  137 137 PRO PRO A . n 
A 1 45  HIS 45  138 138 HIS HIS A . n 
A 1 46  ASP 46  139 139 ASP ASP A . n 
A 1 47  CYS 47  140 140 CYS CYS A . n 
A 1 48  ALA 48  141 141 ALA ALA A . n 
A 1 49  ALA 49  142 142 ALA ALA A . n 
A 1 50  ARG 50  143 143 ARG ARG A . n 
A 1 51  GLU 51  144 144 GLU GLU A . n 
A 1 52  VAL 52  145 145 VAL VAL A . n 
A 1 53  PHE 53  146 146 PHE PHE A . n 
A 1 54  GLU 54  147 147 GLU GLU A . n 
A 1 55  GLU 55  148 148 GLU GLU A . n 
A 1 56  THR 56  149 149 THR THR A . n 
A 1 57  GLY 57  150 150 GLY GLY A . n 
A 1 58  PHE 58  151 151 PHE PHE A . n 
A 1 59  ASP 59  152 152 ASP ASP A . n 
A 1 60  ILE 60  153 153 ILE ILE A . n 
A 1 61  LYS 61  154 154 LYS LYS A . n 
A 1 62  ASP 62  155 155 ASP ASP A . n 
A 1 63  TYR 63  156 156 TYR TYR A . n 
A 1 64  ILE 64  157 157 ILE ILE A . n 
A 1 65  CYS 65  158 158 CYS CYS A . n 
A 1 66  LYS 66  159 159 LYS LYS A . n 
A 1 67  ASP 67  160 160 ASP ASP A . n 
A 1 68  ASP 68  161 161 ASP ASP A . n 
A 1 69  TYR 69  162 162 TYR TYR A . n 
A 1 70  ILE 70  163 163 ILE ILE A . n 
A 1 71  GLU 71  164 164 GLU GLU A . n 
A 1 72  LEU 72  165 165 LEU LEU A . n 
A 1 73  ARG 73  166 166 ARG ARG A . n 
A 1 74  ILE 74  167 167 ILE ILE A . n 
A 1 75  ASN 75  168 168 ASN ASN A . n 
A 1 76  ASP 76  169 169 ASP ASP A . n 
A 1 77  GLN 77  170 170 GLN GLN A . n 
A 1 78  LEU 78  171 171 LEU LEU A . n 
A 1 79  ALA 79  172 172 ALA ALA A . n 
A 1 80  ARG 80  173 173 ARG ARG A . n 
A 1 81  LEU 81  174 174 LEU LEU A . n 
A 1 82  TYR 82  175 175 TYR TYR A . n 
A 1 83  ILE 83  176 176 ILE ILE A . n 
A 1 84  ILE 84  177 177 ILE ILE A . n 
A 1 85  PRO 85  178 178 PRO PRO A . n 
A 1 86  GLY 86  179 179 GLY GLY A . n 
A 1 87  ILE 87  180 180 ILE ILE A . n 
A 1 88  PRO 88  181 181 PRO PRO A . n 
A 1 89  LYS 89  182 182 LYS LYS A . n 
A 1 90  ASP 90  183 183 ASP ASP A . n 
A 1 91  THR 91  184 184 THR THR A . n 
A 1 92  LYS 92  185 185 LYS LYS A . n 
A 1 93  PHE 93  186 186 PHE PHE A . n 
A 1 94  ASN 94  187 187 ASN ASN A . n 
A 1 95  PRO 95  188 188 PRO PRO A . n 
A 1 96  LYS 96  189 189 LYS LYS A . n 
A 1 97  THR 97  190 190 THR THR A . n 
A 1 98  ARG 98  191 191 ARG ARG A . n 
A 1 99  ARG 99  192 192 ARG ARG A . n 
A 1 100 GLU 100 193 193 GLU GLU A . n 
A 1 101 ILE 101 194 194 ILE ILE A . n 
A 1 102 ARG 102 195 195 ARG ARG A . n 
A 1 103 ASN 103 196 196 ASN ASN A . n 
A 1 104 ILE 104 197 197 ILE ILE A . n 
A 1 105 GLU 105 198 198 GLU GLU A . n 
A 1 106 TRP 106 199 199 TRP TRP A . n 
A 1 107 PHE 107 200 200 PHE PHE A . n 
A 1 108 SER 108 201 201 SER SER A . n 
A 1 109 ILE 109 202 202 ILE ILE A . n 
A 1 110 GLU 110 203 203 GLU GLU A . n 
A 1 111 LYS 111 204 204 LYS LYS A . n 
A 1 112 LEU 112 205 205 LEU LEU A . n 
A 1 113 PRO 113 206 206 PRO PRO A . n 
A 1 114 CYS 114 207 207 CYS CYS A . n 
A 1 115 HIS 115 208 208 HIS HIS A . n 
A 1 116 ARG 116 209 209 ARG ARG A . n 
A 1 117 ASN 117 210 210 ASN ASN A . n 
A 1 118 ASP 118 211 211 ASP ASP A . n 
A 1 119 MET 119 212 212 MET MET A . n 
A 1 120 THR 120 213 213 THR THR A . n 
A 1 121 PRO 121 214 214 PRO PRO A . n 
A 1 122 LYS 122 215 215 LYS LYS A . n 
A 1 123 SER 123 216 216 SER SER A . n 
A 1 124 LYS 124 217 217 LYS LYS A . n 
A 1 125 LEU 125 218 218 LEU LEU A . n 
A 1 126 GLY 126 219 219 GLY GLY A . n 
A 1 127 LEU 127 220 220 LEU LEU A . n 
A 1 128 ALA 128 221 221 ALA ALA A . n 
A 1 129 PRO 129 222 222 PRO PRO A . n 
A 1 130 ASN 130 223 223 ASN ASN A . n 
A 1 131 LYS 131 224 224 LYS LYS A . n 
A 1 132 PHE 132 225 225 PHE PHE A . n 
A 1 133 PHE 133 226 226 PHE PHE A . n 
A 1 134 MET 134 227 227 MET MET A . n 
A 1 135 ALA 135 228 228 ALA ALA A . n 
A 1 136 ILE 136 229 229 ILE ILE A . n 
A 1 137 PRO 137 230 230 PRO PRO A . n 
A 1 138 PHE 138 231 231 PHE PHE A . n 
A 1 139 ILE 139 232 232 ILE ILE A . n 
A 1 140 ARG 140 233 233 ARG ARG A . n 
A 1 141 PRO 141 234 234 PRO PRO A . n 
A 1 142 LEU 142 235 235 LEU LEU A . n 
A 1 143 ARG 143 236 236 ARG ARG A . n 
A 1 144 ASP 144 237 237 ASP ASP A . n 
A 1 145 TRP 145 238 238 TRP TRP A . n 
A 1 146 LEU 146 239 239 LEU LEU A . n 
A 1 147 SER 147 240 240 SER SER A . n 
A 1 148 ARG 148 241 241 ARG ARG A . n 
A 1 149 ARG 149 242 242 ARG ARG A . n 
A 1 150 PHE 150 243 243 PHE PHE A . n 
A 1 151 GLY 151 244 244 GLY GLY A . n 
A 1 152 ASP 152 245 ?   ?   ?   A . n 
A 1 153 SER 153 246 ?   ?   ?   A . n 
A 1 154 SER 154 247 ?   ?   ?   A . n 
A 1 155 ASP 155 248 ?   ?   ?   A . n 
A 1 156 SER 156 249 ?   ?   ?   A . n 
A 1 157 ASP 157 250 ?   ?   ?   A . n 
A 1 158 ASN 158 251 ?   ?   ?   A . n 
A 1 159 GLY 159 252 ?   ?   ?   A . n 
A 1 160 PHE 160 253 ?   ?   ?   A . n 
A 1 161 SER 161 254 ?   ?   ?   A . n 
A 1 162 SER 162 255 ?   ?   ?   A . n 
A 1 163 THR 163 256 ?   ?   ?   A . n 
A 1 164 GLY 164 257 ?   ?   ?   A . n 
A 1 165 SER 165 258 ?   ?   ?   A . n 
A 1 166 THR 166 259 ?   ?   ?   A . n 
A 1 167 PRO 167 260 ?   ?   ?   A . n 
# 
loop_
_pdbx_nonpoly_scheme.asym_id 
_pdbx_nonpoly_scheme.entity_id 
_pdbx_nonpoly_scheme.mon_id 
_pdbx_nonpoly_scheme.ndb_seq_num 
_pdbx_nonpoly_scheme.pdb_seq_num 
_pdbx_nonpoly_scheme.auth_seq_num 
_pdbx_nonpoly_scheme.pdb_mon_id 
_pdbx_nonpoly_scheme.auth_mon_id 
_pdbx_nonpoly_scheme.pdb_strand_id 
_pdbx_nonpoly_scheme.pdb_ins_code 
B 2 EDO 1  301 2   EDO EDO A . 
C 2 EDO 1  302 3   EDO EDO A . 
D 3 DMS 1  303 1   DMS DMS A . 
E 4 ACT 1  304 1   ACT ACT A . 
F 4 ACT 1  305 2   ACT ACT A . 
G 5 LJM 1  306 1   LJM LIG A . 
H 6 HOH 1  401 19  HOH HOH A . 
H 6 HOH 2  402 104 HOH HOH A . 
H 6 HOH 3  403 8   HOH HOH A . 
H 6 HOH 4  404 12  HOH HOH A . 
H 6 HOH 5  405 70  HOH HOH A . 
H 6 HOH 6  406 68  HOH HOH A . 
H 6 HOH 7  407 67  HOH HOH A . 
H 6 HOH 8  408 66  HOH HOH A . 
H 6 HOH 9  409 90  HOH HOH A . 
H 6 HOH 10 410 96  HOH HOH A . 
H 6 HOH 11 411 78  HOH HOH A . 
H 6 HOH 12 412 60  HOH HOH A . 
H 6 HOH 13 413 17  HOH HOH A . 
H 6 HOH 14 414 97  HOH HOH A . 
H 6 HOH 15 415 23  HOH HOH A . 
H 6 HOH 16 416 81  HOH HOH A . 
H 6 HOH 17 417 39  HOH HOH A . 
H 6 HOH 18 418 46  HOH HOH A . 
H 6 HOH 19 419 71  HOH HOH A . 
H 6 HOH 20 420 38  HOH HOH A . 
H 6 HOH 21 421 13  HOH HOH A . 
H 6 HOH 22 422 106 HOH HOH A . 
H 6 HOH 23 423 76  HOH HOH A . 
H 6 HOH 24 424 36  HOH HOH A . 
H 6 HOH 25 425 4   HOH HOH A . 
H 6 HOH 26 426 55  HOH HOH A . 
H 6 HOH 27 427 100 HOH HOH A . 
H 6 HOH 28 428 88  HOH HOH A . 
H 6 HOH 29 429 18  HOH HOH A . 
H 6 HOH 30 430 15  HOH HOH A . 
H 6 HOH 31 431 35  HOH HOH A . 
H 6 HOH 32 432 10  HOH HOH A . 
H 6 HOH 33 433 29  HOH HOH A . 
H 6 HOH 34 434 31  HOH HOH A . 
H 6 HOH 35 435 1   HOH HOH A . 
H 6 HOH 36 436 16  HOH HOH A . 
H 6 HOH 37 437 74  HOH HOH A . 
H 6 HOH 38 438 14  HOH HOH A . 
H 6 HOH 39 439 24  HOH HOH A . 
H 6 HOH 40 440 101 HOH HOH A . 
H 6 HOH 41 441 79  HOH HOH A . 
H 6 HOH 42 442 32  HOH HOH A . 
H 6 HOH 43 443 5   HOH HOH A . 
H 6 HOH 44 444 2   HOH HOH A . 
H 6 HOH 45 445 27  HOH HOH A . 
H 6 HOH 46 446 95  HOH HOH A . 
H 6 HOH 47 447 3   HOH HOH A . 
H 6 HOH 48 448 6   HOH HOH A . 
H 6 HOH 49 449 102 HOH HOH A . 
H 6 HOH 50 450 50  HOH HOH A . 
H 6 HOH 51 451 7   HOH HOH A . 
H 6 HOH 52 452 57  HOH HOH A . 
H 6 HOH 53 453 105 HOH HOH A . 
H 6 HOH 54 454 103 HOH HOH A . 
H 6 HOH 55 455 85  HOH HOH A . 
H 6 HOH 56 456 43  HOH HOH A . 
H 6 HOH 57 457 65  HOH HOH A . 
H 6 HOH 58 458 11  HOH HOH A . 
H 6 HOH 59 459 59  HOH HOH A . 
H 6 HOH 60 460 9   HOH HOH A . 
H 6 HOH 61 461 42  HOH HOH A . 
H 6 HOH 62 462 30  HOH HOH A . 
H 6 HOH 63 463 62  HOH HOH A . 
H 6 HOH 64 464 47  HOH HOH A . 
H 6 HOH 65 465 87  HOH HOH A . 
H 6 HOH 66 466 28  HOH HOH A . 
H 6 HOH 67 467 33  HOH HOH A . 
H 6 HOH 68 468 22  HOH HOH A . 
H 6 HOH 69 469 94  HOH HOH A . 
H 6 HOH 70 470 40  HOH HOH A . 
H 6 HOH 71 471 72  HOH HOH A . 
H 6 HOH 72 472 80  HOH HOH A . 
H 6 HOH 73 473 25  HOH HOH A . 
H 6 HOH 74 474 21  HOH HOH A . 
H 6 HOH 75 475 69  HOH HOH A . 
H 6 HOH 76 476 75  HOH HOH A . 
H 6 HOH 77 477 84  HOH HOH A . 
H 6 HOH 78 478 92  HOH HOH A . 
H 6 HOH 79 479 52  HOH HOH A . 
H 6 HOH 80 480 86  HOH HOH A . 
H 6 HOH 81 481 26  HOH HOH A . 
H 6 HOH 82 482 51  HOH HOH A . 
H 6 HOH 83 483 98  HOH HOH A . 
H 6 HOH 84 484 20  HOH HOH A . 
H 6 HOH 85 485 56  HOH HOH A . 
H 6 HOH 86 486 93  HOH HOH A . 
H 6 HOH 87 487 41  HOH HOH A . 
# 
loop_
_pdbx_unobs_or_zero_occ_atoms.id 
_pdbx_unobs_or_zero_occ_atoms.PDB_model_num 
_pdbx_unobs_or_zero_occ_atoms.polymer_flag 
_pdbx_unobs_or_zero_occ_atoms.occupancy_flag 
_pdbx_unobs_or_zero_occ_atoms.auth_asym_id 
_pdbx_unobs_or_zero_occ_atoms.auth_comp_id 
_pdbx_unobs_or_zero_occ_atoms.auth_seq_id 
_pdbx_unobs_or_zero_occ_atoms.PDB_ins_code 
_pdbx_unobs_or_zero_occ_atoms.auth_atom_id 
_pdbx_unobs_or_zero_occ_atoms.label_alt_id 
_pdbx_unobs_or_zero_occ_atoms.label_asym_id 
_pdbx_unobs_or_zero_occ_atoms.label_comp_id 
_pdbx_unobs_or_zero_occ_atoms.label_seq_id 
_pdbx_unobs_or_zero_occ_atoms.label_atom_id 
1  1 Y 1 A LYS 130 ? CE  ? A LYS 37  CE  
2  1 Y 1 A LYS 130 ? NZ  ? A LYS 37  NZ  
3  1 Y 1 A LYS 133 ? CG  ? A LYS 40  CG  
4  1 Y 1 A LYS 133 ? CD  ? A LYS 40  CD  
5  1 Y 1 A LYS 133 ? CE  ? A LYS 40  CE  
6  1 Y 1 A LYS 133 ? NZ  ? A LYS 40  NZ  
7  1 Y 1 A GLU 134 ? CG  ? A GLU 41  CG  
8  1 Y 1 A GLU 134 ? CD  ? A GLU 41  CD  
9  1 Y 1 A GLU 134 ? OE1 ? A GLU 41  OE1 
10 1 Y 1 A GLU 134 ? OE2 ? A GLU 41  OE2 
11 1 Y 1 A LYS 159 ? CD  ? A LYS 66  CD  
12 1 Y 1 A LYS 159 ? CE  ? A LYS 66  CE  
13 1 Y 1 A LYS 159 ? NZ  ? A LYS 66  NZ  
14 1 Y 1 A LYS 185 ? CE  ? A LYS 92  CE  
15 1 Y 1 A LYS 185 ? NZ  ? A LYS 92  NZ  
16 1 Y 1 A LYS 215 ? CD  ? A LYS 122 CD  
17 1 Y 1 A LYS 215 ? CE  ? A LYS 122 CE  
18 1 Y 1 A LYS 215 ? NZ  ? A LYS 122 NZ  
19 1 Y 1 A LYS 217 ? CE  ? A LYS 124 CE  
20 1 Y 1 A LYS 217 ? NZ  ? A LYS 124 NZ  
21 1 Y 1 A ARG 241 ? CD  ? A ARG 148 CD  
22 1 Y 1 A ARG 241 ? NE  ? A ARG 148 NE  
23 1 Y 1 A ARG 241 ? CZ  ? A ARG 148 CZ  
24 1 Y 1 A ARG 241 ? NH1 ? A ARG 148 NH1 
25 1 Y 1 A ARG 241 ? NH2 ? A ARG 148 NH2 
# 
loop_
_software.pdbx_ordinal 
_software.name 
_software.version 
_software.date 
_software.type 
_software.contact_author 
_software.contact_author_email 
_software.classification 
_software.location 
_software.language 
_software.citation_id 
1 REFMAC      5.8.0158 ?               program 'Garib N. Murshudov' garib@ysbl.york.ac.uk    refinement        
http://www.ccp4.ac.uk/dist/html/refmac5.html        Fortran_77 ? 
2 Aimless     0.5.32   29/03/17        program 'Phil Evans'         ?                        'data scaling'    
http://www.mrc-lmb.cam.ac.uk/harry/pre/aimless.html ?          ? 
3 PDB_EXTRACT 3.23     'SEP. 23, 2016' package PDB                  deposit@deposit.rcsb.org 'data extraction' 
http://sw-tools.pdb.org/apps/PDB_EXTRACT/           C++        ? 
4 XDS         .        ?               program ?                    ?                        'data reduction'  ? ?          ? 
5 REFMAC      .        ?               program ?                    ?                        phasing           ? ?          ? 
# 
_cell.entry_id           5QP6 
_cell.length_a           48.181 
_cell.length_b           60.380 
_cell.length_c           65.593 
_cell.angle_alpha        90.000 
_cell.angle_beta         90.000 
_cell.angle_gamma        90.000 
_cell.Z_PDB              4 
_cell.pdbx_unique_axis   ? 
# 
_symmetry.entry_id                         5QP6 
_symmetry.space_group_name_H-M             'P 21 21 21' 
_symmetry.pdbx_full_space_group_name_H-M   ? 
_symmetry.cell_setting                     ? 
_symmetry.Int_Tables_number                19 
# 
_exptl.crystals_number   1 
_exptl.entry_id          5QP6 
_exptl.method            'X-RAY DIFFRACTION' 
# 
_exptl_crystal.id                    1 
_exptl_crystal.pdbx_mosaicity        0.100 
_exptl_crystal.pdbx_mosaicity_esd    ? 
_exptl_crystal.density_Matthews      2.50 
_exptl_crystal.density_diffrn        ? 
_exptl_crystal.density_meas          ? 
_exptl_crystal.density_meas_temp     ? 
_exptl_crystal.density_percent_sol   50.82 
_exptl_crystal.size_max              ? 
_exptl_crystal.size_mid              ? 
_exptl_crystal.size_min              ? 
_exptl_crystal.size_rad              ? 
_exptl_crystal.description           ? 
# 
_exptl_crystal_grow.crystal_id      1 
_exptl_crystal_grow.method          'VAPOR DIFFUSION, SITTING DROP' 
_exptl_crystal_grow.pH              4.5 
_exptl_crystal_grow.temp            277 
_exptl_crystal_grow.pdbx_details    '0.1 M acetate, pH 4.5, 5-25% PEG3350' 
_exptl_crystal_grow.temp_details    ? 
_exptl_crystal_grow.pdbx_pH_range   ? 
# 
_diffrn.id                     1 
_diffrn.ambient_temp           ? 
_diffrn.crystal_id             1 
_diffrn.ambient_temp_details   ? 
# 
_diffrn_detector.detector               PIXEL 
_diffrn_detector.type                   'DECTRIS PILATUS 2M' 
_diffrn_detector.pdbx_collection_date   2017-07-27 
_diffrn_detector.diffrn_id              1 
_diffrn_detector.details                ? 
# 
_diffrn_radiation.diffrn_id                        1 
_diffrn_radiation.wavelength_id                    1 
_diffrn_radiation.pdbx_diffrn_protocol             'SINGLE WAVELENGTH' 
_diffrn_radiation.pdbx_monochromatic_or_laue_m_l   ? 
_diffrn_radiation.monochromator                    ? 
_diffrn_radiation.pdbx_scattering_type             x-ray 
# 
_diffrn_radiation_wavelength.id           1 
_diffrn_radiation_wavelength.wavelength   0.91587 
_diffrn_radiation_wavelength.wt           1.0 
# 
_diffrn_source.diffrn_id                   1 
_diffrn_source.source                      SYNCHROTRON 
_diffrn_source.type                        'DIAMOND BEAMLINE I04-1' 
_diffrn_source.pdbx_wavelength_list        0.91587 
_diffrn_source.pdbx_synchrotron_site       Diamond 
_diffrn_source.pdbx_synchrotron_beamline   I04-1 
_diffrn_source.pdbx_wavelength             ? 
# 
_reflns.entry_id                     5QP6 
_reflns.pdbx_diffrn_id               1 
_reflns.pdbx_ordinal                 1 
_reflns.observed_criterion_sigma_I   ? 
_reflns.observed_criterion_sigma_F   ? 
_reflns.d_resolution_low             28.820 
_reflns.d_resolution_high            1.650 
_reflns.number_obs                   23731 
_reflns.number_all                   ? 
_reflns.percent_possible_obs         99.800 
_reflns.pdbx_Rmerge_I_obs            0.034 
_reflns.pdbx_Rsym_value              ? 
_reflns.pdbx_netI_over_sigmaI        23.600 
_reflns.B_iso_Wilson_estimate        ? 
_reflns.pdbx_redundancy              6.300 
_reflns.pdbx_Rrim_I_all              0.037 
_reflns.pdbx_Rpim_I_all              0.015 
_reflns.pdbx_CC_half                 1.000 
_reflns.pdbx_netI_over_av_sigmaI     ? 
_reflns.pdbx_number_measured_all     149378 
_reflns.pdbx_scaling_rejects         0 
_reflns.pdbx_chi_squared             ? 
_reflns.Rmerge_F_all                 ? 
_reflns.Rmerge_F_obs                 ? 
_reflns.observed_criterion_F_max     ? 
_reflns.observed_criterion_F_min     ? 
_reflns.observed_criterion_I_max     ? 
_reflns.observed_criterion_I_min     ? 
_reflns.pdbx_d_res_high_opt          ? 
_reflns.pdbx_d_res_low_opt           ? 
_reflns.details                      ? 
# 
loop_
_reflns_shell.pdbx_diffrn_id 
_reflns_shell.pdbx_ordinal 
_reflns_shell.d_res_high 
_reflns_shell.d_res_low 
_reflns_shell.number_measured_obs 
_reflns_shell.number_measured_all 
_reflns_shell.number_unique_obs 
_reflns_shell.pdbx_rejects 
_reflns_shell.Rmerge_I_obs 
_reflns_shell.meanI_over_sigI_obs 
_reflns_shell.pdbx_Rsym_value 
_reflns_shell.pdbx_chi_squared 
_reflns_shell.pdbx_redundancy 
_reflns_shell.percent_possible_obs 
_reflns_shell.pdbx_netI_over_sigmaI_obs 
_reflns_shell.number_possible 
_reflns_shell.number_unique_all 
_reflns_shell.Rmerge_F_all 
_reflns_shell.Rmerge_F_obs 
_reflns_shell.Rmerge_I_all 
_reflns_shell.meanI_over_sigI_all 
_reflns_shell.percent_possible_all 
_reflns_shell.pdbx_Rrim_I_all 
_reflns_shell.pdbx_Rpim_I_all 
_reflns_shell.pdbx_CC_half 
1 1 1.650 1.690  ? 8898 ? ? 0.781 ? ? ? 5.200 ? 1.900  ? 1698 ? ? ? ? 98.900 0.869 0.376 0.830 
1 2 7.370 28.820 ? 1733 ? ? 0.021 ? ? ? 5.400 ? 72.200 ? 318  ? ? ? ? 98.400 0.023 0.010 0.999 
# 
_refine.entry_id                                 5QP6 
_refine.pdbx_refine_id                           'X-RAY DIFFRACTION' 
_refine.ls_d_res_high                            1.6500 
_refine.ls_d_res_low                             44.4600 
_refine.pdbx_ls_sigma_F                          0.000 
_refine.pdbx_data_cutoff_high_absF               ? 
_refine.pdbx_data_cutoff_low_absF                ? 
_refine.ls_percent_reflns_obs                    99.7300 
_refine.ls_number_reflns_obs                     22523 
_refine.ls_number_reflns_all                     ? 
_refine.pdbx_ls_cross_valid_method               THROUGHOUT 
_refine.ls_matrix_type                           ? 
_refine.pdbx_R_Free_selection_details            RANDOM 
_refine.details                                  
'HYDROGENS HAVE BEEN ADDED IN THE RIDING POSITIONS U VALUES : REFINED INDIVIDUALLY' 
_refine.ls_R_factor_all                          ? 
_refine.ls_R_factor_obs                          0.2040 
_refine.ls_R_factor_R_work                       0.2014 
_refine.ls_wR_factor_R_work                      ? 
_refine.ls_R_factor_R_free                       0.2570 
_refine.ls_wR_factor_R_free                      ? 
_refine.ls_percent_reflns_R_free                 4.9000 
_refine.ls_number_reflns_R_free                  1155 
_refine.ls_number_reflns_R_work                  ? 
_refine.ls_R_factor_R_free_error                 ? 
_refine.B_iso_mean                               36.8850 
_refine.solvent_model_param_bsol                 ? 
_refine.solvent_model_param_ksol                 ? 
_refine.pdbx_isotropic_thermal_model             ? 
_refine.aniso_B[1][1]                            1.9200 
_refine.aniso_B[2][2]                            -2.3300 
_refine.aniso_B[3][3]                            0.4100 
_refine.aniso_B[1][2]                            0.0000 
_refine.aniso_B[1][3]                            -0.0000 
_refine.aniso_B[2][3]                            0.0000 
_refine.correlation_coeff_Fo_to_Fc               0.9610 
_refine.correlation_coeff_Fo_to_Fc_free          0.9220 
_refine.overall_SU_R_Cruickshank_DPI             ? 
_refine.pdbx_overall_SU_R_free_Cruickshank_DPI   ? 
_refine.pdbx_overall_SU_R_Blow_DPI               ? 
_refine.pdbx_overall_SU_R_free_Blow_DPI          ? 
_refine.overall_SU_R_free                        ? 
_refine.pdbx_overall_ESU_R                       0.1070 
_refine.pdbx_overall_ESU_R_Free                  0.1150 
_refine.overall_SU_ML                            0.0850 
_refine.overall_SU_B                             2.5620 
_refine.solvent_model_details                    MASK 
_refine.pdbx_solvent_vdw_probe_radii             1.2000 
_refine.pdbx_solvent_ion_probe_radii             0.8000 
_refine.pdbx_solvent_shrinkage_radii             0.8000 
_refine.ls_number_parameters                     ? 
_refine.ls_number_restraints                     ? 
_refine.pdbx_starting_model                      'PDB entry 5MP0' 
_refine.pdbx_method_to_determine_struct          'FOURIER SYNTHESIS' 
_refine.pdbx_stereochemistry_target_values       'MAXIMUM LIKELIHOOD' 
_refine.pdbx_stereochem_target_val_spec_case     ? 
_refine.overall_FOM_work_R_set                   ? 
_refine.B_iso_max                                95.170 
_refine.B_iso_min                                20.220 
_refine.pdbx_overall_phase_error                 ? 
_refine.occupancy_max                            ? 
_refine.occupancy_min                            ? 
_refine.pdbx_diffrn_id                           1 
_refine.pdbx_TLS_residual_ADP_flag               ? 
_refine.pdbx_ls_sigma_I                          ? 
_refine.pdbx_data_cutoff_high_rms_absF           ? 
_refine.ls_R_factor_R_free_error_details         ? 
# 
_refine_hist.cycle_id                         final 
_refine_hist.pdbx_refine_id                   'X-RAY DIFFRACTION' 
_refine_hist.d_res_high                       1.6500 
_refine_hist.d_res_low                        44.4600 
_refine_hist.pdbx_number_atoms_ligand         38 
_refine_hist.number_atoms_solvent             87 
_refine_hist.number_atoms_total               1320 
_refine_hist.pdbx_number_residues_total       149 
_refine_hist.pdbx_B_iso_mean_ligand           57.89 
_refine_hist.pdbx_B_iso_mean_solvent          43.39 
_refine_hist.pdbx_number_atoms_protein        1195 
_refine_hist.pdbx_number_atoms_nucleic_acid   0 
# 
loop_
_refine_ls_restr.pdbx_refine_id 
_refine_ls_restr.type 
_refine_ls_restr.number 
_refine_ls_restr.dev_ideal 
_refine_ls_restr.dev_ideal_target 
_refine_ls_restr.weight 
_refine_ls_restr.pdbx_restraint_function 
'X-RAY DIFFRACTION' r_bond_refined_d       1751 0.020  0.019  ? ? 
'X-RAY DIFFRACTION' r_bond_other_d         1463 0.003  0.020  ? ? 
'X-RAY DIFFRACTION' r_angle_refined_deg    2118 2.045  1.965  ? ? 
'X-RAY DIFFRACTION' r_angle_other_deg      3382 1.151  2.976  ? ? 
'X-RAY DIFFRACTION' r_dihedral_angle_1_deg 193  6.726  5.000  ? ? 
'X-RAY DIFFRACTION' r_dihedral_angle_2_deg 75   29.959 21.467 ? ? 
'X-RAY DIFFRACTION' r_dihedral_angle_3_deg 268  15.565 15.000 ? ? 
'X-RAY DIFFRACTION' r_dihedral_angle_4_deg 19   25.231 15.000 ? ? 
'X-RAY DIFFRACTION' r_chiral_restr         208  0.128  0.200  ? ? 
'X-RAY DIFFRACTION' r_gen_planes_refined   1811 0.011  0.021  ? ? 
'X-RAY DIFFRACTION' r_gen_planes_other     372  0.003  0.020  ? ? 
'X-RAY DIFFRACTION' r_mcbond_it            796  3.398  3.439  ? ? 
'X-RAY DIFFRACTION' r_mcbond_other         788  3.395  3.409  ? ? 
'X-RAY DIFFRACTION' r_mcangle_it           931  4.908  5.064  ? ? 
# 
_refine_ls_shell.d_res_high                       1.6480 
_refine_ls_shell.d_res_low                        1.6910 
_refine_ls_shell.pdbx_total_number_of_bins_used   20 
_refine_ls_shell.percent_reflns_obs               98.6000 
_refine_ls_shell.number_reflns_R_work             1605 
_refine_ls_shell.R_factor_all                     ? 
_refine_ls_shell.R_factor_R_work                  0.3120 
_refine_ls_shell.R_factor_R_free                  0.3200 
_refine_ls_shell.percent_reflns_R_free            ? 
_refine_ls_shell.number_reflns_R_free             87 
_refine_ls_shell.R_factor_R_free_error            ? 
_refine_ls_shell.number_reflns_all                1692 
_refine_ls_shell.number_reflns_obs                ? 
_refine_ls_shell.pdbx_refine_id                   'X-RAY DIFFRACTION' 
# 
_struct.entry_id                  5QP6 
_struct.title                     
'PanDDA analysis group deposition -- Crystal Structure of DCP2 (NUDT20) in complex with Z1662802141' 
_struct.pdbx_model_details        ? 
_struct.pdbx_CASP_flag            ? 
_struct.pdbx_model_type_details   ? 
# 
_struct_keywords.entry_id        5QP6 
_struct_keywords.text            'SGC - Diamond I04-1 fragment screening, PanDDA, XChemExplorer, HYDROLASE' 
_struct_keywords.pdbx_keywords   HYDROLASE 
# 
loop_
_struct_asym.id 
_struct_asym.pdbx_blank_PDB_chainid_flag 
_struct_asym.pdbx_modified 
_struct_asym.entity_id 
_struct_asym.details 
A N N 1 ? 
B N N 2 ? 
C N N 2 ? 
D N N 3 ? 
E N N 4 ? 
F N N 4 ? 
G N N 5 ? 
H N N 6 ? 
# 
_struct_ref.id                         1 
_struct_ref.db_name                    UNP 
_struct_ref.db_code                    DCP2_HUMAN 
_struct_ref.pdbx_db_accession          Q8IU60 
_struct_ref.pdbx_db_isoform            ? 
_struct_ref.entity_id                  1 
_struct_ref.pdbx_seq_one_letter_code   
;MGVPTYGAIILDETLENVLLVQGYLAKSGWGFPKGKVNKEEAPHDCAAREVFEETGFDIKDYICKDDYIELRINDQLARL
YIIPGIPKDTKFNPKTRREIRNIEWFSIEKLPCHRNDMTPKSKLGLAPNKFFMAIPFIRPLRDWLSRRFGDSSDSDNGFS
STGSTP
;
_struct_ref.pdbx_align_begin           95 
# 
_struct_ref_seq.align_id                      1 
_struct_ref_seq.ref_id                        1 
_struct_ref_seq.pdbx_PDB_id_code              5QP6 
_struct_ref_seq.pdbx_strand_id                A 
_struct_ref_seq.seq_align_beg                 2 
_struct_ref_seq.pdbx_seq_align_beg_ins_code   ? 
_struct_ref_seq.seq_align_end                 167 
_struct_ref_seq.pdbx_seq_align_end_ins_code   ? 
_struct_ref_seq.pdbx_db_accession             Q8IU60 
_struct_ref_seq.db_align_beg                  95 
_struct_ref_seq.pdbx_db_align_beg_ins_code    ? 
_struct_ref_seq.db_align_end                  260 
_struct_ref_seq.pdbx_db_align_end_ins_code    ? 
_struct_ref_seq.pdbx_auth_seq_align_beg       95 
_struct_ref_seq.pdbx_auth_seq_align_end       260 
# 
_struct_ref_seq_dif.align_id                     1 
_struct_ref_seq_dif.pdbx_pdb_id_code             5QP6 
_struct_ref_seq_dif.mon_id                       SER 
_struct_ref_seq_dif.pdbx_pdb_strand_id           A 
_struct_ref_seq_dif.seq_num                      1 
_struct_ref_seq_dif.pdbx_pdb_ins_code            ? 
_struct_ref_seq_dif.pdbx_seq_db_name             UNP 
_struct_ref_seq_dif.pdbx_seq_db_accession_code   Q8IU60 
_struct_ref_seq_dif.db_mon_id                    ? 
_struct_ref_seq_dif.pdbx_seq_db_seq_num          ? 
_struct_ref_seq_dif.details                      'expression tag' 
_struct_ref_seq_dif.pdbx_auth_seq_num            94 
_struct_ref_seq_dif.pdbx_ordinal                 1 
# 
_pdbx_struct_assembly.id                   1 
_pdbx_struct_assembly.details              author_and_software_defined_assembly 
_pdbx_struct_assembly.method_details       PISA 
_pdbx_struct_assembly.oligomeric_details   monomeric 
_pdbx_struct_assembly.oligomeric_count     1 
# 
loop_
_pdbx_struct_assembly_prop.biol_id 
_pdbx_struct_assembly_prop.type 
_pdbx_struct_assembly_prop.value 
_pdbx_struct_assembly_prop.details 
1 'ABSA (A^2)' 850  ? 
1 MORE         4    ? 
1 'SSA (A^2)'  8690 ? 
# 
_pdbx_struct_assembly_gen.assembly_id       1 
_pdbx_struct_assembly_gen.oper_expression   1 
_pdbx_struct_assembly_gen.asym_id_list      A,B,C,D,E,F,G,H 
# 
_pdbx_struct_oper_list.id                   1 
_pdbx_struct_oper_list.type                 'identity operation' 
_pdbx_struct_oper_list.name                 1_555 
_pdbx_struct_oper_list.symmetry_operation   x,y,z 
_pdbx_struct_oper_list.matrix[1][1]         1.0000000000 
_pdbx_struct_oper_list.matrix[1][2]         0.0000000000 
_pdbx_struct_oper_list.matrix[1][3]         0.0000000000 
_pdbx_struct_oper_list.vector[1]            0.0000000000 
_pdbx_struct_oper_list.matrix[2][1]         0.0000000000 
_pdbx_struct_oper_list.matrix[2][2]         1.0000000000 
_pdbx_struct_oper_list.matrix[2][3]         0.0000000000 
_pdbx_struct_oper_list.vector[2]            0.0000000000 
_pdbx_struct_oper_list.matrix[3][1]         0.0000000000 
_pdbx_struct_oper_list.matrix[3][2]         0.0000000000 
_pdbx_struct_oper_list.matrix[3][3]         1.0000000000 
_pdbx_struct_oper_list.vector[3]            0.0000000000 
# 
loop_
_struct_conf.conf_type_id 
_struct_conf.id 
_struct_conf.pdbx_PDB_helix_id 
_struct_conf.beg_label_comp_id 
_struct_conf.beg_label_asym_id 
_struct_conf.beg_label_seq_id 
_struct_conf.pdbx_beg_PDB_ins_code 
_struct_conf.end_label_comp_id 
_struct_conf.end_label_asym_id 
_struct_conf.end_label_seq_id 
_struct_conf.pdbx_end_PDB_ins_code 
_struct_conf.beg_auth_comp_id 
_struct_conf.beg_auth_asym_id 
_struct_conf.beg_auth_seq_id 
_struct_conf.end_auth_comp_id 
_struct_conf.end_auth_asym_id 
_struct_conf.end_auth_seq_id 
_struct_conf.pdbx_PDB_helix_class 
_struct_conf.details 
_struct_conf.pdbx_PDB_helix_length 
HELX_P HELX_P1 AA1 TYR A 25  ? SER A 29  ? TYR A 118 SER A 122 5 ? 5  
HELX_P HELX_P2 AA2 ALA A 43  ? GLY A 57  ? ALA A 136 GLY A 150 1 ? 15 
HELX_P HELX_P3 AA3 GLU A 110 ? LEU A 112 ? GLU A 203 LEU A 205 5 ? 3  
HELX_P HELX_P4 AA4 MET A 119 ? SER A 123 ? MET A 212 SER A 216 5 ? 5  
HELX_P HELX_P5 AA5 ALA A 135 ? PHE A 150 ? ALA A 228 PHE A 243 1 ? 16 
# 
_struct_conf_type.id          HELX_P 
_struct_conf_type.criteria    ? 
_struct_conf_type.reference   ? 
# 
loop_
_struct_sheet.id 
_struct_sheet.type 
_struct_sheet.number_strands 
_struct_sheet.details 
AA1 ? 4 ? 
AA2 ? 3 ? 
# 
loop_
_struct_sheet_order.sheet_id 
_struct_sheet_order.range_id_1 
_struct_sheet_order.range_id_2 
_struct_sheet_order.offset 
_struct_sheet_order.sense 
AA1 1 2 ? anti-parallel 
AA1 2 3 ? parallel      
AA1 3 4 ? anti-parallel 
AA2 1 2 ? anti-parallel 
AA2 2 3 ? anti-parallel 
# 
loop_
_struct_sheet_range.sheet_id 
_struct_sheet_range.id 
_struct_sheet_range.beg_label_comp_id 
_struct_sheet_range.beg_label_asym_id 
_struct_sheet_range.beg_label_seq_id 
_struct_sheet_range.pdbx_beg_PDB_ins_code 
_struct_sheet_range.end_label_comp_id 
_struct_sheet_range.end_label_asym_id 
_struct_sheet_range.end_label_seq_id 
_struct_sheet_range.pdbx_end_PDB_ins_code 
_struct_sheet_range.beg_auth_comp_id 
_struct_sheet_range.beg_auth_asym_id 
_struct_sheet_range.beg_auth_seq_id 
_struct_sheet_range.end_auth_comp_id 
_struct_sheet_range.end_auth_asym_id 
_struct_sheet_range.end_auth_seq_id 
AA1 1 LYS A 35  ? LYS A 37  ? LYS A 128 LYS A 130 
AA1 2 THR A 6   ? ILE A 11  ? THR A 99  ILE A 104 
AA1 3 GLN A 77  ? ILE A 84  ? GLN A 170 ILE A 177 
AA1 4 TYR A 69  ? ILE A 74  ? TYR A 162 ILE A 167 
AA2 1 TRP A 31  ? GLY A 32  ? TRP A 124 GLY A 125 
AA2 2 ASN A 18  ? GLN A 23  ? ASN A 111 GLN A 116 
AA2 3 ASN A 103 ? SER A 108 ? ASN A 196 SER A 201 
# 
loop_
_pdbx_struct_sheet_hbond.sheet_id 
_pdbx_struct_sheet_hbond.range_id_1 
_pdbx_struct_sheet_hbond.range_id_2 
_pdbx_struct_sheet_hbond.range_1_label_atom_id 
_pdbx_struct_sheet_hbond.range_1_label_comp_id 
_pdbx_struct_sheet_hbond.range_1_label_asym_id 
_pdbx_struct_sheet_hbond.range_1_label_seq_id 
_pdbx_struct_sheet_hbond.range_1_PDB_ins_code 
_pdbx_struct_sheet_hbond.range_1_auth_atom_id 
_pdbx_struct_sheet_hbond.range_1_auth_comp_id 
_pdbx_struct_sheet_hbond.range_1_auth_asym_id 
_pdbx_struct_sheet_hbond.range_1_auth_seq_id 
_pdbx_struct_sheet_hbond.range_2_label_atom_id 
_pdbx_struct_sheet_hbond.range_2_label_comp_id 
_pdbx_struct_sheet_hbond.range_2_label_asym_id 
_pdbx_struct_sheet_hbond.range_2_label_seq_id 
_pdbx_struct_sheet_hbond.range_2_PDB_ins_code 
_pdbx_struct_sheet_hbond.range_2_auth_atom_id 
_pdbx_struct_sheet_hbond.range_2_auth_comp_id 
_pdbx_struct_sheet_hbond.range_2_auth_asym_id 
_pdbx_struct_sheet_hbond.range_2_auth_seq_id 
AA1 1 2 O GLY A 36 ? O GLY A 129 N TYR A 7   ? N TYR A 100 
AA1 2 3 N ILE A 10 ? N ILE A 103 O ILE A 84  ? O ILE A 177 
AA1 3 4 O LEU A 81 ? O LEU A 174 N ILE A 70  ? N ILE A 163 
AA2 1 2 O GLY A 32 ? O GLY A 125 N VAL A 22  ? N VAL A 115 
AA2 2 3 N LEU A 21 ? N LEU A 114 O GLU A 105 ? O GLU A 198 
# 
loop_
_struct_site.id 
_struct_site.pdbx_evidence_code 
_struct_site.pdbx_auth_asym_id 
_struct_site.pdbx_auth_comp_id 
_struct_site.pdbx_auth_seq_id 
_struct_site.pdbx_auth_ins_code 
_struct_site.pdbx_num_residues 
_struct_site.details 
AC1 Software A EDO 301 ? 4 'binding site for residue EDO A 301' 
AC2 Software A EDO 302 ? 6 'binding site for residue EDO A 302' 
AC3 Software A DMS 303 ? 2 'binding site for residue DMS A 303' 
AC4 Software A ACT 304 ? 3 'binding site for residue ACT A 304' 
AC5 Software A ACT 305 ? 5 'binding site for residue ACT A 305' 
AC6 Software A LJM 306 ? 8 'binding site for residue LJM A 306' 
# 
loop_
_struct_site_gen.id 
_struct_site_gen.site_id 
_struct_site_gen.pdbx_num_res 
_struct_site_gen.label_comp_id 
_struct_site_gen.label_asym_id 
_struct_site_gen.label_seq_id 
_struct_site_gen.pdbx_auth_ins_code 
_struct_site_gen.auth_comp_id 
_struct_site_gen.auth_asym_id 
_struct_site_gen.auth_seq_id 
_struct_site_gen.label_atom_id 
_struct_site_gen.label_alt_id 
_struct_site_gen.symmetry 
_struct_site_gen.details 
1  AC1 4 PHE A 53  ? PHE A 146 . ? 1_555 ? 
2  AC1 4 ASP A 59  ? ASP A 152 . ? 1_555 ? 
3  AC1 4 LYS A 61  ? LYS A 154 . ? 1_555 ? 
4  AC1 4 HOH H .   ? HOH A 414 . ? 1_555 ? 
5  AC2 6 PRO A 129 ? PRO A 222 . ? 1_555 ? 
6  AC2 6 ASN A 130 ? ASN A 223 . ? 1_555 ? 
7  AC2 6 LYS A 131 ? LYS A 224 . ? 1_555 ? 
8  AC2 6 ACT F .   ? ACT A 305 . ? 1_555 ? 
9  AC2 6 HOH H .   ? HOH A 401 . ? 1_555 ? 
10 AC2 6 HOH H .   ? HOH A 436 . ? 3_357 ? 
11 AC3 2 ASN A 18  ? ASN A 111 . ? 1_555 ? 
12 AC3 2 TRP A 106 ? TRP A 199 . ? 1_555 ? 
13 AC4 3 SER A 29  ? SER A 122 . ? 1_555 ? 
14 AC4 3 TYR A 63  ? TYR A 156 . ? 3_357 ? 
15 AC4 3 HOH H .   ? HOH A 406 . ? 1_555 ? 
16 AC5 5 ARG A 116 ? ARG A 209 . ? 1_555 ? 
17 AC5 5 PRO A 129 ? PRO A 222 . ? 1_555 ? 
18 AC5 5 ASN A 130 ? ASN A 223 . ? 1_555 ? 
19 AC5 5 PHE A 133 ? PHE A 226 . ? 1_555 ? 
20 AC5 5 EDO C .   ? EDO A 302 . ? 1_555 ? 
21 AC6 8 GLY A 24  ? GLY A 117 . ? 1_555 ? 
22 AC6 8 ALA A 27  ? ALA A 120 . ? 1_555 ? 
23 AC6 8 LYS A 28  ? LYS A 121 . ? 1_555 ? 
24 AC6 8 GLY A 30  ? GLY A 123 . ? 1_555 ? 
25 AC6 8 GLY A 32  ? GLY A 125 . ? 1_555 ? 
26 AC6 8 GLU A 55  ? GLU A 148 . ? 1_555 ? 
27 AC6 8 ILE A 101 ? ILE A 194 . ? 1_555 ? 
28 AC6 8 MET A 134 ? MET A 227 . ? 1_555 ? 
# 
loop_
_pdbx_validate_rmsd_bond.id 
_pdbx_validate_rmsd_bond.PDB_model_num 
_pdbx_validate_rmsd_bond.auth_atom_id_1 
_pdbx_validate_rmsd_bond.auth_asym_id_1 
_pdbx_validate_rmsd_bond.auth_comp_id_1 
_pdbx_validate_rmsd_bond.auth_seq_id_1 
_pdbx_validate_rmsd_bond.PDB_ins_code_1 
_pdbx_validate_rmsd_bond.label_alt_id_1 
_pdbx_validate_rmsd_bond.auth_atom_id_2 
_pdbx_validate_rmsd_bond.auth_asym_id_2 
_pdbx_validate_rmsd_bond.auth_comp_id_2 
_pdbx_validate_rmsd_bond.auth_seq_id_2 
_pdbx_validate_rmsd_bond.PDB_ins_code_2 
_pdbx_validate_rmsd_bond.label_alt_id_2 
_pdbx_validate_rmsd_bond.bond_value 
_pdbx_validate_rmsd_bond.bond_target_value 
_pdbx_validate_rmsd_bond.bond_deviation 
_pdbx_validate_rmsd_bond.bond_standard_deviation 
_pdbx_validate_rmsd_bond.linker_flag 
1 1 CE1 A TYR 118 ? ? CZ A TYR 118 ? ? 1.298 1.381 -0.083 0.013 N 
2 1 CB  A TYR 156 ? ? CG A TYR 156 ? ? 1.421 1.512 -0.091 0.015 N 
# 
loop_
_pdbx_validate_rmsd_angle.id 
_pdbx_validate_rmsd_angle.PDB_model_num 
_pdbx_validate_rmsd_angle.auth_atom_id_1 
_pdbx_validate_rmsd_angle.auth_asym_id_1 
_pdbx_validate_rmsd_angle.auth_comp_id_1 
_pdbx_validate_rmsd_angle.auth_seq_id_1 
_pdbx_validate_rmsd_angle.PDB_ins_code_1 
_pdbx_validate_rmsd_angle.label_alt_id_1 
_pdbx_validate_rmsd_angle.auth_atom_id_2 
_pdbx_validate_rmsd_angle.auth_asym_id_2 
_pdbx_validate_rmsd_angle.auth_comp_id_2 
_pdbx_validate_rmsd_angle.auth_seq_id_2 
_pdbx_validate_rmsd_angle.PDB_ins_code_2 
_pdbx_validate_rmsd_angle.label_alt_id_2 
_pdbx_validate_rmsd_angle.auth_atom_id_3 
_pdbx_validate_rmsd_angle.auth_asym_id_3 
_pdbx_validate_rmsd_angle.auth_comp_id_3 
_pdbx_validate_rmsd_angle.auth_seq_id_3 
_pdbx_validate_rmsd_angle.PDB_ins_code_3 
_pdbx_validate_rmsd_angle.label_alt_id_3 
_pdbx_validate_rmsd_angle.angle_value 
_pdbx_validate_rmsd_angle.angle_target_value 
_pdbx_validate_rmsd_angle.angle_deviation 
_pdbx_validate_rmsd_angle.angle_standard_deviation 
_pdbx_validate_rmsd_angle.linker_flag 
1 1 CB A ASP 106 ? ? CG A ASP 106 ? ? OD2 A ASP 106 ? ? 112.57 118.30 -5.73  0.90 N 
2 1 CB A ASP 152 ? ? CG A ASP 152 ? ? OD1 A ASP 152 ? ? 125.60 118.30 7.30   0.90 N 
3 1 CB A ASP 169 ? ? CG A ASP 169 ? ? OD1 A ASP 169 ? ? 125.31 118.30 7.01   0.90 N 
4 1 CB A ASP 169 ? ? CG A ASP 169 ? ? OD2 A ASP 169 ? ? 107.64 118.30 -10.66 0.90 N 
5 1 NE A ARG 209 ? A CZ A ARG 209 ? A NH1 A ARG 209 ? A 123.73 120.30 3.43   0.50 N 
# 
loop_
_pdbx_validate_torsion.id 
_pdbx_validate_torsion.PDB_model_num 
_pdbx_validate_torsion.auth_comp_id 
_pdbx_validate_torsion.auth_asym_id 
_pdbx_validate_torsion.auth_seq_id 
_pdbx_validate_torsion.PDB_ins_code 
_pdbx_validate_torsion.label_alt_id 
_pdbx_validate_torsion.phi 
_pdbx_validate_torsion.psi 
1 1 LEU A 119 ? ? 60.28  -115.29 
2 1 LYS A 133 ? ? -35.73 124.89  
# 
_phasing.method   MR 
# 
loop_
_pdbx_unobs_or_zero_occ_residues.id 
_pdbx_unobs_or_zero_occ_residues.PDB_model_num 
_pdbx_unobs_or_zero_occ_residues.polymer_flag 
_pdbx_unobs_or_zero_occ_residues.occupancy_flag 
_pdbx_unobs_or_zero_occ_residues.auth_asym_id 
_pdbx_unobs_or_zero_occ_residues.auth_comp_id 
_pdbx_unobs_or_zero_occ_residues.auth_seq_id 
_pdbx_unobs_or_zero_occ_residues.PDB_ins_code 
_pdbx_unobs_or_zero_occ_residues.label_asym_id 
_pdbx_unobs_or_zero_occ_residues.label_comp_id 
_pdbx_unobs_or_zero_occ_residues.label_seq_id 
1  1 Y 1 A SER 94  ? A SER 1   
2  1 Y 1 A MET 95  ? A MET 2   
3  1 Y 1 A ASP 245 ? A ASP 152 
4  1 Y 1 A SER 246 ? A SER 153 
5  1 Y 1 A SER 247 ? A SER 154 
6  1 Y 1 A ASP 248 ? A ASP 155 
7  1 Y 1 A SER 249 ? A SER 156 
8  1 Y 1 A ASP 250 ? A ASP 157 
9  1 Y 1 A ASN 251 ? A ASN 158 
10 1 Y 1 A GLY 252 ? A GLY 159 
11 1 Y 1 A PHE 253 ? A PHE 160 
12 1 Y 1 A SER 254 ? A SER 161 
13 1 Y 1 A SER 255 ? A SER 162 
14 1 Y 1 A THR 256 ? A THR 163 
15 1 Y 1 A GLY 257 ? A GLY 164 
16 1 Y 1 A SER 258 ? A SER 165 
17 1 Y 1 A THR 259 ? A THR 166 
18 1 Y 1 A PRO 260 ? A PRO 167 
# 
loop_
_chem_comp_atom.comp_id 
_chem_comp_atom.atom_id 
_chem_comp_atom.type_symbol 
_chem_comp_atom.pdbx_aromatic_flag 
_chem_comp_atom.pdbx_stereo_config 
_chem_comp_atom.pdbx_ordinal 
ACT C    C N N 1   
ACT O    O N N 2   
ACT OXT  O N N 3   
ACT CH3  C N N 4   
ACT H1   H N N 5   
ACT H2   H N N 6   
ACT H3   H N N 7   
ALA N    N N N 8   
ALA CA   C N S 9   
ALA C    C N N 10  
ALA O    O N N 11  
ALA CB   C N N 12  
ALA OXT  O N N 13  
ALA H    H N N 14  
ALA H2   H N N 15  
ALA HA   H N N 16  
ALA HB1  H N N 17  
ALA HB2  H N N 18  
ALA HB3  H N N 19  
ALA HXT  H N N 20  
ARG N    N N N 21  
ARG CA   C N S 22  
ARG C    C N N 23  
ARG O    O N N 24  
ARG CB   C N N 25  
ARG CG   C N N 26  
ARG CD   C N N 27  
ARG NE   N N N 28  
ARG CZ   C N N 29  
ARG NH1  N N N 30  
ARG NH2  N N N 31  
ARG OXT  O N N 32  
ARG H    H N N 33  
ARG H2   H N N 34  
ARG HA   H N N 35  
ARG HB2  H N N 36  
ARG HB3  H N N 37  
ARG HG2  H N N 38  
ARG HG3  H N N 39  
ARG HD2  H N N 40  
ARG HD3  H N N 41  
ARG HE   H N N 42  
ARG HH11 H N N 43  
ARG HH12 H N N 44  
ARG HH21 H N N 45  
ARG HH22 H N N 46  
ARG HXT  H N N 47  
ASN N    N N N 48  
ASN CA   C N S 49  
ASN C    C N N 50  
ASN O    O N N 51  
ASN CB   C N N 52  
ASN CG   C N N 53  
ASN OD1  O N N 54  
ASN ND2  N N N 55  
ASN OXT  O N N 56  
ASN H    H N N 57  
ASN H2   H N N 58  
ASN HA   H N N 59  
ASN HB2  H N N 60  
ASN HB3  H N N 61  
ASN HD21 H N N 62  
ASN HD22 H N N 63  
ASN HXT  H N N 64  
ASP N    N N N 65  
ASP CA   C N S 66  
ASP C    C N N 67  
ASP O    O N N 68  
ASP CB   C N N 69  
ASP CG   C N N 70  
ASP OD1  O N N 71  
ASP OD2  O N N 72  
ASP OXT  O N N 73  
ASP H    H N N 74  
ASP H2   H N N 75  
ASP HA   H N N 76  
ASP HB2  H N N 77  
ASP HB3  H N N 78  
ASP HD2  H N N 79  
ASP HXT  H N N 80  
CYS N    N N N 81  
CYS CA   C N R 82  
CYS C    C N N 83  
CYS O    O N N 84  
CYS CB   C N N 85  
CYS SG   S N N 86  
CYS OXT  O N N 87  
CYS H    H N N 88  
CYS H2   H N N 89  
CYS HA   H N N 90  
CYS HB2  H N N 91  
CYS HB3  H N N 92  
CYS HG   H N N 93  
CYS HXT  H N N 94  
DMS S    S N N 95  
DMS O    O N N 96  
DMS C1   C N N 97  
DMS C2   C N N 98  
DMS H11  H N N 99  
DMS H12  H N N 100 
DMS H13  H N N 101 
DMS H21  H N N 102 
DMS H22  H N N 103 
DMS H23  H N N 104 
EDO C1   C N N 105 
EDO O1   O N N 106 
EDO C2   C N N 107 
EDO O2   O N N 108 
EDO H11  H N N 109 
EDO H12  H N N 110 
EDO HO1  H N N 111 
EDO H21  H N N 112 
EDO H22  H N N 113 
EDO HO2  H N N 114 
GLN N    N N N 115 
GLN CA   C N S 116 
GLN C    C N N 117 
GLN O    O N N 118 
GLN CB   C N N 119 
GLN CG   C N N 120 
GLN CD   C N N 121 
GLN OE1  O N N 122 
GLN NE2  N N N 123 
GLN OXT  O N N 124 
GLN H    H N N 125 
GLN H2   H N N 126 
GLN HA   H N N 127 
GLN HB2  H N N 128 
GLN HB3  H N N 129 
GLN HG2  H N N 130 
GLN HG3  H N N 131 
GLN HE21 H N N 132 
GLN HE22 H N N 133 
GLN HXT  H N N 134 
GLU N    N N N 135 
GLU CA   C N S 136 
GLU C    C N N 137 
GLU O    O N N 138 
GLU CB   C N N 139 
GLU CG   C N N 140 
GLU CD   C N N 141 
GLU OE1  O N N 142 
GLU OE2  O N N 143 
GLU OXT  O N N 144 
GLU H    H N N 145 
GLU H2   H N N 146 
GLU HA   H N N 147 
GLU HB2  H N N 148 
GLU HB3  H N N 149 
GLU HG2  H N N 150 
GLU HG3  H N N 151 
GLU HE2  H N N 152 
GLU HXT  H N N 153 
GLY N    N N N 154 
GLY CA   C N N 155 
GLY C    C N N 156 
GLY O    O N N 157 
GLY OXT  O N N 158 
GLY H    H N N 159 
GLY H2   H N N 160 
GLY HA2  H N N 161 
GLY HA3  H N N 162 
GLY HXT  H N N 163 
HIS N    N N N 164 
HIS CA   C N S 165 
HIS C    C N N 166 
HIS O    O N N 167 
HIS CB   C N N 168 
HIS CG   C Y N 169 
HIS ND1  N Y N 170 
HIS CD2  C Y N 171 
HIS CE1  C Y N 172 
HIS NE2  N Y N 173 
HIS OXT  O N N 174 
HIS H    H N N 175 
HIS H2   H N N 176 
HIS HA   H N N 177 
HIS HB2  H N N 178 
HIS HB3  H N N 179 
HIS HD1  H N N 180 
HIS HD2  H N N 181 
HIS HE1  H N N 182 
HIS HE2  H N N 183 
HIS HXT  H N N 184 
HOH O    O N N 185 
HOH H1   H N N 186 
HOH H2   H N N 187 
ILE N    N N N 188 
ILE CA   C N S 189 
ILE C    C N N 190 
ILE O    O N N 191 
ILE CB   C N S 192 
ILE CG1  C N N 193 
ILE CG2  C N N 194 
ILE CD1  C N N 195 
ILE OXT  O N N 196 
ILE H    H N N 197 
ILE H2   H N N 198 
ILE HA   H N N 199 
ILE HB   H N N 200 
ILE HG12 H N N 201 
ILE HG13 H N N 202 
ILE HG21 H N N 203 
ILE HG22 H N N 204 
ILE HG23 H N N 205 
ILE HD11 H N N 206 
ILE HD12 H N N 207 
ILE HD13 H N N 208 
ILE HXT  H N N 209 
LEU N    N N N 210 
LEU CA   C N S 211 
LEU C    C N N 212 
LEU O    O N N 213 
LEU CB   C N N 214 
LEU CG   C N N 215 
LEU CD1  C N N 216 
LEU CD2  C N N 217 
LEU OXT  O N N 218 
LEU H    H N N 219 
LEU H2   H N N 220 
LEU HA   H N N 221 
LEU HB2  H N N 222 
LEU HB3  H N N 223 
LEU HG   H N N 224 
LEU HD11 H N N 225 
LEU HD12 H N N 226 
LEU HD13 H N N 227 
LEU HD21 H N N 228 
LEU HD22 H N N 229 
LEU HD23 H N N 230 
LEU HXT  H N N 231 
LJM N1   N Y N 232 
LJM C4   C Y N 233 
LJM C5   C Y N 234 
LJM C6   C N N 235 
LJM C7   C N N 236 
LJM C8   C Y N 237 
LJM C10  C Y N 238 
LJM C13  C Y N 239 
LJM C1   C N N 240 
LJM C11  C Y N 241 
LJM C12  C Y N 242 
LJM C2   C N N 243 
LJM C3   C Y N 244 
LJM C9   C Y N 245 
LJM F1   F N N 246 
LJM N2   N N N 247 
LJM O1   O N N 248 
LJM S1   S Y N 249 
LJM H1   H N N 250 
LJM H2   H N N 251 
LJM H3   H N N 252 
LJM H4   H N N 253 
LJM H5   H N N 254 
LJM H6   H N N 255 
LJM H7   H N N 256 
LJM H8   H N N 257 
LJM H9   H N N 258 
LJM H10  H N N 259 
LJM H11  H N N 260 
LJM H12  H N N 261 
LJM H13  H N N 262 
LYS N    N N N 263 
LYS CA   C N S 264 
LYS C    C N N 265 
LYS O    O N N 266 
LYS CB   C N N 267 
LYS CG   C N N 268 
LYS CD   C N N 269 
LYS CE   C N N 270 
LYS NZ   N N N 271 
LYS OXT  O N N 272 
LYS H    H N N 273 
LYS H2   H N N 274 
LYS HA   H N N 275 
LYS HB2  H N N 276 
LYS HB3  H N N 277 
LYS HG2  H N N 278 
LYS HG3  H N N 279 
LYS HD2  H N N 280 
LYS HD3  H N N 281 
LYS HE2  H N N 282 
LYS HE3  H N N 283 
LYS HZ1  H N N 284 
LYS HZ2  H N N 285 
LYS HZ3  H N N 286 
LYS HXT  H N N 287 
MET N    N N N 288 
MET CA   C N S 289 
MET C    C N N 290 
MET O    O N N 291 
MET CB   C N N 292 
MET CG   C N N 293 
MET SD   S N N 294 
MET CE   C N N 295 
MET OXT  O N N 296 
MET H    H N N 297 
MET H2   H N N 298 
MET HA   H N N 299 
MET HB2  H N N 300 
MET HB3  H N N 301 
MET HG2  H N N 302 
MET HG3  H N N 303 
MET HE1  H N N 304 
MET HE2  H N N 305 
MET HE3  H N N 306 
MET HXT  H N N 307 
PHE N    N N N 308 
PHE CA   C N S 309 
PHE C    C N N 310 
PHE O    O N N 311 
PHE CB   C N N 312 
PHE CG   C Y N 313 
PHE CD1  C Y N 314 
PHE CD2  C Y N 315 
PHE CE1  C Y N 316 
PHE CE2  C Y N 317 
PHE CZ   C Y N 318 
PHE OXT  O N N 319 
PHE H    H N N 320 
PHE H2   H N N 321 
PHE HA   H N N 322 
PHE HB2  H N N 323 
PHE HB3  H N N 324 
PHE HD1  H N N 325 
PHE HD2  H N N 326 
PHE HE1  H N N 327 
PHE HE2  H N N 328 
PHE HZ   H N N 329 
PHE HXT  H N N 330 
PRO N    N N N 331 
PRO CA   C N S 332 
PRO C    C N N 333 
PRO O    O N N 334 
PRO CB   C N N 335 
PRO CG   C N N 336 
PRO CD   C N N 337 
PRO OXT  O N N 338 
PRO H    H N N 339 
PRO HA   H N N 340 
PRO HB2  H N N 341 
PRO HB3  H N N 342 
PRO HG2  H N N 343 
PRO HG3  H N N 344 
PRO HD2  H N N 345 
PRO HD3  H N N 346 
PRO HXT  H N N 347 
SER N    N N N 348 
SER CA   C N S 349 
SER C    C N N 350 
SER O    O N N 351 
SER CB   C N N 352 
SER OG   O N N 353 
SER OXT  O N N 354 
SER H    H N N 355 
SER H2   H N N 356 
SER HA   H N N 357 
SER HB2  H N N 358 
SER HB3  H N N 359 
SER HG   H N N 360 
SER HXT  H N N 361 
THR N    N N N 362 
THR CA   C N S 363 
THR C    C N N 364 
THR O    O N N 365 
THR CB   C N R 366 
THR OG1  O N N 367 
THR CG2  C N N 368 
THR OXT  O N N 369 
THR H    H N N 370 
THR H2   H N N 371 
THR HA   H N N 372 
THR HB   H N N 373 
THR HG1  H N N 374 
THR HG21 H N N 375 
THR HG22 H N N 376 
THR HG23 H N N 377 
THR HXT  H N N 378 
TRP N    N N N 379 
TRP CA   C N S 380 
TRP C    C N N 381 
TRP O    O N N 382 
TRP CB   C N N 383 
TRP CG   C Y N 384 
TRP CD1  C Y N 385 
TRP CD2  C Y N 386 
TRP NE1  N Y N 387 
TRP CE2  C Y N 388 
TRP CE3  C Y N 389 
TRP CZ2  C Y N 390 
TRP CZ3  C Y N 391 
TRP CH2  C Y N 392 
TRP OXT  O N N 393 
TRP H    H N N 394 
TRP H2   H N N 395 
TRP HA   H N N 396 
TRP HB2  H N N 397 
TRP HB3  H N N 398 
TRP HD1  H N N 399 
TRP HE1  H N N 400 
TRP HE3  H N N 401 
TRP HZ2  H N N 402 
TRP HZ3  H N N 403 
TRP HH2  H N N 404 
TRP HXT  H N N 405 
TYR N    N N N 406 
TYR CA   C N S 407 
TYR C    C N N 408 
TYR O    O N N 409 
TYR CB   C N N 410 
TYR CG   C Y N 411 
TYR CD1  C Y N 412 
TYR CD2  C Y N 413 
TYR CE1  C Y N 414 
TYR CE2  C Y N 415 
TYR CZ   C Y N 416 
TYR OH   O N N 417 
TYR OXT  O N N 418 
TYR H    H N N 419 
TYR H2   H N N 420 
TYR HA   H N N 421 
TYR HB2  H N N 422 
TYR HB3  H N N 423 
TYR HD1  H N N 424 
TYR HD2  H N N 425 
TYR HE1  H N N 426 
TYR HE2  H N N 427 
TYR HH   H N N 428 
TYR HXT  H N N 429 
VAL N    N N N 430 
VAL CA   C N S 431 
VAL C    C N N 432 
VAL O    O N N 433 
VAL CB   C N N 434 
VAL CG1  C N N 435 
VAL CG2  C N N 436 
VAL OXT  O N N 437 
VAL H    H N N 438 
VAL H2   H N N 439 
VAL HA   H N N 440 
VAL HB   H N N 441 
VAL HG11 H N N 442 
VAL HG12 H N N 443 
VAL HG13 H N N 444 
VAL HG21 H N N 445 
VAL HG22 H N N 446 
VAL HG23 H N N 447 
VAL HXT  H N N 448 
# 
loop_
_chem_comp_bond.comp_id 
_chem_comp_bond.atom_id_1 
_chem_comp_bond.atom_id_2 
_chem_comp_bond.value_order 
_chem_comp_bond.pdbx_aromatic_flag 
_chem_comp_bond.pdbx_stereo_config 
_chem_comp_bond.pdbx_ordinal 
ACT C   O    doub N N 1   
ACT C   OXT  sing N N 2   
ACT C   CH3  sing N N 3   
ACT CH3 H1   sing N N 4   
ACT CH3 H2   sing N N 5   
ACT CH3 H3   sing N N 6   
ALA N   CA   sing N N 7   
ALA N   H    sing N N 8   
ALA N   H2   sing N N 9   
ALA CA  C    sing N N 10  
ALA CA  CB   sing N N 11  
ALA CA  HA   sing N N 12  
ALA C   O    doub N N 13  
ALA C   OXT  sing N N 14  
ALA CB  HB1  sing N N 15  
ALA CB  HB2  sing N N 16  
ALA CB  HB3  sing N N 17  
ALA OXT HXT  sing N N 18  
ARG N   CA   sing N N 19  
ARG N   H    sing N N 20  
ARG N   H2   sing N N 21  
ARG CA  C    sing N N 22  
ARG CA  CB   sing N N 23  
ARG CA  HA   sing N N 24  
ARG C   O    doub N N 25  
ARG C   OXT  sing N N 26  
ARG CB  CG   sing N N 27  
ARG CB  HB2  sing N N 28  
ARG CB  HB3  sing N N 29  
ARG CG  CD   sing N N 30  
ARG CG  HG2  sing N N 31  
ARG CG  HG3  sing N N 32  
ARG CD  NE   sing N N 33  
ARG CD  HD2  sing N N 34  
ARG CD  HD3  sing N N 35  
ARG NE  CZ   sing N N 36  
ARG NE  HE   sing N N 37  
ARG CZ  NH1  sing N N 38  
ARG CZ  NH2  doub N N 39  
ARG NH1 HH11 sing N N 40  
ARG NH1 HH12 sing N N 41  
ARG NH2 HH21 sing N N 42  
ARG NH2 HH22 sing N N 43  
ARG OXT HXT  sing N N 44  
ASN N   CA   sing N N 45  
ASN N   H    sing N N 46  
ASN N   H2   sing N N 47  
ASN CA  C    sing N N 48  
ASN CA  CB   sing N N 49  
ASN CA  HA   sing N N 50  
ASN C   O    doub N N 51  
ASN C   OXT  sing N N 52  
ASN CB  CG   sing N N 53  
ASN CB  HB2  sing N N 54  
ASN CB  HB3  sing N N 55  
ASN CG  OD1  doub N N 56  
ASN CG  ND2  sing N N 57  
ASN ND2 HD21 sing N N 58  
ASN ND2 HD22 sing N N 59  
ASN OXT HXT  sing N N 60  
ASP N   CA   sing N N 61  
ASP N   H    sing N N 62  
ASP N   H2   sing N N 63  
ASP CA  C    sing N N 64  
ASP CA  CB   sing N N 65  
ASP CA  HA   sing N N 66  
ASP C   O    doub N N 67  
ASP C   OXT  sing N N 68  
ASP CB  CG   sing N N 69  
ASP CB  HB2  sing N N 70  
ASP CB  HB3  sing N N 71  
ASP CG  OD1  doub N N 72  
ASP CG  OD2  sing N N 73  
ASP OD2 HD2  sing N N 74  
ASP OXT HXT  sing N N 75  
CYS N   CA   sing N N 76  
CYS N   H    sing N N 77  
CYS N   H2   sing N N 78  
CYS CA  C    sing N N 79  
CYS CA  CB   sing N N 80  
CYS CA  HA   sing N N 81  
CYS C   O    doub N N 82  
CYS C   OXT  sing N N 83  
CYS CB  SG   sing N N 84  
CYS CB  HB2  sing N N 85  
CYS CB  HB3  sing N N 86  
CYS SG  HG   sing N N 87  
CYS OXT HXT  sing N N 88  
DMS S   O    doub N N 89  
DMS S   C1   sing N N 90  
DMS S   C2   sing N N 91  
DMS C1  H11  sing N N 92  
DMS C1  H12  sing N N 93  
DMS C1  H13  sing N N 94  
DMS C2  H21  sing N N 95  
DMS C2  H22  sing N N 96  
DMS C2  H23  sing N N 97  
EDO C1  O1   sing N N 98  
EDO C1  C2   sing N N 99  
EDO C1  H11  sing N N 100 
EDO C1  H12  sing N N 101 
EDO O1  HO1  sing N N 102 
EDO C2  O2   sing N N 103 
EDO C2  H21  sing N N 104 
EDO C2  H22  sing N N 105 
EDO O2  HO2  sing N N 106 
GLN N   CA   sing N N 107 
GLN N   H    sing N N 108 
GLN N   H2   sing N N 109 
GLN CA  C    sing N N 110 
GLN CA  CB   sing N N 111 
GLN CA  HA   sing N N 112 
GLN C   O    doub N N 113 
GLN C   OXT  sing N N 114 
GLN CB  CG   sing N N 115 
GLN CB  HB2  sing N N 116 
GLN CB  HB3  sing N N 117 
GLN CG  CD   sing N N 118 
GLN CG  HG2  sing N N 119 
GLN CG  HG3  sing N N 120 
GLN CD  OE1  doub N N 121 
GLN CD  NE2  sing N N 122 
GLN NE2 HE21 sing N N 123 
GLN NE2 HE22 sing N N 124 
GLN OXT HXT  sing N N 125 
GLU N   CA   sing N N 126 
GLU N   H    sing N N 127 
GLU N   H2   sing N N 128 
GLU CA  C    sing N N 129 
GLU CA  CB   sing N N 130 
GLU CA  HA   sing N N 131 
GLU C   O    doub N N 132 
GLU C   OXT  sing N N 133 
GLU CB  CG   sing N N 134 
GLU CB  HB2  sing N N 135 
GLU CB  HB3  sing N N 136 
GLU CG  CD   sing N N 137 
GLU CG  HG2  sing N N 138 
GLU CG  HG3  sing N N 139 
GLU CD  OE1  doub N N 140 
GLU CD  OE2  sing N N 141 
GLU OE2 HE2  sing N N 142 
GLU OXT HXT  sing N N 143 
GLY N   CA   sing N N 144 
GLY N   H    sing N N 145 
GLY N   H2   sing N N 146 
GLY CA  C    sing N N 147 
GLY CA  HA2  sing N N 148 
GLY CA  HA3  sing N N 149 
GLY C   O    doub N N 150 
GLY C   OXT  sing N N 151 
GLY OXT HXT  sing N N 152 
HIS N   CA   sing N N 153 
HIS N   H    sing N N 154 
HIS N   H2   sing N N 155 
HIS CA  C    sing N N 156 
HIS CA  CB   sing N N 157 
HIS CA  HA   sing N N 158 
HIS C   O    doub N N 159 
HIS C   OXT  sing N N 160 
HIS CB  CG   sing N N 161 
HIS CB  HB2  sing N N 162 
HIS CB  HB3  sing N N 163 
HIS CG  ND1  sing Y N 164 
HIS CG  CD2  doub Y N 165 
HIS ND1 CE1  doub Y N 166 
HIS ND1 HD1  sing N N 167 
HIS CD2 NE2  sing Y N 168 
HIS CD2 HD2  sing N N 169 
HIS CE1 NE2  sing Y N 170 
HIS CE1 HE1  sing N N 171 
HIS NE2 HE2  sing N N 172 
HIS OXT HXT  sing N N 173 
HOH O   H1   sing N N 174 
HOH O   H2   sing N N 175 
ILE N   CA   sing N N 176 
ILE N   H    sing N N 177 
ILE N   H2   sing N N 178 
ILE CA  C    sing N N 179 
ILE CA  CB   sing N N 180 
ILE CA  HA   sing N N 181 
ILE C   O    doub N N 182 
ILE C   OXT  sing N N 183 
ILE CB  CG1  sing N N 184 
ILE CB  CG2  sing N N 185 
ILE CB  HB   sing N N 186 
ILE CG1 CD1  sing N N 187 
ILE CG1 HG12 sing N N 188 
ILE CG1 HG13 sing N N 189 
ILE CG2 HG21 sing N N 190 
ILE CG2 HG22 sing N N 191 
ILE CG2 HG23 sing N N 192 
ILE CD1 HD11 sing N N 193 
ILE CD1 HD12 sing N N 194 
ILE CD1 HD13 sing N N 195 
ILE OXT HXT  sing N N 196 
LEU N   CA   sing N N 197 
LEU N   H    sing N N 198 
LEU N   H2   sing N N 199 
LEU CA  C    sing N N 200 
LEU CA  CB   sing N N 201 
LEU CA  HA   sing N N 202 
LEU C   O    doub N N 203 
LEU C   OXT  sing N N 204 
LEU CB  CG   sing N N 205 
LEU CB  HB2  sing N N 206 
LEU CB  HB3  sing N N 207 
LEU CG  CD1  sing N N 208 
LEU CG  CD2  sing N N 209 
LEU CG  HG   sing N N 210 
LEU CD1 HD11 sing N N 211 
LEU CD1 HD12 sing N N 212 
LEU CD1 HD13 sing N N 213 
LEU CD2 HD21 sing N N 214 
LEU CD2 HD22 sing N N 215 
LEU CD2 HD23 sing N N 216 
LEU OXT HXT  sing N N 217 
LJM C2  C1   sing N N 218 
LJM C2  C3   sing N N 219 
LJM C3  C4   doub Y N 220 
LJM C3  S1   sing Y N 221 
LJM C4  N1   sing Y N 222 
LJM N1  C5   doub Y N 223 
LJM S1  C5   sing Y N 224 
LJM C5  C6   sing N N 225 
LJM C6  N2   sing N N 226 
LJM C6  O1   doub N N 227 
LJM N2  C7   sing N N 228 
LJM C7  C8   sing N N 229 
LJM C8  C9   doub Y N 230 
LJM C8  C13  sing Y N 231 
LJM C9  C10  sing Y N 232 
LJM C13 C12  doub Y N 233 
LJM C10 C11  doub Y N 234 
LJM C12 C11  sing Y N 235 
LJM C11 F1   sing N N 236 
LJM C4  H1   sing N N 237 
LJM C7  H2   sing N N 238 
LJM C7  H3   sing N N 239 
LJM C10 H4   sing N N 240 
LJM C13 H5   sing N N 241 
LJM C1  H6   sing N N 242 
LJM C1  H7   sing N N 243 
LJM C1  H8   sing N N 244 
LJM C12 H9   sing N N 245 
LJM C2  H10  sing N N 246 
LJM C2  H11  sing N N 247 
LJM C9  H12  sing N N 248 
LJM N2  H13  sing N N 249 
LYS N   CA   sing N N 250 
LYS N   H    sing N N 251 
LYS N   H2   sing N N 252 
LYS CA  C    sing N N 253 
LYS CA  CB   sing N N 254 
LYS CA  HA   sing N N 255 
LYS C   O    doub N N 256 
LYS C   OXT  sing N N 257 
LYS CB  CG   sing N N 258 
LYS CB  HB2  sing N N 259 
LYS CB  HB3  sing N N 260 
LYS CG  CD   sing N N 261 
LYS CG  HG2  sing N N 262 
LYS CG  HG3  sing N N 263 
LYS CD  CE   sing N N 264 
LYS CD  HD2  sing N N 265 
LYS CD  HD3  sing N N 266 
LYS CE  NZ   sing N N 267 
LYS CE  HE2  sing N N 268 
LYS CE  HE3  sing N N 269 
LYS NZ  HZ1  sing N N 270 
LYS NZ  HZ2  sing N N 271 
LYS NZ  HZ3  sing N N 272 
LYS OXT HXT  sing N N 273 
MET N   CA   sing N N 274 
MET N   H    sing N N 275 
MET N   H2   sing N N 276 
MET CA  C    sing N N 277 
MET CA  CB   sing N N 278 
MET CA  HA   sing N N 279 
MET C   O    doub N N 280 
MET C   OXT  sing N N 281 
MET CB  CG   sing N N 282 
MET CB  HB2  sing N N 283 
MET CB  HB3  sing N N 284 
MET CG  SD   sing N N 285 
MET CG  HG2  sing N N 286 
MET CG  HG3  sing N N 287 
MET SD  CE   sing N N 288 
MET CE  HE1  sing N N 289 
MET CE  HE2  sing N N 290 
MET CE  HE3  sing N N 291 
MET OXT HXT  sing N N 292 
PHE N   CA   sing N N 293 
PHE N   H    sing N N 294 
PHE N   H2   sing N N 295 
PHE CA  C    sing N N 296 
PHE CA  CB   sing N N 297 
PHE CA  HA   sing N N 298 
PHE C   O    doub N N 299 
PHE C   OXT  sing N N 300 
PHE CB  CG   sing N N 301 
PHE CB  HB2  sing N N 302 
PHE CB  HB3  sing N N 303 
PHE CG  CD1  doub Y N 304 
PHE CG  CD2  sing Y N 305 
PHE CD1 CE1  sing Y N 306 
PHE CD1 HD1  sing N N 307 
PHE CD2 CE2  doub Y N 308 
PHE CD2 HD2  sing N N 309 
PHE CE1 CZ   doub Y N 310 
PHE CE1 HE1  sing N N 311 
PHE CE2 CZ   sing Y N 312 
PHE CE2 HE2  sing N N 313 
PHE CZ  HZ   sing N N 314 
PHE OXT HXT  sing N N 315 
PRO N   CA   sing N N 316 
PRO N   CD   sing N N 317 
PRO N   H    sing N N 318 
PRO CA  C    sing N N 319 
PRO CA  CB   sing N N 320 
PRO CA  HA   sing N N 321 
PRO C   O    doub N N 322 
PRO C   OXT  sing N N 323 
PRO CB  CG   sing N N 324 
PRO CB  HB2  sing N N 325 
PRO CB  HB3  sing N N 326 
PRO CG  CD   sing N N 327 
PRO CG  HG2  sing N N 328 
PRO CG  HG3  sing N N 329 
PRO CD  HD2  sing N N 330 
PRO CD  HD3  sing N N 331 
PRO OXT HXT  sing N N 332 
SER N   CA   sing N N 333 
SER N   H    sing N N 334 
SER N   H2   sing N N 335 
SER CA  C    sing N N 336 
SER CA  CB   sing N N 337 
SER CA  HA   sing N N 338 
SER C   O    doub N N 339 
SER C   OXT  sing N N 340 
SER CB  OG   sing N N 341 
SER CB  HB2  sing N N 342 
SER CB  HB3  sing N N 343 
SER OG  HG   sing N N 344 
SER OXT HXT  sing N N 345 
THR N   CA   sing N N 346 
THR N   H    sing N N 347 
THR N   H2   sing N N 348 
THR CA  C    sing N N 349 
THR CA  CB   sing N N 350 
THR CA  HA   sing N N 351 
THR C   O    doub N N 352 
THR C   OXT  sing N N 353 
THR CB  OG1  sing N N 354 
THR CB  CG2  sing N N 355 
THR CB  HB   sing N N 356 
THR OG1 HG1  sing N N 357 
THR CG2 HG21 sing N N 358 
THR CG2 HG22 sing N N 359 
THR CG2 HG23 sing N N 360 
THR OXT HXT  sing N N 361 
TRP N   CA   sing N N 362 
TRP N   H    sing N N 363 
TRP N   H2   sing N N 364 
TRP CA  C    sing N N 365 
TRP CA  CB   sing N N 366 
TRP CA  HA   sing N N 367 
TRP C   O    doub N N 368 
TRP C   OXT  sing N N 369 
TRP CB  CG   sing N N 370 
TRP CB  HB2  sing N N 371 
TRP CB  HB3  sing N N 372 
TRP CG  CD1  doub Y N 373 
TRP CG  CD2  sing Y N 374 
TRP CD1 NE1  sing Y N 375 
TRP CD1 HD1  sing N N 376 
TRP CD2 CE2  doub Y N 377 
TRP CD2 CE3  sing Y N 378 
TRP NE1 CE2  sing Y N 379 
TRP NE1 HE1  sing N N 380 
TRP CE2 CZ2  sing Y N 381 
TRP CE3 CZ3  doub Y N 382 
TRP CE3 HE3  sing N N 383 
TRP CZ2 CH2  doub Y N 384 
TRP CZ2 HZ2  sing N N 385 
TRP CZ3 CH2  sing Y N 386 
TRP CZ3 HZ3  sing N N 387 
TRP CH2 HH2  sing N N 388 
TRP OXT HXT  sing N N 389 
TYR N   CA   sing N N 390 
TYR N   H    sing N N 391 
TYR N   H2   sing N N 392 
TYR CA  C    sing N N 393 
TYR CA  CB   sing N N 394 
TYR CA  HA   sing N N 395 
TYR C   O    doub N N 396 
TYR C   OXT  sing N N 397 
TYR CB  CG   sing N N 398 
TYR CB  HB2  sing N N 399 
TYR CB  HB3  sing N N 400 
TYR CG  CD1  doub Y N 401 
TYR CG  CD2  sing Y N 402 
TYR CD1 CE1  sing Y N 403 
TYR CD1 HD1  sing N N 404 
TYR CD2 CE2  doub Y N 405 
TYR CD2 HD2  sing N N 406 
TYR CE1 CZ   doub Y N 407 
TYR CE1 HE1  sing N N 408 
TYR CE2 CZ   sing Y N 409 
TYR CE2 HE2  sing N N 410 
TYR CZ  OH   sing N N 411 
TYR OH  HH   sing N N 412 
TYR OXT HXT  sing N N 413 
VAL N   CA   sing N N 414 
VAL N   H    sing N N 415 
VAL N   H2   sing N N 416 
VAL CA  C    sing N N 417 
VAL CA  CB   sing N N 418 
VAL CA  HA   sing N N 419 
VAL C   O    doub N N 420 
VAL C   OXT  sing N N 421 
VAL CB  CG1  sing N N 422 
VAL CB  CG2  sing N N 423 
VAL CB  HB   sing N N 424 
VAL CG1 HG11 sing N N 425 
VAL CG1 HG12 sing N N 426 
VAL CG1 HG13 sing N N 427 
VAL CG2 HG21 sing N N 428 
VAL CG2 HG22 sing N N 429 
VAL CG2 HG23 sing N N 430 
VAL OXT HXT  sing N N 431 
# 
_pdbx_deposit_group.group_id            G_1002061 
_pdbx_deposit_group.group_description   
;XDomainX of XOrganismX DCP2 (NUDT20) screened against the XXX Fragment Library by X-ray Crystallography at the XChem facility of Diamond Light Source beamline I04-1
;
_pdbx_deposit_group.group_title         'PanDDA analysis group deposition' 
_pdbx_deposit_group.group_type          'changed state' 
# 
_pdbx_related_exp_data_set.ordinal              1 
_pdbx_related_exp_data_set.data_reference       10.5281/zenodo.1437589 
_pdbx_related_exp_data_set.metadata_reference   10.5281/zenodo.1437589 
_pdbx_related_exp_data_set.data_set_type        'other data' 
_pdbx_related_exp_data_set.details              'Complete PanDDA analysis' 
# 
_atom_sites.entry_id                    5QP6 
_atom_sites.fract_transf_matrix[1][1]   0.00726286 
_atom_sites.fract_transf_matrix[1][2]   0.01897463 
_atom_sites.fract_transf_matrix[1][3]   0.00424079 
_atom_sites.fract_transf_matrix[2][1]   -0.00414746 
_atom_sites.fract_transf_matrix[2][2]   -0.00196900 
_atom_sites.fract_transf_matrix[2][3]   0.01591293 
_atom_sites.fract_transf_matrix[3][1]   0.01376231 
_atom_sites.fract_transf_matrix[3][2]   -0.00590609 
_atom_sites.fract_transf_matrix[3][3]   0.00285614 
_atom_sites.fract_transf_vector[1]      -0.884231 
_atom_sites.fract_transf_vector[2]      0.224854 
_atom_sites.fract_transf_vector[3]      1.164579 
# 
loop_
_atom_type.symbol 
C 
F 
N 
O 
S 
# 
loop_
_atom_site.group_PDB 
_atom_site.id 
_atom_site.type_symbol 
_atom_site.label_atom_id 
_atom_site.label_alt_id 
_atom_site.label_comp_id 
_atom_site.label_asym_id 
_atom_site.label_entity_id 
_atom_site.label_seq_id 
_atom_site.pdbx_PDB_ins_code 
_atom_site.Cartn_x 
_atom_site.Cartn_y 
_atom_site.Cartn_z 
_atom_site.occupancy 
_atom_site.B_iso_or_equiv 
_atom_site.pdbx_formal_charge 
_atom_site.auth_seq_id 
_atom_site.auth_comp_id 
_atom_site.auth_asym_id 
_atom_site.auth_atom_id 
_atom_site.pdbx_PDB_model_num 
ATOM   1    N N   . GLY A 1 3   ? 7.464   17.101  5.081   1.00 60.82 ? 96  GLY A N   1 
ATOM   2    C CA  . GLY A 1 3   ? 7.743   15.718  5.564   1.00 58.81 ? 96  GLY A CA  1 
ATOM   3    C C   . GLY A 1 3   ? 8.634   14.948  4.585   1.00 53.79 ? 96  GLY A C   1 
ATOM   4    O O   . GLY A 1 3   ? 8.722   15.273  3.376   1.00 52.49 ? 96  GLY A O   1 
ATOM   5    N N   . VAL A 1 4   ? 9.332   13.928  5.071   1.00 46.72 ? 97  VAL A N   1 
ATOM   6    C CA  . VAL A 1 4   ? 10.226  13.188  4.162   1.00 50.01 ? 97  VAL A CA  1 
ATOM   7    C C   . VAL A 1 4   ? 9.323   12.307  3.240   1.00 37.82 ? 97  VAL A C   1 
ATOM   8    O O   . VAL A 1 4   ? 8.499   11.630  3.797   1.00 42.80 ? 97  VAL A O   1 
ATOM   9    C CB  . VAL A 1 4   ? 11.164  12.260  4.954   1.00 52.03 ? 97  VAL A CB  1 
ATOM   10   C CG1 . VAL A 1 4   ? 12.044  11.479  3.984   1.00 50.87 ? 97  VAL A CG1 1 
ATOM   11   C CG2 . VAL A 1 4   ? 11.995  13.053  5.983   1.00 56.59 ? 97  VAL A CG2 1 
ATOM   12   N N   . PRO A 1 5   ? 9.515   12.332  1.893   1.00 40.58 ? 98  PRO A N   1 
ATOM   13   C CA  . PRO A 1 5   ? 8.725   11.478  0.980   1.00 37.70 ? 98  PRO A CA  1 
ATOM   14   C C   . PRO A 1 5   ? 8.819   10.005  1.326   1.00 37.68 ? 98  PRO A C   1 
ATOM   15   O O   . PRO A 1 5   ? 9.830   9.541   1.809   1.00 33.76 ? 98  PRO A O   1 
ATOM   16   C CB  . PRO A 1 5   ? 9.298   11.755  -0.406  1.00 43.58 ? 98  PRO A CB  1 
ATOM   17   C CG  . PRO A 1 5   ? 10.138  13.043  -0.243  1.00 40.48 ? 98  PRO A CG  1 
ATOM   18   C CD  . PRO A 1 5   ? 10.453  13.215  1.170   1.00 39.78 ? 98  PRO A CD  1 
ATOM   19   N N   . THR A 1 6   ? 7.719   9.275   1.124   1.00 31.44 ? 99  THR A N   1 
ATOM   20   C CA  . THR A 1 6   ? 7.707   7.808   1.289   1.00 31.75 ? 99  THR A CA  1 
ATOM   21   C C   . THR A 1 6   ? 7.473   7.124   -0.066  1.00 27.86 ? 99  THR A C   1 
ATOM   22   O O   . THR A 1 6   ? 6.839   7.656   -0.968  1.00 28.47 ? 99  THR A O   1 
ATOM   23   C CB  . THR A 1 6   ? 6.686   7.349   2.349   1.00 33.02 ? 99  THR A CB  1 
ATOM   24   O OG1 . THR A 1 6   ? 5.418   7.842   1.964   1.00 32.35 ? 99  THR A OG1 1 
ATOM   25   C CG2 . THR A 1 6   ? 7.048   7.935   3.737   1.00 33.94 ? 99  THR A CG2 1 
ATOM   26   N N   . TYR A 1 7   ? 8.041   5.927   -0.222  1.00 29.44 ? 100 TYR A N   1 
ATOM   27   C CA  . TYR A 1 7   ? 7.913   5.185   -1.406  1.00 28.02 ? 100 TYR A CA  1 
ATOM   28   C C   . TYR A 1 7   ? 7.664   3.733   -1.049  1.00 24.31 ? 100 TYR A C   1 
ATOM   29   O O   . TYR A 1 7   ? 8.180   3.217   -0.060  1.00 26.36 ? 100 TYR A O   1 
ATOM   30   C CB  . TYR A 1 7   ? 9.224   5.266   -2.317  1.00 29.14 ? 100 TYR A CB  1 
ATOM   31   C CG  . TYR A 1 7   ? 9.517   6.637   -2.784  1.00 30.21 ? 100 TYR A CG  1 
ATOM   32   C CD1 . TYR A 1 7   ? 8.877   7.180   -3.848  1.00 33.76 ? 100 TYR A CD1 1 
ATOM   33   C CD2 . TYR A 1 7   ? 10.438  7.395   -2.087  1.00 34.16 ? 100 TYR A CD2 1 
ATOM   34   C CE1 . TYR A 1 7   ? 9.070   8.549   -4.212  1.00 34.61 ? 100 TYR A CE1 1 
ATOM   35   C CE2 . TYR A 1 7   ? 10.663  8.728   -2.415  1.00 33.14 ? 100 TYR A CE2 1 
ATOM   36   C CZ  . TYR A 1 7   ? 10.040  9.265   -3.505  1.00 38.55 ? 100 TYR A CZ  1 
ATOM   37   O OH  . TYR A 1 7   ? 10.312  10.593  -3.790  1.00 42.70 ? 100 TYR A OH  1 
ATOM   38   N N   . GLY A 1 8   ? 6.904   3.045   -1.905  1.00 24.98 ? 101 GLY A N   1 
ATOM   39   C CA  . GLY A 1 8   ? 6.612   1.649   -1.703  1.00 24.37 ? 101 GLY A CA  1 
ATOM   40   C C   . GLY A 1 8   ? 5.874   1.109   -2.890  1.00 23.80 ? 101 GLY A C   1 
ATOM   41   O O   . GLY A 1 8   ? 6.058   1.574   -4.028  1.00 24.35 ? 101 GLY A O   1 
ATOM   42   N N   . ALA A 1 9   ? 5.043   0.087   -2.683  1.00 22.05 ? 102 ALA A N   1 
ATOM   43   C CA  . ALA A 1 9   ? 4.361   -0.603  -3.792  1.00 22.11 ? 102 ALA A CA  1 
ATOM   44   C C   . ALA A 1 9   ? 2.940   -1.025  -3.458  1.00 22.05 ? 102 ALA A C   1 
ATOM   45   O O   . ALA A 1 9   ? 2.646   -1.413  -2.334  1.00 22.49 ? 102 ALA A O   1 
ATOM   46   C CB  . ALA A 1 9   ? 5.108   -1.842  -4.297  1.00 24.74 ? 102 ALA A CB  1 
ATOM   47   N N   . ILE A 1 10  ? 2.166   -1.090  -4.523  1.00 21.09 ? 103 ILE A N   1 
ATOM   48   C CA  . ILE A 1 10  ? 0.871   -1.779  -4.543  1.00 21.68 ? 103 ILE A CA  1 
ATOM   49   C C   . ILE A 1 10  ? 1.131   -2.991  -5.383  1.00 21.01 ? 103 ILE A C   1 
ATOM   50   O O   . ILE A 1 10  ? 1.220   -2.907  -6.646  1.00 23.09 ? 103 ILE A O   1 
ATOM   51   C CB  . ILE A 1 10  ? -0.210  -0.873  -5.170  1.00 22.71 ? 103 ILE A CB  1 
ATOM   52   C CG1 . ILE A 1 10  ? -0.456  0.298   -4.324  1.00 24.28 ? 103 ILE A CG1 1 
ATOM   53   C CG2 . ILE A 1 10  ? -1.470  -1.697  -5.417  1.00 26.19 ? 103 ILE A CG2 1 
ATOM   54   C CD1 . ILE A 1 10  ? -1.325  1.413   -4.965  1.00 27.32 ? 103 ILE A CD1 1 
ATOM   55   N N   . ILE A 1 11  ? 1.192   -4.111  -4.751  1.00 20.32 ? 104 ILE A N   1 
ATOM   56   C CA  . ILE A 1 11  ? 1.408   -5.390  -5.363  1.00 21.66 ? 104 ILE A CA  1 
ATOM   57   C C   . ILE A 1 11  ? 0.052   -5.997  -5.588  1.00 23.29 ? 104 ILE A C   1 
ATOM   58   O O   . ILE A 1 11  ? -0.708  -6.209  -4.637  1.00 21.95 ? 104 ILE A O   1 
ATOM   59   C CB  . ILE A 1 11  ? 2.304   -6.305  -4.500  1.00 21.90 ? 104 ILE A CB  1 
ATOM   60   C CG1 . ILE A 1 11  ? 3.720   -5.736  -4.439  1.00 24.08 ? 104 ILE A CG1 1 
ATOM   61   C CG2 . ILE A 1 11  ? 2.326   -7.736  -5.004  1.00 24.95 ? 104 ILE A CG2 1 
ATOM   62   C CD1 . ILE A 1 11  ? 4.551   -6.264  -3.282  1.00 26.91 ? 104 ILE A CD1 1 
ATOM   63   N N   . LEU A 1 12  ? -0.208  -6.414  -6.827  1.00 20.59 ? 105 LEU A N   1 
ATOM   64   C CA  . LEU A 1 12  ? -1.407  -7.186  -7.169  1.00 20.73 ? 105 LEU A CA  1 
ATOM   65   C C   . LEU A 1 12  ? -1.031  -8.599  -7.635  1.00 22.73 ? 105 LEU A C   1 
ATOM   66   O O   . LEU A 1 12  ? 0.048   -8.847  -8.223  1.00 24.01 ? 105 LEU A O   1 
ATOM   67   C CB  . LEU A 1 12  ? -2.177  -6.499  -8.289  1.00 24.14 ? 105 LEU A CB  1 
ATOM   68   C CG  . LEU A 1 12  ? -2.599  -5.064  -7.972  1.00 28.56 ? 105 LEU A CG  1 
ATOM   69   C CD1 . LEU A 1 12  ? -1.683  -4.026  -8.488  1.00 33.44 ? 105 LEU A CD1 1 
ATOM   70   C CD2 . LEU A 1 12  ? -4.029  -4.773  -8.392  1.00 37.06 ? 105 LEU A CD2 1 
ATOM   71   N N   . ASP A 1 13  ? -2.039  -9.459  -7.525  1.00 23.44 ? 106 ASP A N   1 
ATOM   72   C CA  . ASP A 1 13  ? -1.892  -10.824 -7.996  1.00 25.64 ? 106 ASP A CA  1 
ATOM   73   C C   . ASP A 1 13  ? -2.136  -10.899 -9.494  1.00 23.17 ? 106 ASP A C   1 
ATOM   74   O O   . ASP A 1 13  ? -2.351  -9.911  -10.158 1.00 25.39 ? 106 ASP A O   1 
ATOM   75   C CB  . ASP A 1 13  ? -2.765  -11.781 -7.212  1.00 28.83 ? 106 ASP A CB  1 
ATOM   76   C CG  . ASP A 1 13  ? -4.280  -11.552 -7.419  1.00 31.92 ? 106 ASP A CG  1 
ATOM   77   O OD1 . ASP A 1 13  ? -4.716  -10.490 -7.906  1.00 31.73 ? 106 ASP A OD1 1 
ATOM   78   O OD2 . ASP A 1 13  ? -4.952  -12.428 -6.931  1.00 41.12 ? 106 ASP A OD2 1 
ATOM   79   N N   . GLU A 1 14  ? -2.192  -12.118 -9.970  1.00 28.43 ? 107 GLU A N   1 
ATOM   80   C CA  . GLU A 1 14  ? -2.387  -12.343 -11.407 1.00 30.69 ? 107 GLU A CA  1 
ATOM   81   C C   . GLU A 1 14  ? -3.789  -12.106 -11.919 1.00 30.88 ? 107 GLU A C   1 
ATOM   82   O O   . GLU A 1 14  ? -3.934  -11.750 -13.051 1.00 30.20 ? 107 GLU A O   1 
ATOM   83   C CB  . GLU A 1 14  ? -1.895  -13.739 -11.860 1.00 39.48 ? 107 GLU A CB  1 
ATOM   84   C CG  . GLU A 1 14  ? -2.598  -14.927 -11.238 1.00 45.66 ? 107 GLU A CG  1 
ATOM   85   C CD  . GLU A 1 14  ? -1.829  -15.457 -10.015 1.00 55.85 ? 107 GLU A CD  1 
ATOM   86   O OE1 . GLU A 1 14  ? -2.031  -14.889 -8.920  1.00 46.29 ? 107 GLU A OE1 1 
ATOM   87   O OE2 . GLU A 1 14  ? -1.004  -16.419 -10.116 1.00 69.74 ? 107 GLU A OE2 1 
ATOM   88   N N   . THR A 1 15  ? -4.823  -12.170 -11.022 1.00 27.69 ? 108 THR A N   1 
ATOM   89   C CA  . THR A 1 15  ? -6.146  -11.867 -11.386 1.00 28.50 ? 108 THR A CA  1 
ATOM   90   C C   . THR A 1 15  ? -6.498  -10.404 -11.379 1.00 29.82 ? 108 THR A C   1 
ATOM   91   O O   . THR A 1 15  ? -7.520  -9.967  -11.880 1.00 29.96 ? 108 THR A O   1 
ATOM   92   C CB  . THR A 1 15  ? -7.139  -12.541 -10.410 1.00 35.24 ? 108 THR A CB  1 
ATOM   93   O OG1 . THR A 1 15  ? -7.149  -11.764 -9.229  1.00 33.15 ? 108 THR A OG1 1 
ATOM   94   C CG2 . THR A 1 15  ? -6.787  -13.898 -10.041 1.00 38.91 ? 108 THR A CG2 1 
ATOM   95   N N   . LEU A 1 16  ? -5.628  -9.606  -10.761 1.00 28.18 ? 109 LEU A N   1 
ATOM   96   C CA  . LEU A 1 16  ? -5.820  -8.192  -10.535 1.00 26.86 ? 109 LEU A CA  1 
ATOM   97   C C   . LEU A 1 16  ? -6.966  -7.877  -9.507  1.00 28.64 ? 109 LEU A C   1 
ATOM   98   O O   . LEU A 1 16  ? -7.380  -6.715  -9.422  1.00 33.65 ? 109 LEU A O   1 
ATOM   99   C CB  . LEU A 1 16  ? -6.050  -7.332  -11.781 1.00 28.86 ? 109 LEU A CB  1 
ATOM   100  C CG  . LEU A 1 16  ? -5.109  -7.613  -12.925 1.00 31.10 ? 109 LEU A CG  1 
ATOM   101  C CD1 . LEU A 1 16  ? -5.638  -6.978  -14.179 1.00 35.97 ? 109 LEU A CD1 1 
ATOM   102  C CD2 . LEU A 1 16  ? -3.781  -7.025  -12.429 1.00 35.06 ? 109 LEU A CD2 1 
ATOM   103  N N   A GLU A 1 17  ? -7.418  -8.930  -8.837  0.25 28.32 ? 110 GLU A N   1 
ATOM   104  N N   B GLU A 1 17  ? -7.456  -8.836  -8.779  0.25 28.63 ? 110 GLU A N   1 
ATOM   105  C CA  A GLU A 1 17  ? -8.493  -8.917  -7.838  0.25 28.94 ? 110 GLU A CA  1 
ATOM   106  C CA  B GLU A 1 17  ? -8.538  -8.553  -7.842  0.25 29.58 ? 110 GLU A CA  1 
ATOM   107  C C   A GLU A 1 17  ? -7.986  -8.404  -6.491  0.25 27.70 ? 110 GLU A C   1 
ATOM   108  C C   B GLU A 1 17  ? -8.056  -8.664  -6.351  0.25 28.72 ? 110 GLU A C   1 
ATOM   109  O O   A GLU A 1 17  ? -8.746  -7.656  -5.800  0.25 22.72 ? 110 GLU A O   1 
ATOM   110  O O   B GLU A 1 17  ? -8.849  -8.575  -5.393  0.25 23.52 ? 110 GLU A O   1 
ATOM   111  C CB  A GLU A 1 17  ? -9.051  -10.333 -7.557  0.25 30.59 ? 110 GLU A CB  1 
ATOM   112  C CB  B GLU A 1 17  ? -9.716  -9.457  -8.184  0.25 30.22 ? 110 GLU A CB  1 
ATOM   113  C CG  A GLU A 1 17  ? -9.983  -10.902 -8.639  0.25 31.94 ? 110 GLU A CG  1 
ATOM   114  C CG  B GLU A 1 17  ? -10.326 -9.141  -9.543  0.25 33.16 ? 110 GLU A CG  1 
ATOM   115  C CD  A GLU A 1 17  ? -10.395 -12.371 -8.429  0.25 34.53 ? 110 GLU A CD  1 
ATOM   116  C CD  B GLU A 1 17  ? -11.618 -9.872  -9.793  0.25 38.02 ? 110 GLU A CD  1 
ATOM   117  O OE1 A GLU A 1 17  ? -9.537  -13.285 -8.489  0.25 34.42 ? 110 GLU A OE1 1 
ATOM   118  O OE1 B GLU A 1 17  ? -11.838 -10.935 -9.164  0.25 38.48 ? 110 GLU A OE1 1 
ATOM   119  O OE2 A GLU A 1 17  ? -11.609 -12.622 -8.244  0.25 35.80 ? 110 GLU A OE2 1 
ATOM   120  O OE2 B GLU A 1 17  ? -12.407 -9.400  -10.642 0.25 42.95 ? 110 GLU A OE2 1 
ATOM   121  N N   . ASN A 1 18  ? -6.760  -8.858  -6.137  1.00 26.84 ? 111 ASN A N   1 
ATOM   122  C CA  . ASN A 1 18  ? -6.214  -8.810  -4.788  1.00 25.16 ? 111 ASN A CA  1 
ATOM   123  C C   . ASN A 1 18  ? -4.961  -7.971  -4.726  1.00 28.67 ? 111 ASN A C   1 
ATOM   124  O O   . ASN A 1 18  ? -4.200  -7.900  -5.685  1.00 26.82 ? 111 ASN A O   1 
ATOM   125  C CB  . ASN A 1 18  ? -5.915  -10.161 -4.244  1.00 28.95 ? 111 ASN A CB  1 
ATOM   126  C CG  . ASN A 1 18  ? -7.132  -11.079 -4.279  1.00 39.08 ? 111 ASN A CG  1 
ATOM   127  O OD1 . ASN A 1 18  ? -8.104  -10.820 -3.604  1.00 38.74 ? 111 ASN A OD1 1 
ATOM   128  N ND2 . ASN A 1 18  ? -7.129  -12.017 -5.160  1.00 35.36 ? 111 ASN A ND2 1 
ATOM   129  N N   . VAL A 1 19  ? -4.783  -7.346  -3.561  1.00 23.74 ? 112 VAL A N   1 
ATOM   130  C CA  . VAL A 1 19  ? -3.629  -6.487  -3.280  1.00 20.28 ? 112 VAL A CA  1 
ATOM   131  C C   . VAL A 1 19  ? -2.959  -6.961  -2.018  1.00 20.56 ? 112 VAL A C   1 
ATOM   132  O O   . VAL A 1 19  ? -3.611  -7.436  -1.093  1.00 22.13 ? 112 VAL A O   1 
ATOM   133  C CB  . VAL A 1 19  ? -3.963  -4.997  -3.110  1.00 23.68 ? 112 VAL A CB  1 
ATOM   134  C CG1 . VAL A 1 19  ? -4.386  -4.343  -4.395  1.00 28.06 ? 112 VAL A CG1 1 
ATOM   135  C CG2 . VAL A 1 19  ? -5.023  -4.759  -1.962  1.00 23.90 ? 112 VAL A CG2 1 
ATOM   136  N N   . LEU A 1 20  ? -1.651  -6.730  -1.905  1.00 20.36 ? 113 LEU A N   1 
ATOM   137  C CA  . LEU A 1 20  ? -0.883  -7.165  -0.724  1.00 23.12 ? 113 LEU A CA  1 
ATOM   138  C C   . LEU A 1 20  ? -0.767  -6.036  0.285   1.00 22.38 ? 113 LEU A C   1 
ATOM   139  O O   . LEU A 1 20  ? -0.279  -4.987  -0.010  1.00 23.15 ? 113 LEU A O   1 
ATOM   140  C CB  . LEU A 1 20  ? 0.494   -7.623  -1.131  1.00 23.62 ? 113 LEU A CB  1 
ATOM   141  C CG  . LEU A 1 20  ? 1.241   -8.426  -0.055  1.00 23.27 ? 113 LEU A CG  1 
ATOM   142  C CD1 . LEU A 1 20  ? 0.654   -9.875  0.018   1.00 24.78 ? 113 LEU A CD1 1 
ATOM   143  C CD2 . LEU A 1 20  ? 2.710   -8.421  -0.374  1.00 26.93 ? 113 LEU A CD2 1 
ATOM   144  N N   . LEU A 1 21  ? -1.251  -6.253  1.500   1.00 22.59 ? 114 LEU A N   1 
ATOM   145  C CA  . LEU A 1 21  ? -1.107  -5.294  2.524   1.00 21.18 ? 114 LEU A CA  1 
ATOM   146  C C   . LEU A 1 21  ? -0.247  -5.894  3.685   1.00 21.03 ? 114 LEU A C   1 
ATOM   147  O O   . LEU A 1 21  ? -0.137  -7.118  3.804   1.00 22.44 ? 114 LEU A O   1 
ATOM   148  C CB  . LEU A 1 21  ? -2.465  -4.889  3.105   1.00 21.58 ? 114 LEU A CB  1 
ATOM   149  C CG  . LEU A 1 21  ? -3.494  -4.301  2.138   1.00 22.06 ? 114 LEU A CG  1 
ATOM   150  C CD1 . LEU A 1 21  ? -4.754  -3.812  2.846   1.00 24.08 ? 114 LEU A CD1 1 
ATOM   151  C CD2 . LEU A 1 21  ? -2.857  -3.070  1.482   1.00 25.45 ? 114 LEU A CD2 1 
ATOM   152  N N   . VAL A 1 22  ? 0.339   -4.989  4.447   1.00 21.24 ? 115 VAL A N   1 
ATOM   153  C CA  . VAL A 1 22  ? 1.116   -5.360  5.616   1.00 21.45 ? 115 VAL A CA  1 
ATOM   154  C C   . VAL A 1 22  ? 0.562   -4.684  6.859   1.00 22.25 ? 115 VAL A C   1 
ATOM   155  O O   . VAL A 1 22  ? -0.052  -3.631  6.786   1.00 21.31 ? 115 VAL A O   1 
ATOM   156  C CB  . VAL A 1 22  ? 2.590   -5.060  5.462   1.00 22.68 ? 115 VAL A CB  1 
ATOM   157  C CG1 . VAL A 1 22  ? 3.159   -5.793  4.234   1.00 23.83 ? 115 VAL A CG1 1 
ATOM   158  C CG2 . VAL A 1 22  ? 2.871   -3.571  5.388   1.00 26.43 ? 115 VAL A CG2 1 
ATOM   159  N N   . GLN A 1 23  ? 0.705   -5.346  8.012   1.00 22.35 ? 116 GLN A N   1 
ATOM   160  C CA  . GLN A 1 23  ? 0.217   -4.866  9.264   1.00 21.99 ? 116 GLN A CA  1 
ATOM   161  C C   . GLN A 1 23  ? 1.399   -4.669  10.198  1.00 22.82 ? 116 GLN A C   1 
ATOM   162  O O   . GLN A 1 23  ? 2.199   -5.564  10.367  1.00 24.67 ? 116 GLN A O   1 
ATOM   163  C CB  . GLN A 1 23  ? -0.761  -5.904  9.863   1.00 22.83 ? 116 GLN A CB  1 
ATOM   164  C CG  . GLN A 1 23  ? -1.358  -5.508  11.155  1.00 23.48 ? 116 GLN A CG  1 
ATOM   165  C CD  . GLN A 1 23  ? -2.249  -6.621  11.676  1.00 26.19 ? 116 GLN A CD  1 
ATOM   166  O OE1 . GLN A 1 23  ? -1.889  -7.795  11.561  1.00 30.36 ? 116 GLN A OE1 1 
ATOM   167  N NE2 . GLN A 1 23  ? -3.313  -6.278  12.249  1.00 29.03 ? 116 GLN A NE2 1 
ATOM   168  N N   . GLY A 1 24  ? 1.530   -3.479  10.680  1.00 24.83 ? 117 GLY A N   1 
ATOM   169  C CA  . GLY A 1 24  ? 2.596   -3.153  11.626  1.00 24.60 ? 117 GLY A CA  1 
ATOM   170  C C   . GLY A 1 24  ? 2.134   -3.251  13.069  1.00 27.35 ? 117 GLY A C   1 
ATOM   171  O O   . GLY A 1 24  ? 1.200   -3.911  13.380  1.00 26.93 ? 117 GLY A O   1 
ATOM   172  N N   . TYR A 1 25  ? 2.847   -2.542  13.925  1.00 28.23 ? 118 TYR A N   1 
ATOM   173  C CA  . TYR A 1 25  ? 2.603   -2.490  15.361  1.00 30.49 ? 118 TYR A CA  1 
ATOM   174  C C   . TYR A 1 25  ? 2.391   -1.048  15.807  1.00 33.71 ? 118 TYR A C   1 
ATOM   175  O O   . TYR A 1 25  ? 2.835   -0.059  15.140  1.00 32.22 ? 118 TYR A O   1 
ATOM   176  C CB  . TYR A 1 25  ? 3.840   -3.000  16.066  1.00 29.40 ? 118 TYR A CB  1 
ATOM   177  C CG  . TYR A 1 25  ? 4.079   -4.488  15.870  1.00 25.34 ? 118 TYR A CG  1 
ATOM   178  C CD1 . TYR A 1 25  ? 3.221   -5.442  16.438  1.00 24.95 ? 118 TYR A CD1 1 
ATOM   179  C CD2 . TYR A 1 25  ? 5.102   -4.941  15.144  1.00 24.03 ? 118 TYR A CD2 1 
ATOM   180  C CE1 . TYR A 1 25  ? 3.439   -6.806  16.247  1.00 26.35 ? 118 TYR A CE1 1 
ATOM   181  C CE2 . TYR A 1 25  ? 5.237   -6.274  14.907  1.00 25.28 ? 118 TYR A CE2 1 
ATOM   182  C CZ  . TYR A 1 25  ? 4.421   -7.190  15.491  1.00 26.00 ? 118 TYR A CZ  1 
ATOM   183  O OH  . TYR A 1 25  ? 4.712   -8.505  15.272  1.00 31.02 ? 118 TYR A OH  1 
ATOM   184  N N   . LEU A 1 26  ? 1.687   -0.939  16.939  1.00 33.02 ? 119 LEU A N   1 
ATOM   185  C CA  . LEU A 1 26  ? 1.550   0.337   17.685  1.00 39.61 ? 119 LEU A CA  1 
ATOM   186  C C   . LEU A 1 26  ? 0.890   1.424   16.844  1.00 37.06 ? 119 LEU A C   1 
ATOM   187  O O   . LEU A 1 26  ? -0.240  1.281   16.486  1.00 37.17 ? 119 LEU A O   1 
ATOM   188  C CB  . LEU A 1 26  ? 2.910   0.781   18.219  1.00 44.25 ? 119 LEU A CB  1 
ATOM   189  C CG  . LEU A 1 26  ? 3.494   -0.241  19.217  1.00 44.61 ? 119 LEU A CG  1 
ATOM   190  C CD1 . LEU A 1 26  ? 4.907   0.188   19.562  1.00 44.69 ? 119 LEU A CD1 1 
ATOM   191  C CD2 . LEU A 1 26  ? 2.560   -0.440  20.437  1.00 44.80 ? 119 LEU A CD2 1 
ATOM   192  N N   . ALA A 1 27  ? 1.603   2.507   16.524  1.00 35.11 ? 120 ALA A N   1 
ATOM   193  C CA  . ALA A 1 27  ? 1.043   3.560   15.668  1.00 42.10 ? 120 ALA A CA  1 
ATOM   194  C C   . ALA A 1 27  ? 0.738   3.056   14.267  1.00 43.51 ? 120 ALA A C   1 
ATOM   195  O O   . ALA A 1 27  ? -0.139  3.610   13.592  1.00 44.41 ? 120 ALA A O   1 
ATOM   196  C CB  . ALA A 1 27  ? 1.989   4.754   15.588  1.00 42.62 ? 120 ALA A CB  1 
ATOM   197  N N   . LYS A 1 28  ? 1.471   2.029   13.830  1.00 37.26 ? 121 LYS A N   1 
ATOM   198  C CA  . LYS A 1 28  ? 1.300   1.402   12.561  1.00 35.16 ? 121 LYS A CA  1 
ATOM   199  C C   . LYS A 1 28  ? 0.542   0.065   12.649  1.00 31.07 ? 121 LYS A C   1 
ATOM   200  O O   . LYS A 1 28  ? 0.677   -0.817  11.825  1.00 31.50 ? 121 LYS A O   1 
ATOM   201  C CB  . LYS A 1 28  ? 2.621   1.226   11.871  1.00 37.53 ? 121 LYS A CB  1 
ATOM   202  C CG  . LYS A 1 28  ? 3.332   2.530   11.568  1.00 40.68 ? 121 LYS A CG  1 
ATOM   203  C CD  . LYS A 1 28  ? 4.540   2.257   10.680  1.00 49.79 ? 121 LYS A CD  1 
ATOM   204  C CE  . LYS A 1 28  ? 5.119   3.551   10.128  1.00 62.90 ? 121 LYS A CE  1 
ATOM   205  N NZ  . LYS A 1 28  ? 6.425   3.304   9.471   1.00 65.62 ? 121 LYS A NZ  1 
ATOM   206  N N   . SER A 1 29  ? -0.300  -0.061  13.650  1.00 29.09 ? 122 SER A N   1 
ATOM   207  C CA  . SER A 1 29  ? -0.998  -1.293  13.937  1.00 35.93 ? 122 SER A CA  1 
ATOM   208  C C   . SER A 1 29  ? -2.048  -1.824  12.964  1.00 40.09 ? 122 SER A C   1 
ATOM   209  O O   . SER A 1 29  ? -2.467  -3.021  13.085  1.00 43.50 ? 122 SER A O   1 
ATOM   210  C CB  . SER A 1 29  ? -1.712  -1.118  15.296  1.00 37.32 ? 122 SER A CB  1 
ATOM   211  O OG  . SER A 1 29  ? -2.375  -2.323  15.466  1.00 50.85 ? 122 SER A OG  1 
ATOM   212  N N   . GLY A 1 30  ? -2.489  -0.999  12.029  1.00 29.75 ? 123 GLY A N   1 
ATOM   213  C CA  . GLY A 1 30  ? -3.493  -1.490  11.018  1.00 28.41 ? 123 GLY A CA  1 
ATOM   214  C C   . GLY A 1 30  ? -2.787  -1.943  9.748   1.00 27.96 ? 123 GLY A C   1 
ATOM   215  O O   . GLY A 1 30  ? -1.571  -2.218  9.785   1.00 29.27 ? 123 GLY A O   1 
ATOM   216  N N   . TRP A 1 31  ? -3.560  -2.015  8.672   1.00 24.06 ? 124 TRP A N   1 
ATOM   217  C CA  . TRP A 1 31  ? -3.084  -2.523  7.429   1.00 21.37 ? 124 TRP A CA  1 
ATOM   218  C C   . TRP A 1 31  ? -2.785  -1.423  6.487   1.00 23.04 ? 124 TRP A C   1 
ATOM   219  O O   . TRP A 1 31  ? -3.565  -0.471  6.395   1.00 25.30 ? 124 TRP A O   1 
ATOM   220  C CB  . TRP A 1 31  ? -4.180  -3.427  6.802   1.00 21.69 ? 124 TRP A CB  1 
ATOM   221  C CG  . TRP A 1 31  ? -4.412  -4.726  7.535   1.00 22.87 ? 124 TRP A CG  1 
ATOM   222  C CD1 . TRP A 1 31  ? -5.322  -4.969  8.510   1.00 25.45 ? 124 TRP A CD1 1 
ATOM   223  C CD2 . TRP A 1 31  ? -3.606  -5.904  7.456   1.00 22.45 ? 124 TRP A CD2 1 
ATOM   224  N NE1 . TRP A 1 31  ? -5.168  -6.272  9.012   1.00 25.06 ? 124 TRP A NE1 1 
ATOM   225  C CE2 . TRP A 1 31  ? -4.135  -6.863  8.351   1.00 25.11 ? 124 TRP A CE2 1 
ATOM   226  C CE3 . TRP A 1 31  ? -2.556  -6.275  6.639   1.00 22.47 ? 124 TRP A CE3 1 
ATOM   227  C CZ2 . TRP A 1 31  ? -3.650  -8.167  8.425   1.00 25.62 ? 124 TRP A CZ2 1 
ATOM   228  C CZ3 . TRP A 1 31  ? -2.022  -7.549  6.753   1.00 24.41 ? 124 TRP A CZ3 1 
ATOM   229  C CH2 . TRP A 1 31  ? -2.525  -8.461  7.681   1.00 26.91 ? 124 TRP A CH2 1 
ATOM   230  N N   . GLY A 1 32  ? -1.706  -1.569  5.694   1.00 22.24 ? 125 GLY A N   1 
ATOM   231  C CA  . GLY A 1 32  ? -1.343  -0.527  4.784   1.00 22.78 ? 125 GLY A CA  1 
ATOM   232  C C   . GLY A 1 32  ? -0.468  -1.165  3.717   1.00 20.22 ? 125 GLY A C   1 
ATOM   233  O O   . GLY A 1 32  ? -0.053  -2.301  3.809   1.00 22.37 ? 125 GLY A O   1 
ATOM   234  N N   . PHE A 1 33  ? -0.221  -0.401  2.638   1.00 22.79 ? 126 PHE A N   1 
ATOM   235  C CA  . PHE A 1 33  ? 0.730   -0.799  1.637   1.00 20.32 ? 126 PHE A CA  1 
ATOM   236  C C   . PHE A 1 33  ? 2.144   -0.698  2.195   1.00 23.22 ? 126 PHE A C   1 
ATOM   237  O O   . PHE A 1 33  ? 2.430   0.183   2.983   1.00 24.14 ? 126 PHE A O   1 
ATOM   238  C CB  . PHE A 1 33  ? 0.569   0.070   0.381   1.00 20.68 ? 126 PHE A CB  1 
ATOM   239  C CG  . PHE A 1 33  ? -0.735  -0.124  -0.285  1.00 22.76 ? 126 PHE A CG  1 
ATOM   240  C CD1 . PHE A 1 33  ? -1.046  -1.287  -0.972  1.00 22.50 ? 126 PHE A CD1 1 
ATOM   241  C CD2 . PHE A 1 33  ? -1.762  0.785   -0.087  1.00 25.15 ? 126 PHE A CD2 1 
ATOM   242  C CE1 . PHE A 1 33  ? -2.272  -1.470  -1.567  1.00 24.93 ? 126 PHE A CE1 1 
ATOM   243  C CE2 . PHE A 1 33  ? -3.012  0.589   -0.685  1.00 23.50 ? 126 PHE A CE2 1 
ATOM   244  C CZ  . PHE A 1 33  ? -3.283  -0.530  -1.420  1.00 24.93 ? 126 PHE A CZ  1 
ATOM   245  N N   . PRO A 1 34  ? 3.016   -1.643  1.794   1.00 22.12 ? 127 PRO A N   1 
ATOM   246  C CA  . PRO A 1 34  ? 4.412   -1.548  2.146   1.00 22.75 ? 127 PRO A CA  1 
ATOM   247  C C   . PRO A 1 34  ? 5.077   -0.299  1.575   1.00 25.96 ? 127 PRO A C   1 
ATOM   248  O O   . PRO A 1 34  ? 5.002   -0.047  0.366   1.00 24.00 ? 127 PRO A O   1 
ATOM   249  C CB  . PRO A 1 34  ? 4.998   -2.886  1.673   1.00 21.64 ? 127 PRO A CB  1 
ATOM   250  C CG  . PRO A 1 34  ? 4.129   -3.251  0.498   1.00 22.35 ? 127 PRO A CG  1 
ATOM   251  C CD  . PRO A 1 34  ? 2.749   -2.760  0.906   1.00 21.30 ? 127 PRO A CD  1 
ATOM   252  N N   . LYS A 1 35  ? 5.734   0.479   2.437   1.00 25.14 ? 128 LYS A N   1 
ATOM   253  C CA  . LYS A 1 35  ? 6.332   1.746   2.103   1.00 26.45 ? 128 LYS A CA  1 
ATOM   254  C C   . LYS A 1 35  ? 7.164   2.248   3.271   1.00 27.81 ? 128 LYS A C   1 
ATOM   255  O O   . LYS A 1 35  ? 6.927   1.866   4.405   1.00 28.18 ? 128 LYS A O   1 
ATOM   256  C CB  . LYS A 1 35  ? 5.330   2.805   1.732   1.00 27.24 ? 128 LYS A CB  1 
ATOM   257  C CG  . LYS A 1 35  ? 4.345   3.252   2.816   1.00 28.76 ? 128 LYS A CG  1 
ATOM   258  C CD  . LYS A 1 35  ? 3.474   4.382   2.364   1.00 32.52 ? 128 LYS A CD  1 
ATOM   259  C CE  . LYS A 1 35  ? 2.556   4.957   3.496   1.00 38.94 ? 128 LYS A CE  1 
ATOM   260  N NZ  . LYS A 1 35  ? 3.380   5.911   4.297   1.00 50.74 ? 128 LYS A NZ  1 
ATOM   261  N N   . GLY A 1 36  ? 7.995   3.203   2.976   1.00 29.28 ? 129 GLY A N   1 
ATOM   262  C CA  . GLY A 1 36  ? 8.816   3.851   3.993   1.00 28.74 ? 129 GLY A CA  1 
ATOM   263  C C   . GLY A 1 36  ? 9.537   5.059   3.469   1.00 29.91 ? 129 GLY A C   1 
ATOM   264  O O   . GLY A 1 36  ? 9.452   5.452   2.328   1.00 28.92 ? 129 GLY A O   1 
ATOM   265  N N   . LYS A 1 37  ? 10.277  5.692   4.408   1.00 31.77 ? 130 LYS A N   1 
ATOM   266  C CA  . LYS A 1 37  ? 10.905  6.970   4.169   1.00 34.05 ? 130 LYS A CA  1 
ATOM   267  C C   . LYS A 1 37  ? 12.157  6.875   3.302   1.00 28.30 ? 130 LYS A C   1 
ATOM   268  O O   . LYS A 1 37  ? 12.905  5.928   3.434   1.00 35.42 ? 130 LYS A O   1 
ATOM   269  C CB  . LYS A 1 37  ? 11.230  7.591   5.584   1.00 37.98 ? 130 LYS A CB  1 
ATOM   270  C CG  . LYS A 1 37  ? 10.073  8.354   6.231   1.00 42.57 ? 130 LYS A CG  1 
ATOM   271  C CD  . LYS A 1 37  ? 10.460  9.041   7.554   1.00 49.45 ? 130 LYS A CD  1 
ATOM   272  N N   . VAL A 1 38  ? 12.318  7.801   2.380   1.00 32.80 ? 131 VAL A N   1 
ATOM   273  C CA  . VAL A 1 38  ? 13.462  7.822   1.503   1.00 39.89 ? 131 VAL A CA  1 
ATOM   274  C C   . VAL A 1 38  ? 14.719  8.196   2.334   1.00 40.70 ? 131 VAL A C   1 
ATOM   275  O O   . VAL A 1 38  ? 14.626  9.045   3.206   1.00 42.07 ? 131 VAL A O   1 
ATOM   276  C CB  . VAL A 1 38  ? 13.248  8.748   0.302   1.00 39.34 ? 131 VAL A CB  1 
ATOM   277  C CG1 . VAL A 1 38  ? 13.053  10.233  0.726   1.00 40.77 ? 131 VAL A CG1 1 
ATOM   278  C CG2 . VAL A 1 38  ? 14.357  8.562   -0.722  1.00 43.94 ? 131 VAL A CG2 1 
ATOM   279  N N   . ASN A 1 39  ? 15.837  7.527   2.060   1.00 40.77 ? 132 ASN A N   1 
ATOM   280  C CA  . ASN A 1 39  ? 17.169  7.907   2.686   1.00 43.71 ? 132 ASN A CA  1 
ATOM   281  C C   . ASN A 1 39  ? 17.839  9.064   1.877   1.00 48.46 ? 132 ASN A C   1 
ATOM   282  O O   . ASN A 1 39  ? 17.530  9.272   0.715   1.00 46.49 ? 132 ASN A O   1 
ATOM   283  C CB  . ASN A 1 39  ? 18.109  6.705   2.719   1.00 43.52 ? 132 ASN A CB  1 
ATOM   284  C CG  . ASN A 1 39  ? 17.680  5.599   3.659   1.00 42.24 ? 132 ASN A CG  1 
ATOM   285  O OD1 . ASN A 1 39  ? 17.063  5.815   4.722   1.00 49.76 ? 132 ASN A OD1 1 
ATOM   286  N ND2 . ASN A 1 39  ? 18.027  4.394   3.303   1.00 41.36 ? 132 ASN A ND2 1 
ATOM   287  N N   . LYS A 1 40  ? 18.760  9.827   2.500   1.00 52.74 ? 133 LYS A N   1 
ATOM   288  C CA  . LYS A 1 40  ? 19.709  10.730  1.765   1.00 55.02 ? 133 LYS A CA  1 
ATOM   289  C C   . LYS A 1 40  ? 20.212  10.218  0.416   1.00 44.08 ? 133 LYS A C   1 
ATOM   290  O O   . LYS A 1 40  ? 20.783  9.130   0.363   1.00 53.04 ? 133 LYS A O   1 
ATOM   291  C CB  . LYS A 1 40  ? 20.992  10.965  2.612   1.00 52.68 ? 133 LYS A CB  1 
ATOM   292  N N   . GLU A 1 41  ? 20.027  11.010  -0.638  1.00 53.17 ? 134 GLU A N   1 
ATOM   293  C CA  . GLU A 1 41  ? 20.523  10.725  -1.999  1.00 61.54 ? 134 GLU A CA  1 
ATOM   294  C C   . GLU A 1 41  ? 19.921  9.462   -2.675  1.00 62.58 ? 134 GLU A C   1 
ATOM   295  O O   . GLU A 1 41  ? 20.334  9.135   -3.801  1.00 65.60 ? 134 GLU A O   1 
ATOM   296  C CB  . GLU A 1 41  ? 22.075  10.681  -2.029  1.00 64.68 ? 134 GLU A CB  1 
ATOM   297  N N   . GLU A 1 42  ? 18.917  8.801   -2.044  1.00 52.31 ? 135 GLU A N   1 
ATOM   298  C CA  . GLU A 1 42  ? 18.395  7.515   -2.556  1.00 40.91 ? 135 GLU A CA  1 
ATOM   299  C C   . GLU A 1 42  ? 17.320  7.816   -3.574  1.00 44.12 ? 135 GLU A C   1 
ATOM   300  O O   . GLU A 1 42  ? 16.533  8.705   -3.362  1.00 42.36 ? 135 GLU A O   1 
ATOM   301  C CB  . GLU A 1 42  ? 17.848  6.640   -1.425  1.00 40.71 ? 135 GLU A CB  1 
ATOM   302  C CG  . GLU A 1 42  ? 17.157  5.330   -1.839  1.00 36.52 ? 135 GLU A CG  1 
ATOM   303  C CD  . GLU A 1 42  ? 16.578  4.615   -0.652  1.00 35.28 ? 135 GLU A CD  1 
ATOM   304  O OE1 . GLU A 1 42  ? 15.981  5.327   0.196   1.00 37.59 ? 135 GLU A OE1 1 
ATOM   305  O OE2 . GLU A 1 42  ? 16.701  3.383   -0.566  1.00 38.82 ? 135 GLU A OE2 1 
ATOM   306  N N   . ALA A 1 43  ? 17.328  7.080   -4.686  1.00 40.64 ? 136 ALA A N   1 
ATOM   307  C CA  . ALA A 1 43  ? 16.418  7.316   -5.805  1.00 41.18 ? 136 ALA A CA  1 
ATOM   308  C C   . ALA A 1 43  ? 15.027  6.748   -5.362  1.00 36.38 ? 136 ALA A C   1 
ATOM   309  O O   . ALA A 1 43  ? 15.037  5.822   -4.605  1.00 35.64 ? 136 ALA A O   1 
ATOM   310  C CB  . ALA A 1 43  ? 16.889  6.595   -7.026  1.00 41.87 ? 136 ALA A CB  1 
ATOM   311  N N   . PRO A 1 44  ? 13.930  7.300   -5.872  1.00 41.62 ? 137 PRO A N   1 
ATOM   312  C CA  . PRO A 1 44  ? 12.575  6.787   -5.522  1.00 38.26 ? 137 PRO A CA  1 
ATOM   313  C C   . PRO A 1 44  ? 12.431  5.293   -5.781  1.00 35.34 ? 137 PRO A C   1 
ATOM   314  O O   . PRO A 1 44  ? 11.928  4.572   -4.904  1.00 32.08 ? 137 PRO A O   1 
ATOM   315  C CB  . PRO A 1 44  ? 11.672  7.598   -6.453  1.00 44.56 ? 137 PRO A CB  1 
ATOM   316  C CG  . PRO A 1 44  ? 12.407  8.948   -6.604  1.00 41.85 ? 137 PRO A CG  1 
ATOM   317  C CD  . PRO A 1 44  ? 13.849  8.486   -6.747  1.00 41.65 ? 137 PRO A CD  1 
ATOM   318  N N   . HIS A 1 45  ? 12.786  4.823   -6.966  1.00 33.83 ? 138 HIS A N   1 
ATOM   319  C CA  . HIS A 1 45  ? 12.693  3.364   -7.234  1.00 36.26 ? 138 HIS A CA  1 
ATOM   320  C C   . HIS A 1 45  ? 13.486  2.500   -6.298  1.00 33.19 ? 138 HIS A C   1 
ATOM   321  O O   . HIS A 1 45  ? 13.064  1.377   -5.898  1.00 28.75 ? 138 HIS A O   1 
ATOM   322  C CB  . HIS A 1 45  ? 12.931  3.082   -8.733  1.00 43.49 ? 138 HIS A CB  1 
ATOM   323  C CG  . HIS A 1 45  ? 14.360  3.166   -9.153  1.00 55.25 ? 138 HIS A CG  1 
ATOM   324  N ND1 . HIS A 1 45  ? 14.939  4.350   -9.582  1.00 65.53 ? 138 HIS A ND1 1 
ATOM   325  C CD2 . HIS A 1 45  ? 15.325  2.212   -9.259  1.00 57.72 ? 138 HIS A CD2 1 
ATOM   326  C CE1 . HIS A 1 45  ? 16.199  4.119   -9.928  1.00 56.81 ? 138 HIS A CE1 1 
ATOM   327  N NE2 . HIS A 1 45  ? 16.453  2.831   -9.752  1.00 59.12 ? 138 HIS A NE2 1 
ATOM   328  N N   . ASP A 1 46  ? 14.681  2.950   -5.880  1.00 31.56 ? 139 ASP A N   1 
ATOM   329  C CA  . ASP A 1 46  ? 15.463  2.172   -4.965  1.00 34.66 ? 139 ASP A CA  1 
ATOM   330  C C   . ASP A 1 46  ? 14.830  2.140   -3.555  1.00 30.20 ? 139 ASP A C   1 
ATOM   331  O O   . ASP A 1 46  ? 14.897  1.115   -2.889  1.00 31.83 ? 139 ASP A O   1 
ATOM   332  C CB  . ASP A 1 46  ? 16.903  2.708   -4.881  1.00 34.31 ? 139 ASP A CB  1 
ATOM   333  C CG  . ASP A 1 46  ? 17.702  2.463   -6.162  1.00 43.12 ? 139 ASP A CG  1 
ATOM   334  O OD1 . ASP A 1 46  ? 17.535  1.395   -6.788  1.00 39.17 ? 139 ASP A OD1 1 
ATOM   335  O OD2 . ASP A 1 46  ? 18.550  3.335   -6.513  1.00 46.50 ? 139 ASP A OD2 1 
ATOM   336  N N   . CYS A 1 47  ? 14.301  3.278   -3.098  1.00 31.91 ? 140 CYS A N   1 
ATOM   337  C CA  . CYS A 1 47  ? 13.622  3.356   -1.815  1.00 28.90 ? 140 CYS A CA  1 
ATOM   338  C C   . CYS A 1 47  ? 12.408  2.386   -1.839  1.00 25.63 ? 140 CYS A C   1 
ATOM   339  O O   . CYS A 1 47  ? 12.264  1.592   -0.926  1.00 25.70 ? 140 CYS A O   1 
ATOM   340  C CB  . CYS A 1 47  ? 13.135  4.755   -1.554  1.00 29.92 ? 140 CYS A CB  1 
ATOM   341  S SG  . CYS A 1 47  ? 12.140  4.859   -0.051  1.00 32.61 ? 140 CYS A SG  1 
ATOM   342  N N   . ALA A 1 48  ? 11.615  2.471   -2.904  1.00 28.43 ? 141 ALA A N   1 
ATOM   343  C CA  . ALA A 1 48  ? 10.418  1.520   -2.975  1.00 25.40 ? 141 ALA A CA  1 
ATOM   344  C C   . ALA A 1 48  ? 10.835  0.114   -2.845  1.00 25.83 ? 141 ALA A C   1 
ATOM   345  O O   . ALA A 1 48  ? 10.275  -0.688  -2.130  1.00 24.33 ? 141 ALA A O   1 
ATOM   346  C CB  . ALA A 1 48  ? 9.641   1.742   -4.247  1.00 25.81 ? 141 ALA A CB  1 
ATOM   347  N N   . ALA A 1 49  ? 11.832  -0.302  -3.654  1.00 26.27 ? 142 ALA A N   1 
ATOM   348  C CA  . ALA A 1 49  ? 12.254  -1.668  -3.544  1.00 25.04 ? 142 ALA A CA  1 
ATOM   349  C C   . ALA A 1 49  ? 12.827  -2.059  -2.199  1.00 25.05 ? 142 ALA A C   1 
ATOM   350  O O   . ALA A 1 49  ? 12.575  -3.145  -1.741  1.00 25.89 ? 142 ALA A O   1 
ATOM   351  C CB  . ALA A 1 49  ? 13.270  -1.982  -4.628  1.00 27.35 ? 142 ALA A CB  1 
ATOM   352  N N   . ARG A 1 50  ? 13.630  -1.169  -1.617  1.00 24.06 ? 143 ARG A N   1 
ATOM   353  C CA  . ARG A 1 50  ? 14.191  -1.407  -0.327  1.00 25.85 ? 143 ARG A CA  1 
ATOM   354  C C   . ARG A 1 50  ? 13.148  -1.600  0.757   1.00 28.20 ? 143 ARG A C   1 
ATOM   355  O O   . ARG A 1 50  ? 13.177  -2.561  1.544   1.00 26.22 ? 143 ARG A O   1 
ATOM   356  C CB  . ARG A 1 50  ? 15.100  -0.245  0.062   1.00 28.35 ? 143 ARG A CB  1 
ATOM   357  C CG  . ARG A 1 50  ? 15.791  -0.480  1.393   1.00 32.36 ? 143 ARG A CG  1 
ATOM   358  C CD  . ARG A 1 50  ? 16.713  0.683   1.757   1.00 32.91 ? 143 ARG A CD  1 
ATOM   359  N NE  . ARG A 1 50  ? 16.105  2.002   1.688   1.00 33.19 ? 143 ARG A NE  1 
ATOM   360  C CZ  . ARG A 1 50  ? 15.287  2.585   2.621   1.00 34.54 ? 143 ARG A CZ  1 
ATOM   361  N NH1 . ARG A 1 50  ? 14.957  1.968   3.747   1.00 39.09 ? 143 ARG A NH1 1 
ATOM   362  N NH2 . ARG A 1 50  ? 14.798  3.758   2.414   1.00 36.59 ? 143 ARG A NH2 1 
ATOM   363  N N   . GLU A 1 51  ? 12.212  -0.659  0.792   1.00 28.88 ? 144 GLU A N   1 
ATOM   364  C CA  . GLU A 1 51  ? 11.116  -0.739  1.800   1.00 27.45 ? 144 GLU A CA  1 
ATOM   365  C C   . GLU A 1 51  ? 10.257  -1.970  1.608   1.00 24.82 ? 144 GLU A C   1 
ATOM   366  O O   . GLU A 1 51  ? 9.908   -2.659  2.558   1.00 26.71 ? 144 GLU A O   1 
ATOM   367  C CB  . GLU A 1 51  ? 10.291  0.458   1.755   1.00 31.19 ? 144 GLU A CB  1 
ATOM   368  C CG  . GLU A 1 51  ? 11.039  1.682   2.175   1.00 32.11 ? 144 GLU A CG  1 
ATOM   369  C CD  . GLU A 1 51  ? 11.248  1.785   3.671   1.00 40.78 ? 144 GLU A CD  1 
ATOM   370  O OE1 . GLU A 1 51  ? 10.703  0.962   4.467   1.00 39.21 ? 144 GLU A OE1 1 
ATOM   371  O OE2 . GLU A 1 51  ? 11.958  2.749   4.052   1.00 45.76 ? 144 GLU A OE2 1 
ATOM   372  N N   . VAL A 1 52  ? 9.900   -2.242  0.365   1.00 23.75 ? 145 VAL A N   1 
ATOM   373  C CA  . VAL A 1 52  ? 9.105   -3.413  0.106   1.00 23.16 ? 145 VAL A CA  1 
ATOM   374  C C   . VAL A 1 52  ? 9.828   -4.699  0.464   1.00 26.26 ? 145 VAL A C   1 
ATOM   375  O O   . VAL A 1 52  ? 9.239   -5.633  1.019   1.00 25.72 ? 145 VAL A O   1 
ATOM   376  C CB  . VAL A 1 52  ? 8.522   -3.341  -1.317  1.00 23.24 ? 145 VAL A CB  1 
ATOM   377  C CG1 . VAL A 1 52  ? 7.843   -4.600  -1.617  1.00 25.22 ? 145 VAL A CG1 1 
ATOM   378  C CG2 . VAL A 1 52  ? 7.594   -2.210  -1.520  1.00 26.20 ? 145 VAL A CG2 1 
ATOM   379  N N   . PHE A 1 53  ? 11.151  -4.799  0.130   1.00 25.50 ? 146 PHE A N   1 
ATOM   380  C CA  . PHE A 1 53  ? 11.862  -6.014  0.495   1.00 24.05 ? 146 PHE A CA  1 
ATOM   381  C C   . PHE A 1 53  ? 12.026  -6.119  2.049   1.00 25.37 ? 146 PHE A C   1 
ATOM   382  O O   . PHE A 1 53  ? 11.829  -7.170  2.582   1.00 29.56 ? 146 PHE A O   1 
ATOM   383  C CB  . PHE A 1 53  ? 13.238  -6.025  -0.168  1.00 24.63 ? 146 PHE A CB  1 
ATOM   384  C CG  . PHE A 1 53  ? 13.948  -7.305  -0.005  1.00 28.54 ? 146 PHE A CG  1 
ATOM   385  C CD1 . PHE A 1 53  ? 13.659  -8.395  -0.755  1.00 32.69 ? 146 PHE A CD1 1 
ATOM   386  C CD2 . PHE A 1 53  ? 14.961  -7.390  0.973   1.00 38.10 ? 146 PHE A CD2 1 
ATOM   387  C CE1 . PHE A 1 53  ? 14.289  -9.601  -0.536  1.00 40.12 ? 146 PHE A CE1 1 
ATOM   388  C CE2 . PHE A 1 53  ? 15.639  -8.581  1.146   1.00 40.50 ? 146 PHE A CE2 1 
ATOM   389  C CZ  . PHE A 1 53  ? 15.262  -9.699  0.409   1.00 39.80 ? 146 PHE A CZ  1 
ATOM   390  N N   . GLU A 1 54  ? 12.266  -4.994  2.679   1.00 25.72 ? 147 GLU A N   1 
ATOM   391  C CA  . GLU A 1 54  ? 12.356  -4.998  4.202   1.00 29.73 ? 147 GLU A CA  1 
ATOM   392  C C   . GLU A 1 54  ? 11.055  -5.485  4.846   1.00 30.35 ? 147 GLU A C   1 
ATOM   393  O O   . GLU A 1 54  ? 11.044  -6.207  5.835   1.00 32.07 ? 147 GLU A O   1 
ATOM   394  C CB  . GLU A 1 54  ? 12.652  -3.602  4.736   1.00 35.81 ? 147 GLU A CB  1 
ATOM   395  C CG  . GLU A 1 54  ? 14.097  -3.140  4.631   1.00 47.76 ? 147 GLU A CG  1 
ATOM   396  C CD  . GLU A 1 54  ? 14.327  -1.682  5.112   1.00 51.68 ? 147 GLU A CD  1 
ATOM   397  O OE1 . GLU A 1 54  ? 13.367  -1.035  5.659   1.00 55.55 ? 147 GLU A OE1 1 
ATOM   398  O OE2 . GLU A 1 54  ? 15.496  -1.164  4.929   1.00 55.65 ? 147 GLU A OE2 1 
ATOM   399  N N   . GLU A 1 55  ? 9.921   -5.026  4.294   1.00 28.14 ? 148 GLU A N   1 
ATOM   400  C CA  . GLU A 1 55  ? 8.615   -5.355  4.885   1.00 28.46 ? 148 GLU A CA  1 
ATOM   401  C C   . GLU A 1 55  ? 7.969   -6.660  4.449   1.00 26.62 ? 148 GLU A C   1 
ATOM   402  O O   . GLU A 1 55  ? 7.087   -7.147  5.103   1.00 30.19 ? 148 GLU A O   1 
ATOM   403  C CB  . GLU A 1 55  ? 7.690   -4.154  4.693   1.00 26.97 ? 148 GLU A CB  1 
ATOM   404  C CG  . GLU A 1 55  ? 8.224   -2.926  5.387   1.00 30.91 ? 148 GLU A CG  1 
ATOM   405  C CD  . GLU A 1 55  ? 7.417   -1.686  5.176   1.00 38.70 ? 148 GLU A CD  1 
ATOM   406  O OE1 . GLU A 1 55  ? 6.281   -1.797  4.747   1.00 32.64 ? 148 GLU A OE1 1 
ATOM   407  O OE2 . GLU A 1 55  ? 8.008   -0.598  5.342   1.00 43.59 ? 148 GLU A OE2 1 
ATOM   408  N N   . THR A 1 56  ? 8.345   -7.179  3.268   1.00 25.64 ? 149 THR A N   1 
ATOM   409  C CA  . THR A 1 56  ? 7.679   -8.350  2.689   1.00 26.10 ? 149 THR A CA  1 
ATOM   410  C C   . THR A 1 56  ? 8.606   -9.459  2.247   1.00 26.33 ? 149 THR A C   1 
ATOM   411  O O   . THR A 1 56  ? 8.124   -10.517 1.956   1.00 28.65 ? 149 THR A O   1 
ATOM   412  C CB  . THR A 1 56  ? 6.862   -8.010  1.395   1.00 28.78 ? 149 THR A CB  1 
ATOM   413  O OG1 . THR A 1 56  ? 7.722   -7.645  0.314   1.00 26.03 ? 149 THR A OG1 1 
ATOM   414  C CG2 . THR A 1 56  ? 6.004   -6.778  1.622   1.00 24.64 ? 149 THR A CG2 1 
ATOM   415  N N   . GLY A 1 57  ? 9.860   -9.167  2.091   1.00 28.88 ? 150 GLY A N   1 
ATOM   416  C CA  . GLY A 1 57  ? 10.831  -10.155 1.593   1.00 31.38 ? 150 GLY A CA  1 
ATOM   417  C C   . GLY A 1 57  ? 10.746  -10.414 0.088   1.00 32.45 ? 150 GLY A C   1 
ATOM   418  O O   . GLY A 1 57  ? 11.346  -11.352 -0.401  1.00 35.00 ? 150 GLY A O   1 
ATOM   419  N N   . PHE A 1 58  ? 10.008  -9.591  -0.635  1.00 29.03 ? 151 PHE A N   1 
ATOM   420  C CA  . PHE A 1 58  ? 9.813   -9.775  -2.062  1.00 27.86 ? 151 PHE A CA  1 
ATOM   421  C C   . PHE A 1 58  ? 10.503  -8.628  -2.716  1.00 27.67 ? 151 PHE A C   1 
ATOM   422  O O   . PHE A 1 58  ? 10.341  -7.437  -2.390  1.00 28.86 ? 151 PHE A O   1 
ATOM   423  C CB  . PHE A 1 58  ? 8.361   -9.931  -2.388  1.00 31.27 ? 151 PHE A CB  1 
ATOM   424  C CG  . PHE A 1 58  ? 8.107   -10.126 -3.872  1.00 27.66 ? 151 PHE A CG  1 
ATOM   425  C CD1 . PHE A 1 58  ? 8.243   -11.368 -4.429  1.00 30.10 ? 151 PHE A CD1 1 
ATOM   426  C CD2 . PHE A 1 58  ? 7.814   -9.038  -4.663  1.00 29.90 ? 151 PHE A CD2 1 
ATOM   427  C CE1 . PHE A 1 58  ? 8.015   -11.556 -5.787  1.00 33.68 ? 151 PHE A CE1 1 
ATOM   428  C CE2 . PHE A 1 58  ? 7.575   -9.204  -6.041  1.00 31.99 ? 151 PHE A CE2 1 
ATOM   429  C CZ  . PHE A 1 58  ? 7.719   -10.489 -6.565  1.00 31.98 ? 151 PHE A CZ  1 
ATOM   430  N N   . ASP A 1 59  ? 11.288  -8.936  -3.766  1.00 28.66 ? 152 ASP A N   1 
ATOM   431  C CA  . ASP A 1 59  ? 12.066  -7.933  -4.446  1.00 30.63 ? 152 ASP A CA  1 
ATOM   432  C C   . ASP A 1 59  ? 11.391  -7.504  -5.720  1.00 31.38 ? 152 ASP A C   1 
ATOM   433  O O   . ASP A 1 59  ? 11.199  -8.304  -6.679  1.00 30.70 ? 152 ASP A O   1 
ATOM   434  C CB  . ASP A 1 59  ? 13.477  -8.506  -4.742  1.00 32.49 ? 152 ASP A CB  1 
ATOM   435  C CG  . ASP A 1 59  ? 14.375  -7.548  -5.426  1.00 35.78 ? 152 ASP A CG  1 
ATOM   436  O OD1 . ASP A 1 59  ? 14.105  -6.349  -5.682  1.00 33.42 ? 152 ASP A OD1 1 
ATOM   437  O OD2 . ASP A 1 59  ? 15.490  -8.032  -5.766  1.00 44.94 ? 152 ASP A OD2 1 
ATOM   438  N N   . ILE A 1 60  ? 11.024  -6.241  -5.758  1.00 26.89 ? 153 ILE A N   1 
ATOM   439  C CA  . ILE A 1 60  ? 10.248  -5.657  -6.916  1.00 25.23 ? 153 ILE A CA  1 
ATOM   440  C C   . ILE A 1 60  ? 11.125  -5.036  -7.965  1.00 27.84 ? 153 ILE A C   1 
ATOM   441  O O   . ILE A 1 60  ? 10.670  -4.497  -8.900  1.00 29.15 ? 153 ILE A O   1 
ATOM   442  C CB  . ILE A 1 60  ? 9.169   -4.687  -6.497  1.00 28.69 ? 153 ILE A CB  1 
ATOM   443  C CG1 . ILE A 1 60  ? 9.751   -3.457  -5.826  1.00 29.60 ? 153 ILE A CG1 1 
ATOM   444  C CG2 . ILE A 1 60  ? 8.178   -5.344  -5.594  1.00 28.42 ? 153 ILE A CG2 1 
ATOM   445  C CD1 . ILE A 1 60  ? 8.704   -2.401  -5.589  1.00 30.73 ? 153 ILE A CD1 1 
ATOM   446  N N   . LYS A 1 61  ? 12.404  -5.015  -7.731  1.00 28.79 ? 154 LYS A N   1 
ATOM   447  C CA  . LYS A 1 61  ? 13.296  -4.250  -8.535  1.00 31.01 ? 154 LYS A CA  1 
ATOM   448  C C   . LYS A 1 61  ? 13.117  -4.570  -10.056 1.00 29.30 ? 154 LYS A C   1 
ATOM   449  O O   . LYS A 1 61  ? 13.050  -3.645  -10.801 1.00 33.75 ? 154 LYS A O   1 
ATOM   450  C CB  . LYS A 1 61  ? 14.746  -4.545  -8.106  1.00 35.58 ? 154 LYS A CB  1 
ATOM   451  C CG  . LYS A 1 61  ? 15.833  -4.255  -9.121  1.00 50.27 ? 154 LYS A CG  1 
ATOM   452  C CD  . LYS A 1 61  ? 17.262  -4.317  -8.517  1.00 54.96 ? 154 LYS A CD  1 
ATOM   453  C CE  . LYS A 1 61  ? 17.587  -5.614  -7.757  1.00 61.79 ? 154 LYS A CE  1 
ATOM   454  N NZ  . LYS A 1 61  ? 17.787  -6.801  -8.644  1.00 72.11 ? 154 LYS A NZ  1 
ATOM   455  N N   . ASP A 1 62  ? 13.069  -5.833  -10.370 1.00 32.66 ? 155 ASP A N   1 
ATOM   456  C CA  . ASP A 1 62  ? 12.982  -6.267  -11.818 1.00 32.77 ? 155 ASP A CA  1 
ATOM   457  C C   . ASP A 1 62  ? 11.580  -5.911  -12.409 1.00 36.53 ? 155 ASP A C   1 
ATOM   458  O O   . ASP A 1 62  ? 11.385  -5.901  -13.669 1.00 33.52 ? 155 ASP A O   1 
ATOM   459  C CB  . ASP A 1 62  ? 13.212  -7.767  -11.894 1.00 37.44 ? 155 ASP A CB  1 
ATOM   460  C CG  . ASP A 1 62  ? 14.685  -8.202  -11.683 1.00 44.35 ? 155 ASP A CG  1 
ATOM   461  O OD1 . ASP A 1 62  ? 15.599  -7.372  -11.696 1.00 45.89 ? 155 ASP A OD1 1 
ATOM   462  O OD2 . ASP A 1 62  ? 14.904  -9.422  -11.542 1.00 46.28 ? 155 ASP A OD2 1 
ATOM   463  N N   . TYR A 1 63  ? 10.584  -5.567  -11.545 1.00 30.69 ? 156 TYR A N   1 
ATOM   464  C CA  . TYR A 1 63  ? 9.194   -5.297  -12.020 1.00 33.27 ? 156 TYR A CA  1 
ATOM   465  C C   . TYR A 1 63  ? 8.710   -3.873  -12.004 1.00 30.42 ? 156 TYR A C   1 
ATOM   466  O O   . TYR A 1 63  ? 7.696   -3.508  -12.621 1.00 35.22 ? 156 TYR A O   1 
ATOM   467  C CB  . TYR A 1 63  ? 8.246   -6.121  -11.234 1.00 32.15 ? 156 TYR A CB  1 
ATOM   468  C CG  . TYR A 1 63  ? 8.670   -7.473  -11.128 1.00 33.17 ? 156 TYR A CG  1 
ATOM   469  C CD1 . TYR A 1 63  ? 8.992   -8.189  -12.309 1.00 35.04 ? 156 TYR A CD1 1 
ATOM   470  C CD2 . TYR A 1 63  ? 8.950   -8.041  -9.958  1.00 32.58 ? 156 TYR A CD2 1 
ATOM   471  C CE1 . TYR A 1 63  ? 9.442   -9.454  -12.253 1.00 34.41 ? 156 TYR A CE1 1 
ATOM   472  C CE2 . TYR A 1 63  ? 9.426   -9.352  -9.859  1.00 33.88 ? 156 TYR A CE2 1 
ATOM   473  C CZ  . TYR A 1 63  ? 9.650   -10.044 -11.060 1.00 41.59 ? 156 TYR A CZ  1 
ATOM   474  O OH  . TYR A 1 63  ? 10.137  -11.275 -11.118 1.00 42.59 ? 156 TYR A OH  1 
ATOM   475  N N   . ILE A 1 64  ? 9.402   -3.008  -11.313 1.00 30.48 ? 157 ILE A N   1 
ATOM   476  C CA  . ILE A 1 64  ? 8.995   -1.639  -11.334 1.00 28.51 ? 157 ILE A CA  1 
ATOM   477  C C   . ILE A 1 64  ? 8.934   -1.027  -12.686 1.00 37.93 ? 157 ILE A C   1 
ATOM   478  O O   . ILE A 1 64  ? 9.897   -1.183  -13.476 1.00 37.89 ? 157 ILE A O   1 
ATOM   479  C CB  . ILE A 1 64  ? 9.938   -0.730  -10.463 1.00 33.66 ? 157 ILE A CB  1 
ATOM   480  C CG1 . ILE A 1 64  ? 9.638   -0.951  -9.010  1.00 36.10 ? 157 ILE A CG1 1 
ATOM   481  C CG2 . ILE A 1 64  ? 9.666   0.746   -10.633 1.00 31.87 ? 157 ILE A CG2 1 
ATOM   482  C CD1 . ILE A 1 64  ? 10.633  -0.291  -8.042  1.00 37.45 ? 157 ILE A CD1 1 
ATOM   483  N N   A CYS A 1 65  ? 7.821   -0.361  -12.982 0.25 31.45 ? 158 CYS A N   1 
ATOM   484  N N   B CYS A 1 65  ? 7.853   -0.312  -12.974 0.25 36.20 ? 158 CYS A N   1 
ATOM   485  C CA  A CYS A 1 65  ? 7.703   0.470   -14.160 0.25 30.80 ? 158 CYS A CA  1 
ATOM   486  C CA  B CYS A 1 65  ? 7.683   0.395   -14.232 0.25 38.80 ? 158 CYS A CA  1 
ATOM   487  C C   A CYS A 1 65  ? 7.710   1.897   -13.727 0.25 35.65 ? 158 CYS A C   1 
ATOM   488  C C   B CYS A 1 65  ? 7.620   1.878   -13.866 0.25 40.27 ? 158 CYS A C   1 
ATOM   489  O O   A CYS A 1 65  ? 6.935   2.319   -12.860 0.25 33.96 ? 158 CYS A O   1 
ATOM   490  O O   B CYS A 1 65  ? 6.698   2.308   -13.158 0.25 40.99 ? 158 CYS A O   1 
ATOM   491  C CB  A CYS A 1 65  ? 6.452   0.166   -14.939 0.25 29.12 ? 158 CYS A CB  1 
ATOM   492  C CB  B CYS A 1 65  ? 6.434   -0.136  -14.954 0.25 41.01 ? 158 CYS A CB  1 
ATOM   493  S SG  A CYS A 1 65  ? 6.482   -1.477  -15.611 0.25 25.09 ? 158 CYS A SG  1 
ATOM   494  S SG  B CYS A 1 65  ? 5.978   0.614   -16.539 0.25 49.42 ? 158 CYS A SG  1 
ATOM   495  N N   . LYS A 1 66  ? 8.619   2.649   -14.321 1.00 38.21 ? 159 LYS A N   1 
ATOM   496  C CA  . LYS A 1 66  ? 8.812   4.068   -13.933 1.00 38.51 ? 159 LYS A CA  1 
ATOM   497  C C   . LYS A 1 66  ? 7.615   4.939   -13.922 1.00 36.22 ? 159 LYS A C   1 
ATOM   498  O O   . LYS A 1 66  ? 7.483   5.778   -13.000 1.00 42.62 ? 159 LYS A O   1 
ATOM   499  C CB  . LYS A 1 66  ? 9.880   4.720   -14.848 1.00 38.37 ? 159 LYS A CB  1 
ATOM   500  C CG  . LYS A 1 66  ? 9.408   4.928   -16.293 1.00 48.21 ? 159 LYS A CG  1 
ATOM   501  N N   . ASP A 1 67  ? 6.705   4.766   -14.876 1.00 36.47 ? 160 ASP A N   1 
ATOM   502  C CA  . ASP A 1 67  ? 5.536   5.663   -14.956 1.00 41.89 ? 160 ASP A CA  1 
ATOM   503  C C   . ASP A 1 67  ? 4.290   5.087   -14.329 1.00 36.95 ? 160 ASP A C   1 
ATOM   504  O O   . ASP A 1 67  ? 3.208   5.673   -14.457 1.00 41.47 ? 160 ASP A O   1 
ATOM   505  C CB  . ASP A 1 67  ? 5.245   5.952   -16.428 1.00 51.48 ? 160 ASP A CB  1 
ATOM   506  C CG  . ASP A 1 67  ? 6.406   6.680   -17.077 1.00 61.78 ? 160 ASP A CG  1 
ATOM   507  O OD1 . ASP A 1 67  ? 6.760   7.738   -16.523 1.00 65.28 ? 160 ASP A OD1 1 
ATOM   508  O OD2 . ASP A 1 67  ? 7.010   6.154   -18.047 1.00 68.53 ? 160 ASP A OD2 1 
ATOM   509  N N   . ASP A 1 68  ? 4.419   3.918   -13.683 1.00 34.53 ? 161 ASP A N   1 
ATOM   510  C CA  . ASP A 1 68  ? 3.208   3.242   -13.163 1.00 29.67 ? 161 ASP A CA  1 
ATOM   511  C C   . ASP A 1 68  ? 3.191   3.311   -11.627 1.00 27.52 ? 161 ASP A C   1 
ATOM   512  O O   . ASP A 1 68  ? 3.731   2.481   -10.939 1.00 27.34 ? 161 ASP A O   1 
ATOM   513  C CB  . ASP A 1 68  ? 3.128   1.775   -13.536 1.00 27.18 ? 161 ASP A CB  1 
ATOM   514  C CG  . ASP A 1 68  ? 2.944   1.519   -15.025 1.00 37.72 ? 161 ASP A CG  1 
ATOM   515  O OD1 . ASP A 1 68  ? 2.776   2.487   -15.744 1.00 36.41 ? 161 ASP A OD1 1 
ATOM   516  O OD2 . ASP A 1 68  ? 2.971   0.326   -15.403 1.00 32.79 ? 161 ASP A OD2 1 
ATOM   517  N N   . TYR A 1 69  ? 2.540   4.325   -11.115 1.00 28.62 ? 162 TYR A N   1 
ATOM   518  C CA  . TYR A 1 69  ? 2.503   4.583   -9.649  1.00 26.43 ? 162 TYR A CA  1 
ATOM   519  C C   . TYR A 1 69  ? 1.283   5.439   -9.352  1.00 32.03 ? 162 TYR A C   1 
ATOM   520  O O   . TYR A 1 69  ? 0.659   5.984   -10.251 1.00 33.82 ? 162 TYR A O   1 
ATOM   521  C CB  . TYR A 1 69  ? 3.813   5.191   -9.143  1.00 26.81 ? 162 TYR A CB  1 
ATOM   522  C CG  . TYR A 1 69  ? 4.145   6.595   -9.765  1.00 32.86 ? 162 TYR A CG  1 
ATOM   523  C CD1 . TYR A 1 69  ? 3.479   7.773   -9.363  1.00 37.38 ? 162 TYR A CD1 1 
ATOM   524  C CD2 . TYR A 1 69  ? 5.101   6.676   -10.799 1.00 38.07 ? 162 TYR A CD2 1 
ATOM   525  C CE1 . TYR A 1 69  ? 3.784   9.009   -9.937  1.00 39.50 ? 162 TYR A CE1 1 
ATOM   526  C CE2 . TYR A 1 69  ? 5.410   7.916   -11.367 1.00 40.29 ? 162 TYR A CE2 1 
ATOM   527  C CZ  . TYR A 1 69  ? 4.750   9.048   -10.944 1.00 49.29 ? 162 TYR A CZ  1 
ATOM   528  O OH  . TYR A 1 69  ? 5.061   10.235  -11.548 1.00 55.41 ? 162 TYR A OH  1 
ATOM   529  N N   . ILE A 1 70  ? 0.883   5.443   -8.100  1.00 27.90 ? 163 ILE A N   1 
ATOM   530  C CA  . ILE A 1 70  ? -0.066  6.404   -7.518  1.00 31.23 ? 163 ILE A CA  1 
ATOM   531  C C   . ILE A 1 70  ? 0.624   7.178   -6.478  1.00 30.85 ? 163 ILE A C   1 
ATOM   532  O O   . ILE A 1 70  ? 1.283   6.609   -5.607  1.00 27.91 ? 163 ILE A O   1 
ATOM   533  C CB  . ILE A 1 70  ? -1.280  5.637   -6.987  1.00 35.84 ? 163 ILE A CB  1 
ATOM   534  C CG1 . ILE A 1 70  ? -2.055  5.156   -8.215  1.00 40.86 ? 163 ILE A CG1 1 
ATOM   535  C CG2 . ILE A 1 70  ? -2.219  6.539   -6.181  1.00 39.76 ? 163 ILE A CG2 1 
ATOM   536  C CD1 . ILE A 1 70  ? -3.016  4.059   -7.826  1.00 43.21 ? 163 ILE A CD1 1 
ATOM   537  N N   . GLU A 1 71  ? 0.500   8.522   -6.559  1.00 30.26 ? 164 GLU A N   1 
ATOM   538  C CA  . GLU A 1 71  ? 1.140   9.393   -5.617  1.00 33.11 ? 164 GLU A CA  1 
ATOM   539  C C   . GLU A 1 71  ? 0.099   10.283  -4.963  1.00 34.03 ? 164 GLU A C   1 
ATOM   540  O O   . GLU A 1 71  ? -0.766  10.796  -5.650  1.00 39.87 ? 164 GLU A O   1 
ATOM   541  C CB  . GLU A 1 71  ? 2.186   10.223  -6.337  1.00 35.36 ? 164 GLU A CB  1 
ATOM   542  C CG  . GLU A 1 71  ? 2.937   11.212  -5.510  1.00 44.94 ? 164 GLU A CG  1 
ATOM   543  C CD  . GLU A 1 71  ? 3.973   11.900  -6.401  1.00 56.00 ? 164 GLU A CD  1 
ATOM   544  O OE1 . GLU A 1 71  ? 3.651   12.961  -6.982  1.00 59.90 ? 164 GLU A OE1 1 
ATOM   545  O OE2 . GLU A 1 71  ? 5.041   11.307  -6.598  1.00 46.79 ? 164 GLU A OE2 1 
ATOM   546  N N   . LEU A 1 72  ? 0.156   10.346  -3.660  1.00 28.85 ? 165 LEU A N   1 
ATOM   547  C CA  . LEU A 1 72  ? -0.737  11.177  -2.868  1.00 31.77 ? 165 LEU A CA  1 
ATOM   548  C C   . LEU A 1 72  ? 0.045   12.053  -1.890  1.00 32.10 ? 165 LEU A C   1 
ATOM   549  O O   . LEU A 1 72  ? 0.976   11.657  -1.233  1.00 31.40 ? 165 LEU A O   1 
ATOM   550  C CB  . LEU A 1 72  ? -1.688  10.357  -2.039  1.00 32.85 ? 165 LEU A CB  1 
ATOM   551  C CG  . LEU A 1 72  ? -2.591  9.504   -2.874  1.00 34.53 ? 165 LEU A CG  1 
ATOM   552  C CD1 . LEU A 1 72  ? -3.493  8.725   -1.911  1.00 33.63 ? 165 LEU A CD1 1 
ATOM   553  C CD2 . LEU A 1 72  ? -3.426  10.325  -3.858  1.00 43.13 ? 165 LEU A CD2 1 
ATOM   554  N N   . ARG A 1 73  ? -0.491  13.260  -1.693  1.00 35.56 ? 166 ARG A N   1 
ATOM   555  C CA  . ARG A 1 73  ? 0.090   14.147  -0.704  1.00 38.41 ? 166 ARG A CA  1 
ATOM   556  C C   . ARG A 1 73  ? -0.930  14.235  0.400   1.00 37.90 ? 166 ARG A C   1 
ATOM   557  O O   . ARG A 1 73  ? -2.119  14.589  0.206   1.00 42.07 ? 166 ARG A O   1 
ATOM   558  C CB  . ARG A 1 73  ? 0.419   15.545  -1.313  1.00 42.72 ? 166 ARG A CB  1 
ATOM   559  C CG  . ARG A 1 73  ? 1.175   16.446  -0.319  1.00 48.22 ? 166 ARG A CG  1 
ATOM   560  C CD  . ARG A 1 73  ? 1.333   17.904  -0.809  1.00 53.90 ? 166 ARG A CD  1 
ATOM   561  N NE  . ARG A 1 73  ? 0.017   18.572  -1.002  1.00 51.59 ? 166 ARG A NE  1 
ATOM   562  C CZ  . ARG A 1 73  ? -0.320  19.370  -2.031  1.00 55.52 ? 166 ARG A CZ  1 
ATOM   563  N NH1 . ARG A 1 73  ? 0.538   19.675  -3.001  1.00 55.45 ? 166 ARG A NH1 1 
ATOM   564  N NH2 . ARG A 1 73  ? -1.550  19.890  -2.102  1.00 54.51 ? 166 ARG A NH2 1 
ATOM   565  N N   . ILE A 1 74  ? -0.509  13.834  1.563   1.00 32.23 ? 167 ILE A N   1 
ATOM   566  C CA  . ILE A 1 74  ? -1.351  13.816  2.705   1.00 36.21 ? 167 ILE A CA  1 
ATOM   567  C C   . ILE A 1 74  ? -0.660  14.605  3.761   1.00 39.75 ? 167 ILE A C   1 
ATOM   568  O O   . ILE A 1 74  ? 0.458   14.238  4.160   1.00 39.25 ? 167 ILE A O   1 
ATOM   569  C CB  . ILE A 1 74  ? -1.507  12.348  3.156   1.00 44.06 ? 167 ILE A CB  1 
ATOM   570  C CG1 . ILE A 1 74  ? -2.323  11.625  2.057   1.00 47.80 ? 167 ILE A CG1 1 
ATOM   571  C CG2 . ILE A 1 74  ? -2.138  12.268  4.571   1.00 46.07 ? 167 ILE A CG2 1 
ATOM   572  C CD1 . ILE A 1 74  ? -2.442  10.140  2.263   1.00 48.99 ? 167 ILE A CD1 1 
ATOM   573  N N   . ASN A 1 75  ? -1.269  15.724  4.167   1.00 37.45 ? 168 ASN A N   1 
ATOM   574  C CA  . ASN A 1 75  ? -0.674  16.569  5.205   1.00 37.86 ? 168 ASN A CA  1 
ATOM   575  C C   . ASN A 1 75  ? 0.721   16.950  4.948   1.00 40.30 ? 168 ASN A C   1 
ATOM   576  O O   . ASN A 1 75  ? 1.578   16.901  5.814   1.00 46.38 ? 168 ASN A O   1 
ATOM   577  C CB  . ASN A 1 75  ? -0.768  15.870  6.540   1.00 39.86 ? 168 ASN A CB  1 
ATOM   578  C CG  . ASN A 1 75  ? -2.183  15.773  6.981   1.00 39.13 ? 168 ASN A CG  1 
ATOM   579  O OD1 . ASN A 1 75  ? -2.993  16.687  6.670   1.00 45.32 ? 168 ASN A OD1 1 
ATOM   580  N ND2 . ASN A 1 75  ? -2.541  14.669  7.643   1.00 43.01 ? 168 ASN A ND2 1 
ATOM   581  N N   . ASP A 1 76  ? 0.923   17.323  3.725   1.00 35.57 ? 169 ASP A N   1 
ATOM   582  C CA  . ASP A 1 76  ? 2.149   17.881  3.258   1.00 53.26 ? 169 ASP A CA  1 
ATOM   583  C C   . ASP A 1 76  ? 3.343   16.886  3.362   1.00 54.37 ? 169 ASP A C   1 
ATOM   584  O O   . ASP A 1 76  ? 4.487   17.251  3.611   1.00 59.94 ? 169 ASP A O   1 
ATOM   585  C CB  . ASP A 1 76  ? 2.339   19.291  3.873   1.00 58.97 ? 169 ASP A CB  1 
ATOM   586  C CG  . ASP A 1 76  ? 2.533   20.350  2.788   1.00 64.91 ? 169 ASP A CG  1 
ATOM   587  O OD1 . ASP A 1 76  ? 1.540   20.959  2.109   1.00 47.64 ? 169 ASP A OD1 1 
ATOM   588  O OD2 . ASP A 1 76  ? 3.767   20.471  2.590   1.00 63.60 ? 169 ASP A OD2 1 
ATOM   589  N N   . GLN A 1 77  ? 3.017   15.615  3.132   1.00 45.90 ? 170 GLN A N   1 
ATOM   590  C CA  . GLN A 1 77  ? 3.986   14.493  2.987   1.00 49.00 ? 170 GLN A CA  1 
ATOM   591  C C   . GLN A 1 77  ? 3.559   13.735  1.725   1.00 45.37 ? 170 GLN A C   1 
ATOM   592  O O   . GLN A 1 77  ? 2.352   13.453  1.505   1.00 40.90 ? 170 GLN A O   1 
ATOM   593  C CB  . GLN A 1 77  ? 3.971   13.582  4.182   1.00 56.36 ? 170 GLN A CB  1 
ATOM   594  C CG  . GLN A 1 77  ? 4.983   12.405  4.109   1.00 71.26 ? 170 GLN A CG  1 
ATOM   595  C CD  . GLN A 1 77  ? 5.788   12.156  5.397   1.00 72.04 ? 170 GLN A CD  1 
ATOM   596  O OE1 . GLN A 1 77  ? 5.746   12.937  6.355   1.00 91.01 ? 170 GLN A OE1 1 
ATOM   597  N NE2 . GLN A 1 77  ? 6.552   11.065  5.408   1.00 85.82 ? 170 GLN A NE2 1 
ATOM   598  N N   . LEU A 1 78  ? 4.525   13.448  0.883   1.00 36.22 ? 171 LEU A N   1 
ATOM   599  C CA  . LEU A 1 78  ? 4.267   12.837  -0.387  1.00 39.27 ? 171 LEU A CA  1 
ATOM   600  C C   . LEU A 1 78  ? 4.493   11.322  -0.330  1.00 37.15 ? 171 LEU A C   1 
ATOM   601  O O   . LEU A 1 78  ? 5.508   10.944  0.144   1.00 36.63 ? 171 LEU A O   1 
ATOM   602  C CB  . LEU A 1 78  ? 5.213   13.442  -1.379  1.00 46.76 ? 171 LEU A CB  1 
ATOM   603  C CG  . LEU A 1 78  ? 4.875   13.194  -2.827  1.00 57.51 ? 171 LEU A CG  1 
ATOM   604  C CD1 . LEU A 1 78  ? 4.172   14.446  -3.359  1.00 71.41 ? 171 LEU A CD1 1 
ATOM   605  C CD2 . LEU A 1 78  ? 6.153   12.879  -3.602  1.00 63.17 ? 171 LEU A CD2 1 
ATOM   606  N N   . ALA A 1 79  ? 3.530   10.465  -0.749  1.00 29.96 ? 172 ALA A N   1 
ATOM   607  C CA  . ALA A 1 79  ? 3.687   8.972   -0.719  1.00 29.91 ? 172 ALA A CA  1 
ATOM   608  C C   . ALA A 1 79  ? 3.435   8.495   -2.125  1.00 32.45 ? 172 ALA A C   1 
ATOM   609  O O   . ALA A 1 79  ? 2.383   8.765   -2.721  1.00 32.03 ? 172 ALA A O   1 
ATOM   610  C CB  . ALA A 1 79  ? 2.718   8.289   0.303   1.00 31.04 ? 172 ALA A CB  1 
ATOM   611  N N   . ARG A 1 80  ? 4.420   7.786   -2.709  1.00 28.01 ? 173 ARG A N   1 
ATOM   612  C CA  . ARG A 1 80  ? 4.321   7.302   -4.025  1.00 29.03 ? 173 ARG A CA  1 
ATOM   613  C C   . ARG A 1 80  ? 4.442   5.768   -4.010  1.00 27.26 ? 173 ARG A C   1 
ATOM   614  O O   . ARG A 1 80  ? 5.416   5.211   -3.406  1.00 28.88 ? 173 ARG A O   1 
ATOM   615  C CB  . ARG A 1 80  ? 5.411   7.873   -4.942  1.00 30.58 ? 173 ARG A CB  1 
ATOM   616  C CG  . ARG A 1 80  ? 5.378   7.174   -6.305  1.00 30.06 ? 173 ARG A CG  1 
ATOM   617  C CD  . ARG A 1 80  ? 6.601   7.521   -7.105  1.00 31.25 ? 173 ARG A CD  1 
ATOM   618  N NE  . ARG A 1 80  ? 6.574   8.975   -7.362  1.00 37.53 ? 173 ARG A NE  1 
ATOM   619  C CZ  . ARG A 1 80  ? 7.529   9.591   -8.065  1.00 44.61 ? 173 ARG A CZ  1 
ATOM   620  N NH1 . ARG A 1 80  ? 8.544   8.876   -8.590  1.00 46.85 ? 173 ARG A NH1 1 
ATOM   621  N NH2 . ARG A 1 80  ? 7.442   10.882  -8.244  1.00 47.00 ? 173 ARG A NH2 1 
ATOM   622  N N   . LEU A 1 81  ? 3.389   5.052   -4.511  1.00 24.64 ? 174 LEU A N   1 
ATOM   623  C CA  . LEU A 1 81  ? 3.411   3.575   -4.533  1.00 23.58 ? 174 LEU A CA  1 
ATOM   624  C C   . LEU A 1 81  ? 3.441   3.137   -5.962  1.00 22.32 ? 174 LEU A C   1 
ATOM   625  O O   . LEU A 1 81  ? 2.513   3.381   -6.729  1.00 24.21 ? 174 LEU A O   1 
ATOM   626  C CB  . LEU A 1 81  ? 2.129   2.930   -3.902  1.00 23.43 ? 174 LEU A CB  1 
ATOM   627  C CG  . LEU A 1 81  ? 1.936   3.393   -2.449  1.00 25.84 ? 174 LEU A CG  1 
ATOM   628  C CD1 . LEU A 1 81  ? 0.624   2.925   -1.899  1.00 25.16 ? 174 LEU A CD1 1 
ATOM   629  C CD2 . LEU A 1 81  ? 3.120   3.007   -1.499  1.00 27.53 ? 174 LEU A CD2 1 
ATOM   630  N N   . TYR A 1 82  ? 4.513   2.436   -6.322  1.00 25.42 ? 175 TYR A N   1 
ATOM   631  C CA  . TYR A 1 82  ? 4.625   1.848   -7.588  1.00 23.40 ? 175 TYR A CA  1 
ATOM   632  C C   . TYR A 1 82  ? 3.659   0.683   -7.747  1.00 27.81 ? 175 TYR A C   1 
ATOM   633  O O   . TYR A 1 82  ? 3.502   -0.107  -6.806  1.00 24.05 ? 175 TYR A O   1 
ATOM   634  C CB  . TYR A 1 82  ? 6.098   1.407   -7.835  1.00 25.10 ? 175 TYR A CB  1 
ATOM   635  C CG  . TYR A 1 82  ? 6.961   2.597   -8.006  1.00 25.23 ? 175 TYR A CG  1 
ATOM   636  C CD1 . TYR A 1 82  ? 7.074   3.170   -9.302  1.00 28.97 ? 175 TYR A CD1 1 
ATOM   637  C CD2 . TYR A 1 82  ? 7.625   3.162   -6.967  1.00 28.61 ? 175 TYR A CD2 1 
ATOM   638  C CE1 . TYR A 1 82  ? 7.911   4.270   -9.491  1.00 30.51 ? 175 TYR A CE1 1 
ATOM   639  C CE2 . TYR A 1 82  ? 8.379   4.295   -7.156  1.00 31.84 ? 175 TYR A CE2 1 
ATOM   640  C CZ  . TYR A 1 82  ? 8.492   4.824   -8.409  1.00 34.53 ? 175 TYR A CZ  1 
ATOM   641  O OH  . TYR A 1 82  ? 9.258   5.926   -8.588  1.00 38.00 ? 175 TYR A OH  1 
ATOM   642  N N   . ILE A 1 83  ? 2.940   0.593   -8.872  1.00 24.61 ? 176 ILE A N   1 
ATOM   643  C CA  . ILE A 1 83  ? 2.039   -0.481  -9.130  1.00 23.32 ? 176 ILE A CA  1 
ATOM   644  C C   . ILE A 1 83  ? 2.702   -1.694  -9.739  1.00 24.66 ? 176 ILE A C   1 
ATOM   645  O O   . ILE A 1 83  ? 3.360   -1.567  -10.791 1.00 26.33 ? 176 ILE A O   1 
ATOM   646  C CB  . ILE A 1 83  ? 0.860   0.015   -9.988  1.00 25.27 ? 176 ILE A CB  1 
ATOM   647  C CG1 . ILE A 1 83  ? 0.127   1.145   -9.192  1.00 30.71 ? 176 ILE A CG1 1 
ATOM   648  C CG2 . ILE A 1 83  ? -0.136  -1.054  -10.262 1.00 25.00 ? 176 ILE A CG2 1 
ATOM   649  C CD1 . ILE A 1 83  ? -0.820  1.949   -10.055 1.00 41.91 ? 176 ILE A CD1 1 
ATOM   650  N N   . ILE A 1 84  ? 2.575   -2.851  -9.088  1.00 23.16 ? 177 ILE A N   1 
ATOM   651  C CA  . ILE A 1 84  ? 3.303   -4.101  -9.429  1.00 24.65 ? 177 ILE A CA  1 
ATOM   652  C C   . ILE A 1 84  ? 2.323   -5.212  -9.612  1.00 22.66 ? 177 ILE A C   1 
ATOM   653  O O   . ILE A 1 84  ? 2.052   -5.982  -8.704  1.00 23.01 ? 177 ILE A O   1 
ATOM   654  C CB  . ILE A 1 84  ? 4.395   -4.432  -8.370  1.00 25.47 ? 177 ILE A CB  1 
ATOM   655  C CG1 . ILE A 1 84  ? 5.279   -3.261  -7.998  1.00 26.60 ? 177 ILE A CG1 1 
ATOM   656  C CG2 . ILE A 1 84  ? 5.199   -5.655  -8.809  1.00 26.03 ? 177 ILE A CG2 1 
ATOM   657  C CD1 . ILE A 1 84  ? 6.208   -2.802  -9.077  1.00 29.70 ? 177 ILE A CD1 1 
ATOM   658  N N   . PRO A 1 85  ? 1.735   -5.378  -10.804 1.00 23.39 ? 178 PRO A N   1 
ATOM   659  C CA  . PRO A 1 85  ? 0.707   -6.436  -10.983 1.00 22.90 ? 178 PRO A CA  1 
ATOM   660  C C   . PRO A 1 85  ? 1.323   -7.739  -11.288 1.00 24.84 ? 178 PRO A C   1 
ATOM   661  O O   . PRO A 1 85  ? 2.538   -7.825  -11.563 1.00 25.65 ? 178 PRO A O   1 
ATOM   662  C CB  . PRO A 1 85  ? -0.055  -6.005  -12.272 1.00 25.75 ? 178 PRO A CB  1 
ATOM   663  C CG  . PRO A 1 85  ? 0.465   -4.699  -12.633 1.00 28.41 ? 178 PRO A CG  1 
ATOM   664  C CD  . PRO A 1 85  ? 1.769   -4.460  -11.954 1.00 23.84 ? 178 PRO A CD  1 
ATOM   665  N N   . GLY A 1 86  ? 0.543   -8.750  -11.182 1.00 23.40 ? 179 GLY A N   1 
ATOM   666  C CA  . GLY A 1 86  ? 0.890   -10.102 -11.675 1.00 27.53 ? 179 GLY A CA  1 
ATOM   667  C C   . GLY A 1 86  ? 1.741   -10.930 -10.801 1.00 28.54 ? 179 GLY A C   1 
ATOM   668  O O   . GLY A 1 86  ? 2.490   -11.793 -11.269 1.00 29.49 ? 179 GLY A O   1 
ATOM   669  N N   . ILE A 1 87  ? 1.779   -10.621 -9.520  1.00 25.95 ? 180 ILE A N   1 
ATOM   670  C CA  . ILE A 1 87  ? 2.622   -11.401 -8.585  1.00 26.57 ? 180 ILE A CA  1 
ATOM   671  C C   . ILE A 1 87  ? 1.777   -12.583 -8.057  1.00 28.44 ? 180 ILE A C   1 
ATOM   672  O O   . ILE A 1 87  ? 0.758   -12.390 -7.509  1.00 28.30 ? 180 ILE A O   1 
ATOM   673  C CB  . ILE A 1 87  ? 3.150   -10.490 -7.452  1.00 24.77 ? 180 ILE A CB  1 
ATOM   674  C CG1 . ILE A 1 87  ? 3.909   -9.320  -7.982  1.00 28.35 ? 180 ILE A CG1 1 
ATOM   675  C CG2 . ILE A 1 87  ? 3.985   -11.269 -6.473  1.00 28.25 ? 180 ILE A CG2 1 
ATOM   676  C CD1 . ILE A 1 87  ? 4.958   -9.628  -9.048  1.00 26.73 ? 180 ILE A CD1 1 
ATOM   677  N N   . PRO A 1 88  ? 2.262   -13.865 -8.201  1.00 31.40 ? 181 PRO A N   1 
ATOM   678  C CA  . PRO A 1 88  ? 1.432   -14.998 -7.814  1.00 32.46 ? 181 PRO A CA  1 
ATOM   679  C C   . PRO A 1 88  ? 1.041   -15.013 -6.359  1.00 31.56 ? 181 PRO A C   1 
ATOM   680  O O   . PRO A 1 88  ? 1.873   -14.653 -5.442  1.00 29.44 ? 181 PRO A O   1 
ATOM   681  C CB  . PRO A 1 88  ? 2.289   -16.255 -8.213  1.00 37.36 ? 181 PRO A CB  1 
ATOM   682  C CG  . PRO A 1 88  ? 3.288   -15.752 -9.194  1.00 42.23 ? 181 PRO A CG  1 
ATOM   683  C CD  . PRO A 1 88  ? 3.476   -14.252 -8.955  1.00 38.30 ? 181 PRO A CD  1 
ATOM   684  N N   . LYS A 1 89  ? -0.208  -15.385 -6.115  1.00 32.51 ? 182 LYS A N   1 
ATOM   685  C CA  . LYS A 1 89  ? -0.712  -15.438 -4.792  1.00 35.33 ? 182 LYS A CA  1 
ATOM   686  C C   . LYS A 1 89  ? -0.037  -16.454 -3.943  1.00 35.97 ? 182 LYS A C   1 
ATOM   687  O O   . LYS A 1 89  ? -0.128  -16.332 -2.722  1.00 42.44 ? 182 LYS A O   1 
ATOM   688  C CB  . LYS A 1 89  ? -2.248  -15.652 -4.679  1.00 48.76 ? 182 LYS A CB  1 
ATOM   689  C CG  . LYS A 1 89  ? -3.052  -14.351 -4.673  1.00 58.18 ? 182 LYS A CG  1 
ATOM   690  C CD  . LYS A 1 89  ? -4.506  -14.472 -4.209  1.00 60.43 ? 182 LYS A CD  1 
ATOM   691  C CE  . LYS A 1 89  ? -5.322  -15.400 -5.104  1.00 58.07 ? 182 LYS A CE  1 
ATOM   692  N NZ  . LYS A 1 89  ? -5.304  -15.040 -6.589  1.00 53.63 ? 182 LYS A NZ  1 
ATOM   693  N N   . ASP A 1 90  ? 0.657   -17.438 -4.523  1.00 33.77 ? 183 ASP A N   1 
ATOM   694  C CA  . ASP A 1 90  ? 1.413   -18.348 -3.657  1.00 39.01 ? 183 ASP A CA  1 
ATOM   695  C C   . ASP A 1 90  ? 2.858   -17.945 -3.335  1.00 38.28 ? 183 ASP A C   1 
ATOM   696  O O   . ASP A 1 90  ? 3.576   -18.661 -2.616  1.00 41.16 ? 183 ASP A O   1 
ATOM   697  C CB  . ASP A 1 90  ? 1.319   -19.772 -4.223  1.00 43.77 ? 183 ASP A CB  1 
ATOM   698  C CG  . ASP A 1 90  ? 1.968   -19.906 -5.578  1.00 51.81 ? 183 ASP A CG  1 
ATOM   699  O OD1 . ASP A 1 90  ? 2.456   -18.911 -6.194  1.00 50.36 ? 183 ASP A OD1 1 
ATOM   700  O OD2 . ASP A 1 90  ? 2.007   -21.042 -6.043  1.00 55.74 ? 183 ASP A OD2 1 
ATOM   701  N N   . THR A 1 91  ? 3.269   -16.751 -3.774  1.00 36.50 ? 184 THR A N   1 
ATOM   702  C CA  . THR A 1 91  ? 4.510   -16.160 -3.293  1.00 33.66 ? 184 THR A CA  1 
ATOM   703  C C   . THR A 1 91  ? 4.667   -16.183 -1.791  1.00 38.99 ? 184 THR A C   1 
ATOM   704  O O   . THR A 1 91  ? 3.767   -15.783 -1.048  1.00 38.12 ? 184 THR A O   1 
ATOM   705  C CB  . THR A 1 91  ? 4.632   -14.726 -3.835  1.00 33.17 ? 184 THR A CB  1 
ATOM   706  O OG1 . THR A 1 91  ? 4.414   -14.708 -5.284  1.00 35.25 ? 184 THR A OG1 1 
ATOM   707  C CG2 . THR A 1 91  ? 5.953   -14.141 -3.480  1.00 33.45 ? 184 THR A CG2 1 
ATOM   708  N N   . LYS A 1 92  ? 5.823   -16.605 -1.312  1.00 38.58 ? 185 LYS A N   1 
ATOM   709  C CA  . LYS A 1 92  ? 6.154   -16.587 0.114   1.00 43.17 ? 185 LYS A CA  1 
ATOM   710  C C   . LYS A 1 92  ? 6.734   -15.272 0.518   1.00 39.87 ? 185 LYS A C   1 
ATOM   711  O O   . LYS A 1 92  ? 7.795   -14.893 0.049   1.00 42.45 ? 185 LYS A O   1 
ATOM   712  C CB  . LYS A 1 92  ? 7.189   -17.726 0.417   1.00 49.04 ? 185 LYS A CB  1 
ATOM   713  C CG  . LYS A 1 92  ? 6.587   -19.105 0.187   1.00 48.04 ? 185 LYS A CG  1 
ATOM   714  C CD  . LYS A 1 92  ? 5.165   -19.254 0.731   1.00 55.30 ? 185 LYS A CD  1 
ATOM   715  N N   . PHE A 1 93  ? 5.989   -14.550 1.348   1.00 37.02 ? 186 PHE A N   1 
ATOM   716  C CA  . PHE A 1 93  ? 6.357   -13.266 1.824   1.00 33.71 ? 186 PHE A CA  1 
ATOM   717  C C   . PHE A 1 93  ? 6.746   -13.424 3.278   1.00 37.88 ? 186 PHE A C   1 
ATOM   718  O O   . PHE A 1 93  ? 6.070   -14.087 4.028   1.00 45.52 ? 186 PHE A O   1 
ATOM   719  C CB  . PHE A 1 93  ? 5.186   -12.294 1.782   1.00 30.33 ? 186 PHE A CB  1 
ATOM   720  C CG  . PHE A 1 93  ? 4.676   -12.021 0.398   1.00 30.16 ? 186 PHE A CG  1 
ATOM   721  C CD1 . PHE A 1 93  ? 5.407   -11.223 -0.439  1.00 28.30 ? 186 PHE A CD1 1 
ATOM   722  C CD2 . PHE A 1 93  ? 3.506   -12.573 -0.086  1.00 27.43 ? 186 PHE A CD2 1 
ATOM   723  C CE1 . PHE A 1 93  ? 5.034   -10.970 -1.732  1.00 29.13 ? 186 PHE A CE1 1 
ATOM   724  C CE2 . PHE A 1 93  ? 3.096   -12.309 -1.395  1.00 28.48 ? 186 PHE A CE2 1 
ATOM   725  C CZ  . PHE A 1 93  ? 3.849   -11.497 -2.231  1.00 27.91 ? 186 PHE A CZ  1 
ATOM   726  N N   . ASN A 1 94  ? 7.832   -12.799 3.650   1.00 38.49 ? 187 ASN A N   1 
ATOM   727  C CA  . ASN A 1 94  ? 8.380   -12.855 5.031   1.00 44.83 ? 187 ASN A CA  1 
ATOM   728  C C   . ASN A 1 94  ? 9.123   -11.566 5.312   1.00 37.09 ? 187 ASN A C   1 
ATOM   729  O O   . ASN A 1 94  ? 10.095  -11.258 4.598   1.00 42.08 ? 187 ASN A O   1 
ATOM   730  C CB  . ASN A 1 94  ? 9.419   -13.982 5.080   1.00 50.17 ? 187 ASN A CB  1 
ATOM   731  C CG  . ASN A 1 94  ? 8.826   -15.358 4.840   1.00 57.22 ? 187 ASN A CG  1 
ATOM   732  O OD1 . ASN A 1 94  ? 9.233   -16.076 3.918   1.00 64.83 ? 187 ASN A OD1 1 
ATOM   733  N ND2 . ASN A 1 94  ? 7.878   -15.745 5.682   1.00 64.54 ? 187 ASN A ND2 1 
ATOM   734  N N   . PRO A 1 95  ? 8.735   -10.770 6.341   1.00 38.12 ? 188 PRO A N   1 
ATOM   735  C CA  . PRO A 1 95  ? 9.522   -9.571  6.512   1.00 34.46 ? 188 PRO A CA  1 
ATOM   736  C C   . PRO A 1 95  ? 10.905  -9.867  7.066   1.00 45.01 ? 188 PRO A C   1 
ATOM   737  O O   . PRO A 1 95  ? 11.181  -10.975 7.591   1.00 44.14 ? 188 PRO A O   1 
ATOM   738  C CB  . PRO A 1 95  ? 8.732   -8.781  7.567   1.00 37.93 ? 188 PRO A CB  1 
ATOM   739  C CG  . PRO A 1 95  ? 8.174   -9.848  8.405   1.00 40.53 ? 188 PRO A CG  1 
ATOM   740  C CD  . PRO A 1 95  ? 7.758   -10.931 7.449   1.00 41.42 ? 188 PRO A CD  1 
ATOM   741  N N   . LYS A 1 96  ? 11.743  -8.834  6.991   0.50 40.69 ? 189 LYS A N   1 
ATOM   742  C CA  . LYS A 1 96  ? 13.079  -8.826  7.578   0.50 40.60 ? 189 LYS A CA  1 
ATOM   743  C C   . LYS A 1 96  ? 13.034  -9.204  9.071   0.50 39.31 ? 189 LYS A C   1 
ATOM   744  O O   . LYS A 1 96  ? 13.684  -10.154 9.486   0.50 37.53 ? 189 LYS A O   1 
ATOM   745  C CB  . LYS A 1 96  ? 13.730  -7.453  7.414   0.50 41.28 ? 189 LYS A CB  1 
ATOM   746  C CG  . LYS A 1 96  ? 14.543  -7.274  6.127   0.50 47.32 ? 189 LYS A CG  1 
ATOM   747  C CD  . LYS A 1 96  ? 14.791  -8.577  5.365   0.50 52.02 ? 189 LYS A CD  1 
ATOM   748  C CE  . LYS A 1 96  ? 13.651  -8.899  4.394   0.50 49.74 ? 189 LYS A CE  1 
ATOM   749  N NZ  . LYS A 1 96  ? 13.308  -10.356 4.381   0.50 53.67 ? 189 LYS A NZ  1 
ATOM   750  N N   . THR A 1 97  ? 12.243  -8.473  9.856   0.50 39.69 ? 190 THR A N   1 
ATOM   751  C CA  . THR A 1 97  ? 12.040  -8.831  11.257  0.50 37.50 ? 190 THR A CA  1 
ATOM   752  C C   . THR A 1 97  ? 10.578  -8.703  11.629  0.50 37.54 ? 190 THR A C   1 
ATOM   753  O O   . THR A 1 97  ? 9.823   -7.854  11.121  0.50 36.50 ? 190 THR A O   1 
ATOM   754  C CB  . THR A 1 97  ? 12.925  -8.030  12.254  0.50 42.17 ? 190 THR A CB  1 
ATOM   755  O OG1 . THR A 1 97  ? 12.566  -6.638  12.260  0.50 47.18 ? 190 THR A OG1 1 
ATOM   756  C CG2 . THR A 1 97  ? 14.397  -8.172  11.886  0.50 48.44 ? 190 THR A CG2 1 
ATOM   757  N N   . ARG A 1 98  ? 10.160  -9.594  12.502  0.50 31.87 ? 191 ARG A N   1 
ATOM   758  C CA  . ARG A 1 98  ? 8.838   -9.486  13.036  0.50 32.55 ? 191 ARG A CA  1 
ATOM   759  C C   . ARG A 1 98  ? 8.772   -8.317  14.029  0.50 31.71 ? 191 ARG A C   1 
ATOM   760  O O   . ARG A 1 98  ? 7.683   -8.072  14.543  0.50 30.05 ? 191 ARG A O   1 
ATOM   761  C CB  . ARG A 1 98  ? 8.378   -10.818 13.644  0.50 31.41 ? 191 ARG A CB  1 
ATOM   762  C CG  . ARG A 1 98  ? 8.256   -11.977 12.656  0.50 31.45 ? 191 ARG A CG  1 
ATOM   763  C CD  . ARG A 1 98  ? 7.142   -11.742 11.622  0.50 32.62 ? 191 ARG A CD  1 
ATOM   764  N NE  . ARG A 1 98  ? 5.852   -11.512 12.263  0.50 29.01 ? 191 ARG A NE  1 
ATOM   765  C CZ  . ARG A 1 98  ? 5.209   -12.411 13.012  0.50 29.72 ? 191 ARG A CZ  1 
ATOM   766  N NH1 . ARG A 1 98  ? 5.715   -13.629 13.221  0.50 30.06 ? 191 ARG A NH1 1 
ATOM   767  N NH2 . ARG A 1 98  ? 4.044   -12.096 13.562  0.50 27.28 ? 191 ARG A NH2 1 
ATOM   768  N N   . ARG A 1 99  ? 9.873   -7.580  14.318  1.00 35.94 ? 192 ARG A N   1 
ATOM   769  C CA  . ARG A 1 99  ? 9.741   -6.464  15.251  1.00 30.90 ? 192 ARG A CA  1 
ATOM   770  C C   . ARG A 1 99  ? 9.056   -5.295  14.626  1.00 28.95 ? 192 ARG A C   1 
ATOM   771  O O   . ARG A 1 99  ? 8.595   -4.422  15.332  1.00 27.97 ? 192 ARG A O   1 
ATOM   772  C CB  . ARG A 1 99  ? 11.146  -5.981  15.791  1.00 37.52 ? 192 ARG A CB  1 
ATOM   773  C CG  . ARG A 1 99  ? 11.902  -7.057  16.565  1.00 44.95 ? 192 ARG A CG  1 
ATOM   774  C CD  . ARG A 1 99  ? 13.298  -6.528  16.995  1.00 56.16 ? 192 ARG A CD  1 
ATOM   775  N NE  . ARG A 1 99  ? 13.439  -6.638  18.436  1.00 72.22 ? 192 ARG A NE  1 
ATOM   776  C CZ  . ARG A 1 99  ? 13.950  -7.675  19.090  1.00 77.11 ? 192 ARG A CZ  1 
ATOM   777  N NH1 . ARG A 1 99  ? 14.461  -8.722  18.444  1.00 86.10 ? 192 ARG A NH1 1 
ATOM   778  N NH2 . ARG A 1 99  ? 13.982  -7.646  20.413  1.00 73.11 ? 192 ARG A NH2 1 
ATOM   779  N N   . GLU A 1 100 ? 8.931   -5.255  13.251  1.00 29.22 ? 193 GLU A N   1 
ATOM   780  C CA  . GLU A 1 100 ? 8.168   -4.182  12.631  1.00 27.49 ? 193 GLU A CA  1 
ATOM   781  C C   . GLU A 1 100 ? 6.877   -4.595  11.938  1.00 24.90 ? 193 GLU A C   1 
ATOM   782  O O   . GLU A 1 100 ? 5.975   -3.813  11.893  1.00 29.25 ? 193 GLU A O   1 
ATOM   783  C CB  . GLU A 1 100 ? 9.055   -3.500  11.556  1.00 39.36 ? 193 GLU A CB  1 
ATOM   784  C CG  . GLU A 1 100 ? 10.409  -3.106  12.141  1.00 46.86 ? 193 GLU A CG  1 
ATOM   785  C CD  . GLU A 1 100 ? 11.209  -2.219  11.221  1.00 60.62 ? 193 GLU A CD  1 
ATOM   786  O OE1 . GLU A 1 100 ? 10.676  -1.114  10.940  1.00 60.60 ? 193 GLU A OE1 1 
ATOM   787  O OE2 . GLU A 1 100 ? 12.323  -2.654  10.794  1.00 66.26 ? 193 GLU A OE2 1 
ATOM   788  N N   . ILE A 1 101 ? 6.843   -5.815  11.479  1.00 22.13 ? 194 ILE A N   1 
ATOM   789  C CA  . ILE A 1 101 ? 5.690   -6.340  10.679  1.00 24.21 ? 194 ILE A CA  1 
ATOM   790  C C   . ILE A 1 101 ? 5.055   -7.513  11.352  1.00 25.47 ? 194 ILE A C   1 
ATOM   791  O O   . ILE A 1 101 ? 5.668   -8.614  11.472  1.00 27.68 ? 194 ILE A O   1 
ATOM   792  C CB  . ILE A 1 101 ? 6.042   -6.698  9.223   1.00 26.31 ? 194 ILE A CB  1 
ATOM   793  C CG1 . ILE A 1 101 ? 6.585   -5.465  8.471   1.00 26.19 ? 194 ILE A CG1 1 
ATOM   794  C CG2 . ILE A 1 101 ? 4.824   -7.216  8.459   1.00 26.31 ? 194 ILE A CG2 1 
ATOM   795  C CD1 . ILE A 1 101 ? 5.667   -4.302  8.273   1.00 25.27 ? 194 ILE A CD1 1 
ATOM   796  N N   . ARG A 1 102 ? 3.801   -7.316  11.734  1.00 25.61 ? 195 ARG A N   1 
ATOM   797  C CA  . ARG A 1 102 ? 3.010   -8.419  12.281  1.00 25.71 ? 195 ARG A CA  1 
ATOM   798  C C   . ARG A 1 102 ? 2.583   -9.458  11.340  1.00 26.72 ? 195 ARG A C   1 
ATOM   799  O O   . ARG A 1 102 ? 2.723   -10.686 11.578  1.00 27.25 ? 195 ARG A O   1 
ATOM   800  C CB  . ARG A 1 102 ? 1.733   -7.872  13.055  1.00 24.92 ? 195 ARG A CB  1 
ATOM   801  C CG  . ARG A 1 102 ? 1.110   -8.949  13.975  1.00 25.91 ? 195 ARG A CG  1 
ATOM   802  C CD  . ARG A 1 102 ? -0.235  -8.564  14.502  1.00 24.69 ? 195 ARG A CD  1 
ATOM   803  N NE  . ARG A 1 102 ? -0.258  -7.450  15.365  1.00 25.96 ? 195 ARG A NE  1 
ATOM   804  C CZ  . ARG A 1 102 ? 0.033   -7.512  16.671  1.00 27.40 ? 195 ARG A CZ  1 
ATOM   805  N NH1 . ARG A 1 102 ? 0.301   -8.673  17.219  1.00 25.38 ? 195 ARG A NH1 1 
ATOM   806  N NH2 . ARG A 1 102 ? 0.023   -6.474  17.390  1.00 26.31 ? 195 ARG A NH2 1 
ATOM   807  N N   . ASN A 1 103 ? 2.031   -9.058  10.180  1.00 24.98 ? 196 ASN A N   1 
ATOM   808  C CA  . ASN A 1 103 ? 1.437   -10.008 9.315   1.00 24.19 ? 196 ASN A CA  1 
ATOM   809  C C   . ASN A 1 103 ? 1.377   -9.361  7.930   1.00 26.76 ? 196 ASN A C   1 
ATOM   810  O O   . ASN A 1 103 ? 1.545   -8.159  7.809   1.00 24.03 ? 196 ASN A O   1 
ATOM   811  C CB  . ASN A 1 103 ? 0.010   -10.273 9.759   1.00 26.45 ? 196 ASN A CB  1 
ATOM   812  C CG  . ASN A 1 103 ? -0.495  -11.578 9.305   1.00 33.74 ? 196 ASN A CG  1 
ATOM   813  O OD1 . ASN A 1 103 ? 0.136   -12.260 8.472   1.00 33.73 ? 196 ASN A OD1 1 
ATOM   814  N ND2 . ASN A 1 103 ? -1.733  -11.895 9.740   1.00 42.86 ? 196 ASN A ND2 1 
ATOM   815  N N   . ILE A 1 104 ? 1.202   -10.205 6.943   1.00 25.33 ? 197 ILE A N   1 
ATOM   816  C CA  . ILE A 1 104 ? 1.205   -9.826  5.525   1.00 25.15 ? 197 ILE A CA  1 
ATOM   817  C C   . ILE A 1 104 ? 0.113   -10.646 4.897   1.00 27.41 ? 197 ILE A C   1 
ATOM   818  O O   . ILE A 1 104 ? 0.131   -11.871 5.023   1.00 26.06 ? 197 ILE A O   1 
ATOM   819  C CB  . ILE A 1 104 ? 2.526   -10.213 4.812   1.00 26.68 ? 197 ILE A CB  1 
ATOM   820  C CG1 . ILE A 1 104 ? 3.702   -9.499  5.431   1.00 28.79 ? 197 ILE A CG1 1 
ATOM   821  C CG2 . ILE A 1 104 ? 2.485   -9.815  3.339   1.00 23.71 ? 197 ILE A CG2 1 
ATOM   822  C CD1 . ILE A 1 104 ? 5.040   -10.025 5.055   1.00 31.51 ? 197 ILE A CD1 1 
ATOM   823  N N   . GLU A 1 105 ? -0.820  -10.017 4.180   1.00 23.83 ? 198 GLU A N   1 
ATOM   824  C CA  . GLU A 1 105 ? -1.989  -10.709 3.639   1.00 26.04 ? 198 GLU A CA  1 
ATOM   825  C C   . GLU A 1 105 ? -2.410  -10.117 2.340   1.00 24.03 ? 198 GLU A C   1 
ATOM   826  O O   . GLU A 1 105 ? -2.356  -8.880  2.128   1.00 22.87 ? 198 GLU A O   1 
ATOM   827  C CB  . GLU A 1 105 ? -3.157  -10.722 4.565   1.00 26.97 ? 198 GLU A CB  1 
ATOM   828  C CG  . GLU A 1 105 ? -3.001  -11.586 5.821   1.00 31.98 ? 198 GLU A CG  1 
ATOM   829  C CD  . GLU A 1 105 ? -4.199  -11.473 6.775   1.00 33.88 ? 198 GLU A CD  1 
ATOM   830  O OE1 . GLU A 1 105 ? -5.322  -11.079 6.396   1.00 35.16 ? 198 GLU A OE1 1 
ATOM   831  O OE2 . GLU A 1 105 ? -4.017  -11.866 7.961   1.00 44.58 ? 198 GLU A OE2 1 
ATOM   832  N N   . TRP A 1 106 ? -3.047  -10.979 1.544   1.00 23.76 ? 199 TRP A N   1 
ATOM   833  C CA  . TRP A 1 106 ? -3.764  -10.514 0.346   1.00 25.30 ? 199 TRP A CA  1 
ATOM   834  C C   . TRP A 1 106 ? -5.161  -10.096 0.769   1.00 22.63 ? 199 TRP A C   1 
ATOM   835  O O   . TRP A 1 106 ? -5.845  -10.796 1.558   1.00 26.43 ? 199 TRP A O   1 
ATOM   836  C CB  . TRP A 1 106 ? -3.896  -11.605 -0.712  1.00 24.39 ? 199 TRP A CB  1 
ATOM   837  C CG  . TRP A 1 106 ? -2.650  -12.027 -1.334  1.00 23.68 ? 199 TRP A CG  1 
ATOM   838  C CD1 . TRP A 1 106 ? -1.872  -13.160 -1.055  1.00 28.73 ? 199 TRP A CD1 1 
ATOM   839  C CD2 . TRP A 1 106 ? -1.925  -11.316 -2.392  1.00 25.45 ? 199 TRP A CD2 1 
ATOM   840  N NE1 . TRP A 1 106 ? -0.751  -13.173 -1.867  1.00 28.93 ? 199 TRP A NE1 1 
ATOM   841  C CE2 . TRP A 1 106 ? -0.751  -12.059 -2.681  1.00 27.05 ? 199 TRP A CE2 1 
ATOM   842  C CE3 . TRP A 1 106 ? -2.135  -10.125 -3.062  1.00 24.84 ? 199 TRP A CE3 1 
ATOM   843  C CZ2 . TRP A 1 106 ? 0.116   -11.689 -3.689  1.00 25.59 ? 199 TRP A CZ2 1 
ATOM   844  C CZ3 . TRP A 1 106 ? -1.290  -9.773  -4.064  1.00 26.56 ? 199 TRP A CZ3 1 
ATOM   845  C CH2 . TRP A 1 106 ? -0.141  -10.526 -4.338  1.00 29.37 ? 199 TRP A CH2 1 
ATOM   846  N N   . PHE A 1 107 ? -5.653  -8.997  0.198   1.00 23.06 ? 200 PHE A N   1 
ATOM   847  C CA  . PHE A 1 107 ? -7.042  -8.512  0.376   1.00 23.78 ? 200 PHE A CA  1 
ATOM   848  C C   . PHE A 1 107 ? -7.654  -8.286  -0.932  1.00 28.31 ? 200 PHE A C   1 
ATOM   849  O O   . PHE A 1 107 ? -7.024  -7.759  -1.873  1.00 26.34 ? 200 PHE A O   1 
ATOM   850  C CB  . PHE A 1 107 ? -7.087  -7.195  1.194   1.00 23.48 ? 200 PHE A CB  1 
ATOM   851  C CG  . PHE A 1 107 ? -6.661  -7.395  2.641   1.00 20.73 ? 200 PHE A CG  1 
ATOM   852  C CD1 . PHE A 1 107 ? -5.321  -7.432  3.061   1.00 24.88 ? 200 PHE A CD1 1 
ATOM   853  C CD2 . PHE A 1 107 ? -7.640  -7.705  3.580   1.00 23.83 ? 200 PHE A CD2 1 
ATOM   854  C CE1 . PHE A 1 107 ? -5.052  -7.657  4.412   1.00 25.66 ? 200 PHE A CE1 1 
ATOM   855  C CE2 . PHE A 1 107 ? -7.332  -7.944  4.897   1.00 24.57 ? 200 PHE A CE2 1 
ATOM   856  C CZ  . PHE A 1 107 ? -6.053  -7.842  5.304   1.00 23.16 ? 200 PHE A CZ  1 
ATOM   857  N N   . SER A 1 108 ? -8.941  -8.661  -1.011  1.00 23.70 ? 201 SER A N   1 
ATOM   858  C CA  . SER A 1 108 ? -9.742  -8.345  -2.190  1.00 25.93 ? 201 SER A CA  1 
ATOM   859  C C   . SER A 1 108 ? -9.928  -6.864  -2.365  1.00 25.02 ? 201 SER A C   1 
ATOM   860  O O   . SER A 1 108 ? -10.491 -6.174  -1.485  1.00 25.16 ? 201 SER A O   1 
ATOM   861  C CB  . SER A 1 108 ? -11.162 -9.067  -2.087  1.00 28.46 ? 201 SER A CB  1 
ATOM   862  O OG  . SER A 1 108 ? -12.022 -8.505  -3.047  1.00 31.28 ? 201 SER A OG  1 
ATOM   863  N N   . ILE A 1 109 ? -9.594  -6.375  -3.535  1.00 23.48 ? 202 ILE A N   1 
ATOM   864  C CA  . ILE A 1 109 ? -9.733  -4.945  -3.808  1.00 25.91 ? 202 ILE A CA  1 
ATOM   865  C C   . ILE A 1 109 ? -11.176 -4.497  -3.713  1.00 32.62 ? 202 ILE A C   1 
ATOM   866  O O   . ILE A 1 109 ? -11.496 -3.405  -3.182  1.00 30.23 ? 202 ILE A O   1 
ATOM   867  C CB  . ILE A 1 109 ? -9.146  -4.556  -5.172  1.00 31.62 ? 202 ILE A CB  1 
ATOM   868  C CG1 . ILE A 1 109 ? -7.661  -4.593  -5.191  1.00 38.00 ? 202 ILE A CG1 1 
ATOM   869  C CG2 . ILE A 1 109 ? -9.495  -3.095  -5.424  1.00 34.96 ? 202 ILE A CG2 1 
ATOM   870  C CD1 . ILE A 1 109 ? -7.132  -4.696  -6.626  1.00 42.44 ? 202 ILE A CD1 1 
ATOM   871  N N   . GLU A 1 110 ? -12.102 -5.322  -4.198  1.00 29.81 ? 203 GLU A N   1 
ATOM   872  C CA  . GLU A 1 110 ? -13.425 -4.842  -4.305  1.00 34.13 ? 203 GLU A CA  1 
ATOM   873  C C   . GLU A 1 110 ? -14.050 -4.767  -2.915  1.00 28.54 ? 203 GLU A C   1 
ATOM   874  O O   . GLU A 1 110 ? -15.014 -4.000  -2.720  1.00 32.58 ? 203 GLU A O   1 
ATOM   875  C CB  . GLU A 1 110 ? -14.204 -5.731  -5.293  1.00 34.71 ? 203 GLU A CB  1 
ATOM   876  C CG  . GLU A 1 110 ? -14.653 -7.079  -4.847  1.00 42.31 ? 203 GLU A CG  1 
ATOM   877  C CD  . GLU A 1 110 ? -15.447 -7.760  -6.017  1.00 46.59 ? 203 GLU A CD  1 
ATOM   878  O OE1 . GLU A 1 110 ? -15.301 -7.341  -7.194  1.00 60.71 ? 203 GLU A OE1 1 
ATOM   879  O OE2 . GLU A 1 110 ? -16.261 -8.640  -5.751  1.00 57.32 ? 203 GLU A OE2 1 
ATOM   880  N N   . LYS A 1 111 ? -13.483 -5.504  -1.937  1.00 25.73 ? 204 LYS A N   1 
ATOM   881  C CA  . LYS A 1 111 ? -14.047 -5.537  -0.564  1.00 27.98 ? 204 LYS A CA  1 
ATOM   882  C C   . LYS A 1 111 ? -13.460 -4.451  0.361   1.00 26.19 ? 204 LYS A C   1 
ATOM   883  O O   . LYS A 1 111 ? -13.998 -4.215  1.427   1.00 29.09 ? 204 LYS A O   1 
ATOM   884  C CB  . LYS A 1 111 ? -13.817 -6.859  0.073   1.00 31.83 ? 204 LYS A CB  1 
ATOM   885  C CG  . LYS A 1 111 ? -14.620 -7.969  -0.635  1.00 42.02 ? 204 LYS A CG  1 
ATOM   886  C CD  . LYS A 1 111 ? -14.520 -9.270  0.137   1.00 43.99 ? 204 LYS A CD  1 
ATOM   887  C CE  . LYS A 1 111 ? -15.550 -10.241 -0.445  1.00 58.54 ? 204 LYS A CE  1 
ATOM   888  N NZ  . LYS A 1 111 ? -15.603 -11.476 0.366   1.00 74.03 ? 204 LYS A NZ  1 
ATOM   889  N N   . LEU A 1 112 ? -12.320 -3.868  -0.069  1.00 24.73 ? 205 LEU A N   1 
ATOM   890  C CA  . LEU A 1 112 ? -11.631 -2.871  0.752   1.00 25.15 ? 205 LEU A CA  1 
ATOM   891  C C   . LEU A 1 112 ? -12.436 -1.620  0.681   1.00 28.01 ? 205 LEU A C   1 
ATOM   892  O O   . LEU A 1 112 ? -13.044 -1.277  -0.323  1.00 28.51 ? 205 LEU A O   1 
ATOM   893  C CB  . LEU A 1 112 ? -10.203 -2.596  0.248   1.00 23.08 ? 205 LEU A CB  1 
ATOM   894  C CG  . LEU A 1 112 ? -9.186  -3.701  0.539   1.00 24.67 ? 205 LEU A CG  1 
ATOM   895  C CD1 . LEU A 1 112 ? -7.886  -3.459  -0.246  1.00 26.28 ? 205 LEU A CD1 1 
ATOM   896  C CD2 . LEU A 1 112 ? -8.858  -3.791  2.029   1.00 26.42 ? 205 LEU A CD2 1 
ATOM   897  N N   . PRO A 1 113 ? -12.454 -0.910  1.799   1.00 27.66 ? 206 PRO A N   1 
ATOM   898  C CA  . PRO A 1 113 ? -13.154 0.377   1.798   1.00 32.14 ? 206 PRO A CA  1 
ATOM   899  C C   . PRO A 1 113 ? -12.420 1.449   1.024   1.00 32.87 ? 206 PRO A C   1 
ATOM   900  O O   . PRO A 1 113 ? -11.190 1.404   1.009   1.00 30.54 ? 206 PRO A O   1 
ATOM   901  C CB  . PRO A 1 113 ? -13.128 0.725   3.290   1.00 27.88 ? 206 PRO A CB  1 
ATOM   902  C CG  . PRO A 1 113 ? -11.909 0.076   3.840   1.00 28.29 ? 206 PRO A CG  1 
ATOM   903  C CD  . PRO A 1 113 ? -11.769 -1.225  3.077   1.00 28.98 ? 206 PRO A CD  1 
ATOM   904  N N   . CYS A 1 114 ? -13.118 2.399   0.419   1.00 31.78 ? 207 CYS A N   1 
ATOM   905  C CA  . CYS A 1 114 ? -12.374 3.538   -0.145  1.00 33.80 ? 207 CYS A CA  1 
ATOM   906  C C   . CYS A 1 114 ? -12.659 4.827   0.629   1.00 33.35 ? 207 CYS A C   1 
ATOM   907  O O   . CYS A 1 114 ? -12.153 5.881   0.249   1.00 36.63 ? 207 CYS A O   1 
ATOM   908  C CB  . CYS A 1 114 ? -12.628 3.702   -1.601  1.00 35.56 ? 207 CYS A CB  1 
ATOM   909  S SG  . CYS A 1 114 ? -14.379 4.060   -1.899  1.00 46.07 ? 207 CYS A SG  1 
ATOM   910  N N   . HIS A 1 115 ? -13.354 4.681   1.762   1.00 32.99 ? 208 HIS A N   1 
ATOM   911  C CA  . HIS A 1 115 ? -13.503 5.800   2.768   1.00 36.42 ? 208 HIS A CA  1 
ATOM   912  C C   . HIS A 1 115 ? -13.780 5.209   4.100   1.00 39.16 ? 208 HIS A C   1 
ATOM   913  O O   . HIS A 1 115 ? -14.137 4.052   4.189   1.00 33.89 ? 208 HIS A O   1 
ATOM   914  C CB  . HIS A 1 115 ? -14.639 6.747   2.278   1.00 39.27 ? 208 HIS A CB  1 
ATOM   915  C CG  . HIS A 1 115 ? -15.963 6.031   2.137   1.00 37.78 ? 208 HIS A CG  1 
ATOM   916  N ND1 . HIS A 1 115 ? -16.763 5.741   3.222   1.00 40.95 ? 208 HIS A ND1 1 
ATOM   917  C CD2 . HIS A 1 115 ? -16.546 5.423   1.074   1.00 40.95 ? 208 HIS A CD2 1 
ATOM   918  C CE1 . HIS A 1 115 ? -17.819 5.040   2.828   1.00 37.78 ? 208 HIS A CE1 1 
ATOM   919  N NE2 . HIS A 1 115 ? -17.711 4.838   1.526   1.00 40.88 ? 208 HIS A NE2 1 
ATOM   920  N N   A ARG A 1 116 ? -13.549 5.943   5.200   0.28 38.04 ? 209 ARG A N   1 
ATOM   921  N N   B ARG A 1 116 ? -13.739 6.079   5.087   0.15 41.38 ? 209 ARG A N   1 
ATOM   922  C CA  A ARG A 1 116 ? -14.029 5.472   6.519   0.28 35.77 ? 209 ARG A CA  1 
ATOM   923  C CA  B ARG A 1 116 ? -14.073 5.738   6.437   0.15 41.59 ? 209 ARG A CA  1 
ATOM   924  C C   A ARG A 1 116 ? -15.491 5.898   6.684   0.28 35.83 ? 209 ARG A C   1 
ATOM   925  C C   B ARG A 1 116 ? -15.575 5.930   6.632   0.15 40.50 ? 209 ARG A C   1 
ATOM   926  O O   A ARG A 1 116 ? -15.990 6.728   5.949   0.28 35.20 ? 209 ARG A O   1 
ATOM   927  O O   B ARG A 1 116 ? -16.192 6.673   5.871   0.15 40.36 ? 209 ARG A O   1 
ATOM   928  C CB  A ARG A 1 116 ? -13.167 5.989   7.669   0.28 35.14 ? 209 ARG A CB  1 
ATOM   929  C CB  B ARG A 1 116 ? -13.315 6.686   7.324   0.15 44.01 ? 209 ARG A CB  1 
ATOM   930  C CG  A ARG A 1 116 ? -11.690 5.667   7.548   0.28 34.02 ? 209 ARG A CG  1 
ATOM   931  C CG  B ARG A 1 116 ? -13.018 6.100   8.655   0.15 43.84 ? 209 ARG A CG  1 
ATOM   932  C CD  A ARG A 1 116 ? -10.847 6.746   8.182   0.28 39.71 ? 209 ARG A CD  1 
ATOM   933  C CD  B ARG A 1 116 ? -11.703 5.370   8.677   0.15 42.32 ? 209 ARG A CD  1 
ATOM   934  N NE  A ARG A 1 116 ? -10.829 6.632   9.614   0.28 41.32 ? 209 ARG A NE  1 
ATOM   935  N NE  B ARG A 1 116 ? -11.135 5.594   9.991   0.15 43.87 ? 209 ARG A NE  1 
ATOM   936  C CZ  A ARG A 1 116 ? -10.471 7.589   10.477  0.28 38.89 ? 209 ARG A CZ  1 
ATOM   937  C CZ  B ARG A 1 116 ? -10.533 6.727   10.362  0.15 44.79 ? 209 ARG A CZ  1 
ATOM   938  N NH1 A ARG A 1 116 ? -10.081 8.821   10.107  0.28 39.32 ? 209 ARG A NH1 1 
ATOM   939  N NH1 B ARG A 1 116 ? -10.354 7.733   9.499   0.15 43.90 ? 209 ARG A NH1 1 
ATOM   940  N NH2 A ARG A 1 116 ? -10.517 7.304   11.750  0.28 39.36 ? 209 ARG A NH2 1 
ATOM   941  N NH2 B ARG A 1 116 ? -10.079 6.848   11.596  0.15 44.33 ? 209 ARG A NH2 1 
ATOM   942  N N   . ASN A 1 117 ? -16.182 5.260   7.615   1.00 41.98 ? 210 ASN A N   1 
ATOM   943  C CA  . ASN A 1 117 ? -17.603 5.507   7.880   1.00 41.07 ? 210 ASN A CA  1 
ATOM   944  C C   . ASN A 1 117 ? -17.705 6.655   8.845   1.00 44.24 ? 210 ASN A C   1 
ATOM   945  O O   . ASN A 1 117 ? -16.831 6.832   9.759   1.00 36.46 ? 210 ASN A O   1 
ATOM   946  C CB  . ASN A 1 117 ? -18.217 4.258   8.472   1.00 50.14 ? 210 ASN A CB  1 
ATOM   947  C CG  . ASN A 1 117 ? -18.259 3.130   7.472   1.00 50.96 ? 210 ASN A CG  1 
ATOM   948  O OD1 . ASN A 1 117 ? -18.321 3.360   6.240   1.00 46.49 ? 210 ASN A OD1 1 
ATOM   949  N ND2 . ASN A 1 117 ? -18.245 1.919   7.989   1.00 55.41 ? 210 ASN A ND2 1 
ATOM   950  N N   . ASP A 1 118 ? -18.726 7.475   8.626   1.00 45.45 ? 211 ASP A N   1 
ATOM   951  C CA  . ASP A 1 118 ? -18.965 8.574   9.572   1.00 49.01 ? 211 ASP A CA  1 
ATOM   952  C C   . ASP A 1 118 ? -19.648 7.998   10.813  1.00 50.65 ? 211 ASP A C   1 
ATOM   953  O O   . ASP A 1 118 ? -19.669 6.756   10.988  1.00 44.28 ? 211 ASP A O   1 
ATOM   954  C CB  . ASP A 1 118 ? -19.630 9.802   8.892   1.00 51.15 ? 211 ASP A CB  1 
ATOM   955  C CG  . ASP A 1 118 ? -21.036 9.572   8.404   1.00 60.67 ? 211 ASP A CG  1 
ATOM   956  O OD1 . ASP A 1 118 ? -21.725 8.582   8.761   1.00 57.69 ? 211 ASP A OD1 1 
ATOM   957  O OD2 . ASP A 1 118 ? -21.454 10.480  7.651   1.00 64.01 ? 211 ASP A OD2 1 
ATOM   958  N N   . MET A 1 119 ? -20.111 8.889   11.709  1.00 46.47 ? 212 MET A N   1 
ATOM   959  C CA  . MET A 1 119 ? -20.876 8.504   12.920  1.00 54.17 ? 212 MET A CA  1 
ATOM   960  C C   . MET A 1 119 ? -22.197 9.332   12.983  1.00 60.78 ? 212 MET A C   1 
ATOM   961  O O   . MET A 1 119 ? -22.688 9.680   14.079  1.00 63.27 ? 212 MET A O   1 
ATOM   962  C CB  . MET A 1 119 ? -19.967 8.696   14.123  1.00 51.14 ? 212 MET A CB  1 
ATOM   963  C CG  . MET A 1 119 ? -18.803 7.696   14.076  1.00 52.26 ? 212 MET A CG  1 
ATOM   964  S SD  . MET A 1 119 ? -17.451 7.942   15.216  1.00 50.21 ? 212 MET A SD  1 
ATOM   965  C CE  . MET A 1 119 ? -16.931 9.617   14.835  1.00 57.91 ? 212 MET A CE  1 
ATOM   966  N N   . THR A 1 120 ? -22.749 9.626   11.788  1.00 57.35 ? 213 THR A N   1 
ATOM   967  C CA  . THR A 1 120 ? -24.094 10.201  11.599  1.00 68.59 ? 213 THR A CA  1 
ATOM   968  C C   . THR A 1 120 ? -25.211 9.445   12.351  1.00 75.62 ? 213 THR A C   1 
ATOM   969  O O   . THR A 1 120 ? -26.111 10.106  12.861  1.00 79.71 ? 213 THR A O   1 
ATOM   970  C CB  . THR A 1 120 ? -24.491 10.372  10.102  1.00 72.77 ? 213 THR A CB  1 
ATOM   971  O OG1 . THR A 1 120 ? -24.359 9.128   9.388   1.00 83.14 ? 213 THR A OG1 1 
ATOM   972  C CG2 . THR A 1 120 ? -23.645 11.449  9.424   1.00 68.54 ? 213 THR A CG2 1 
ATOM   973  N N   . PRO A 1 121 ? -25.150 8.085   12.442  1.00 85.43 ? 214 PRO A N   1 
ATOM   974  C CA  . PRO A 1 121 ? -26.076 7.415   13.377  1.00 81.34 ? 214 PRO A CA  1 
ATOM   975  C C   . PRO A 1 121 ? -26.044 7.964   14.829  1.00 82.57 ? 214 PRO A C   1 
ATOM   976  O O   . PRO A 1 121 ? -27.115 8.113   15.443  1.00 74.08 ? 214 PRO A O   1 
ATOM   977  C CB  . PRO A 1 121 ? -25.647 5.923   13.317  1.00 85.22 ? 214 PRO A CB  1 
ATOM   978  C CG  . PRO A 1 121 ? -24.426 5.857   12.451  1.00 90.88 ? 214 PRO A CG  1 
ATOM   979  C CD  . PRO A 1 121 ? -24.466 7.087   11.585  1.00 93.74 ? 214 PRO A CD  1 
ATOM   980  N N   . LYS A 1 122 ? -24.851 8.296   15.348  1.00 67.51 ? 215 LYS A N   1 
ATOM   981  C CA  . LYS A 1 122 ? -24.695 8.804   16.721  1.00 65.06 ? 215 LYS A CA  1 
ATOM   982  C C   . LYS A 1 122 ? -24.755 10.375  16.845  1.00 59.27 ? 215 LYS A C   1 
ATOM   983  O O   . LYS A 1 122 ? -24.505 10.913  17.930  1.00 76.97 ? 215 LYS A O   1 
ATOM   984  C CB  . LYS A 1 122 ? -23.372 8.275   17.288  1.00 64.15 ? 215 LYS A CB  1 
ATOM   985  C CG  . LYS A 1 122 ? -23.318 8.207   18.801  1.00 71.99 ? 215 LYS A CG  1 
ATOM   986  N N   . SER A 1 123 ? -25.084 11.082  15.756  1.00 51.47 ? 216 SER A N   1 
ATOM   987  C CA  . SER A 1 123 ? -24.935 12.567  15.646  1.00 47.01 ? 216 SER A CA  1 
ATOM   988  C C   . SER A 1 123 ? -23.612 13.108  16.177  1.00 41.21 ? 216 SER A C   1 
ATOM   989  O O   . SER A 1 123 ? -23.571 14.162  16.826  1.00 41.37 ? 216 SER A O   1 
ATOM   990  C CB  . SER A 1 123 ? -26.095 13.252  16.375  1.00 47.88 ? 216 SER A CB  1 
ATOM   991  O OG  . SER A 1 123 ? -27.332 12.765  15.900  1.00 54.56 ? 216 SER A OG  1 
ATOM   992  N N   . LYS A 1 124 ? -22.505 12.391  15.919  1.00 32.13 ? 217 LYS A N   1 
ATOM   993  C CA  . LYS A 1 124 ? -21.223 12.794  16.378  1.00 30.74 ? 217 LYS A CA  1 
ATOM   994  C C   . LYS A 1 124 ? -20.338 13.089  15.130  1.00 31.82 ? 217 LYS A C   1 
ATOM   995  O O   . LYS A 1 124 ? -20.462 12.373  14.095  1.00 36.51 ? 217 LYS A O   1 
ATOM   996  C CB  . LYS A 1 124 ? -20.651 11.595  17.142  1.00 37.13 ? 217 LYS A CB  1 
ATOM   997  C CG  . LYS A 1 124 ? -19.254 11.768  17.670  1.00 39.12 ? 217 LYS A CG  1 
ATOM   998  C CD  . LYS A 1 124 ? -18.963 10.663  18.717  1.00 44.76 ? 217 LYS A CD  1 
ATOM   999  N N   . LEU A 1 125 ? -19.467 14.090  15.249  1.00 27.67 ? 218 LEU A N   1 
ATOM   1000 C CA  . LEU A 1 125 ? -18.549 14.402  14.130  1.00 27.54 ? 218 LEU A CA  1 
ATOM   1001 C C   . LEU A 1 125 ? -17.410 13.417  14.068  1.00 29.73 ? 218 LEU A C   1 
ATOM   1002 O O   . LEU A 1 125 ? -16.909 12.932  15.061  1.00 31.54 ? 218 LEU A O   1 
ATOM   1003 C CB  . LEU A 1 125 ? -18.028 15.787  14.256  1.00 28.20 ? 218 LEU A CB  1 
ATOM   1004 C CG  . LEU A 1 125 ? -19.198 16.804  14.278  1.00 29.46 ? 218 LEU A CG  1 
ATOM   1005 C CD1 . LEU A 1 125 ? -18.689 18.128  14.010  1.00 36.19 ? 218 LEU A CD1 1 
ATOM   1006 C CD2 . LEU A 1 125 ? -20.375 16.528  13.279  1.00 33.40 ? 218 LEU A CD2 1 
ATOM   1007 N N   . GLY A 1 126 ? -16.931 13.262  12.858  1.00 29.18 ? 219 GLY A N   1 
ATOM   1008 C CA  . GLY A 1 126 ? -15.680 12.554  12.646  1.00 30.10 ? 219 GLY A CA  1 
ATOM   1009 C C   . GLY A 1 126 ? -15.933 11.240  11.982  1.00 26.43 ? 219 GLY A C   1 
ATOM   1010 O O   . GLY A 1 126 ? -16.934 11.004  11.374  1.00 29.36 ? 219 GLY A O   1 
ATOM   1011 N N   . LEU A 1 127 ? -14.937 10.363  12.105  1.00 31.50 ? 220 LEU A N   1 
ATOM   1012 C CA  . LEU A 1 127 ? -14.952 9.070   11.410  1.00 29.48 ? 220 LEU A CA  1 
ATOM   1013 C C   . LEU A 1 127 ? -14.697 7.939   12.389  1.00 25.43 ? 220 LEU A C   1 
ATOM   1014 O O   . LEU A 1 127 ? -13.886 8.127   13.299  1.00 29.86 ? 220 LEU A O   1 
ATOM   1015 C CB  . LEU A 1 127 ? -13.836 9.103   10.349  1.00 31.14 ? 220 LEU A CB  1 
ATOM   1016 C CG  . LEU A 1 127 ? -14.002 10.011  9.104   1.00 32.88 ? 220 LEU A CG  1 
ATOM   1017 C CD1 . LEU A 1 127 ? -12.728 10.101  8.332   1.00 41.54 ? 220 LEU A CD1 1 
ATOM   1018 C CD2 . LEU A 1 127 ? -15.185 9.603   8.234   1.00 34.28 ? 220 LEU A CD2 1 
ATOM   1019 N N   . ALA A 1 128 ? -15.336 6.804   12.126  1.00 29.82 ? 221 ALA A N   1 
ATOM   1020 C CA  . ALA A 1 128 ? -15.158 5.618   12.928  1.00 32.24 ? 221 ALA A CA  1 
ATOM   1021 C C   . ALA A 1 128 ? -13.782 5.050   12.626  1.00 36.68 ? 221 ALA A C   1 
ATOM   1022 O O   . ALA A 1 128 ? -13.289 5.224   11.522  1.00 32.50 ? 221 ALA A O   1 
ATOM   1023 C CB  . ALA A 1 128 ? -16.230 4.581   12.651  1.00 36.96 ? 221 ALA A CB  1 
ATOM   1024 N N   . PRO A 1 129 ? -13.136 4.427   13.604  1.00 34.76 ? 222 PRO A N   1 
ATOM   1025 C CA  . PRO A 1 129 ? -11.871 3.745   13.355  1.00 34.30 ? 222 PRO A CA  1 
ATOM   1026 C C   . PRO A 1 129 ? -12.015 2.712   12.278  1.00 29.76 ? 222 PRO A C   1 
ATOM   1027 O O   . PRO A 1 129 ? -13.110 2.119   12.076  1.00 31.75 ? 222 PRO A O   1 
ATOM   1028 C CB  . PRO A 1 129 ? -11.535 3.089   14.714  1.00 42.80 ? 222 PRO A CB  1 
ATOM   1029 C CG  . PRO A 1 129 ? -12.291 3.896   15.745  1.00 46.07 ? 222 PRO A CG  1 
ATOM   1030 C CD  . PRO A 1 129 ? -13.556 4.305   15.037  1.00 39.41 ? 222 PRO A CD  1 
ATOM   1031 N N   . ASN A 1 130 ? -10.905 2.481   11.519  1.00 28.62 ? 223 ASN A N   1 
ATOM   1032 C CA  . ASN A 1 130 ? -10.933 1.458   10.465  1.00 31.74 ? 223 ASN A CA  1 
ATOM   1033 C C   . ASN A 1 130 ? -9.576  0.957   10.282  1.00 27.79 ? 223 ASN A C   1 
ATOM   1034 O O   . ASN A 1 130 ? -8.654  1.695   10.216  1.00 26.11 ? 223 ASN A O   1 
ATOM   1035 C CB  . ASN A 1 130 ? -11.443 2.037   9.137   1.00 35.51 ? 223 ASN A CB  1 
ATOM   1036 C CG  . ASN A 1 130 ? -11.679 1.001   8.069   1.00 35.02 ? 223 ASN A CG  1 
ATOM   1037 O OD1 . ASN A 1 130 ? -10.752 0.441   7.572   1.00 29.70 ? 223 ASN A OD1 1 
ATOM   1038 N ND2 . ASN A 1 130 ? -12.909 0.735   7.728   1.00 36.24 ? 223 ASN A ND2 1 
ATOM   1039 N N   . LYS A 1 131 ? -9.423  -0.348  10.309  1.00 26.51 ? 224 LYS A N   1 
ATOM   1040 C CA  . LYS A 1 131 ? -8.112  -0.924  10.307  1.00 26.35 ? 224 LYS A CA  1 
ATOM   1041 C C   . LYS A 1 131 ? -7.376  -0.728  8.986   1.00 24.72 ? 224 LYS A C   1 
ATOM   1042 O O   . LYS A 1 131 ? -6.191  -1.015  8.947   1.00 26.04 ? 224 LYS A O   1 
ATOM   1043 C CB  . LYS A 1 131 ? -8.172  -2.404  10.616  1.00 26.96 ? 224 LYS A CB  1 
ATOM   1044 C CG  . LYS A 1 131 ? -8.910  -3.297  9.671   1.00 30.58 ? 224 LYS A CG  1 
ATOM   1045 C CD  . LYS A 1 131 ? -8.783  -4.710  10.216  1.00 31.45 ? 224 LYS A CD  1 
ATOM   1046 C CE  . LYS A 1 131 ? -9.492  -5.718  9.305   1.00 34.08 ? 224 LYS A CE  1 
ATOM   1047 N NZ  . LYS A 1 131 ? -9.399  -7.149  9.863   1.00 35.70 ? 224 LYS A NZ  1 
ATOM   1048 N N   . PHE A 1 132 ? -8.094  -0.272  7.974   1.00 24.39 ? 225 PHE A N   1 
ATOM   1049 C CA  . PHE A 1 132 ? -7.460  -0.059  6.651   1.00 23.68 ? 225 PHE A CA  1 
ATOM   1050 C C   . PHE A 1 132 ? -7.151  1.417   6.386   1.00 24.67 ? 225 PHE A C   1 
ATOM   1051 O O   . PHE A 1 132 ? -6.887  1.803   5.265   1.00 25.92 ? 225 PHE A O   1 
ATOM   1052 C CB  . PHE A 1 132 ? -8.373  -0.605  5.571   1.00 22.12 ? 225 PHE A CB  1 
ATOM   1053 C CG  . PHE A 1 132 ? -8.561  -2.096  5.629   1.00 23.84 ? 225 PHE A CG  1 
ATOM   1054 C CD1 . PHE A 1 132 ? -7.587  -2.933  5.291   1.00 23.03 ? 225 PHE A CD1 1 
ATOM   1055 C CD2 . PHE A 1 132 ? -9.798  -2.621  5.960   1.00 26.97 ? 225 PHE A CD2 1 
ATOM   1056 C CE1 . PHE A 1 132 ? -7.759  -4.278  5.368   1.00 22.20 ? 225 PHE A CE1 1 
ATOM   1057 C CE2 . PHE A 1 132 ? -9.979  -3.974  6.055   1.00 26.21 ? 225 PHE A CE2 1 
ATOM   1058 C CZ  . PHE A 1 132 ? -8.966  -4.793  5.727   1.00 25.62 ? 225 PHE A CZ  1 
ATOM   1059 N N   . PHE A 1 133 ? -7.138  2.209   7.460   0.43 24.74 ? 226 PHE A N   1 
ATOM   1060 C CA  . PHE A 1 133 ? -6.984  3.663   7.392   0.43 27.16 ? 226 PHE A CA  1 
ATOM   1061 C C   . PHE A 1 133 ? -5.865  4.094   6.450   0.43 27.54 ? 226 PHE A C   1 
ATOM   1062 O O   . PHE A 1 133 ? -6.100  4.956   5.610   0.43 25.81 ? 226 PHE A O   1 
ATOM   1063 C CB  . PHE A 1 133 ? -6.707  4.225   8.786   0.43 29.35 ? 226 PHE A CB  1 
ATOM   1064 C CG  . PHE A 1 133 ? -6.399  5.701   8.808   0.43 30.56 ? 226 PHE A CG  1 
ATOM   1065 C CD1 . PHE A 1 133 ? -7.390  6.635   8.528   0.43 34.49 ? 226 PHE A CD1 1 
ATOM   1066 C CD2 . PHE A 1 133 ? -5.131  6.152   9.118   0.43 33.11 ? 226 PHE A CD2 1 
ATOM   1067 C CE1 . PHE A 1 133 ? -7.125  8.014   8.565   0.43 35.18 ? 226 PHE A CE1 1 
ATOM   1068 C CE2 . PHE A 1 133 ? -4.858  7.521   9.168   0.43 35.39 ? 226 PHE A CE2 1 
ATOM   1069 C CZ  . PHE A 1 133 ? -5.848  8.447   8.880   0.43 35.35 ? 226 PHE A CZ  1 
ATOM   1070 N N   . MET A 1 134 ? -4.681  3.519   6.601   0.43 25.43 ? 227 MET A N   1 
ATOM   1071 C CA  . MET A 1 134 ? -3.535  3.922   5.760   0.43 27.78 ? 227 MET A CA  1 
ATOM   1072 C C   . MET A 1 134 ? -3.673  3.536   4.302   0.43 25.77 ? 227 MET A C   1 
ATOM   1073 O O   . MET A 1 134 ? -3.140  4.221   3.413   0.43 25.74 ? 227 MET A O   1 
ATOM   1074 C CB  . MET A 1 134 ? -2.228  3.373   6.303   0.43 30.12 ? 227 MET A CB  1 
ATOM   1075 C CG  . MET A 1 134 ? -1.719  4.099   7.528   0.43 34.00 ? 227 MET A CG  1 
ATOM   1076 S SD  . MET A 1 134 ? -1.560  5.878   7.327   0.43 34.62 ? 227 MET A SD  1 
ATOM   1077 C CE  . MET A 1 134 ? -0.114  5.953   6.256   0.43 32.84 ? 227 MET A CE  1 
ATOM   1078 N N   . ALA A 1 135 ? -4.361  2.428   4.030   1.00 25.08 ? 228 ALA A N   1 
ATOM   1079 C CA  . ALA A 1 135 ? -4.603  2.004   2.641   1.00 23.82 ? 228 ALA A CA  1 
ATOM   1080 C C   . ALA A 1 135 ? -5.676  2.786   1.925   1.00 23.92 ? 228 ALA A C   1 
ATOM   1081 O O   . ALA A 1 135 ? -5.625  3.039   0.702   1.00 24.49 ? 228 ALA A O   1 
ATOM   1082 C CB  . ALA A 1 135 ? -4.928  0.536   2.583   1.00 22.11 ? 228 ALA A CB  1 
ATOM   1083 N N   . ILE A 1 136 ? -6.741  3.204   2.703   1.00 23.70 ? 229 ILE A N   1 
ATOM   1084 C CA  . ILE A 1 136 ? -7.939  3.753   2.141   1.00 25.34 ? 229 ILE A CA  1 
ATOM   1085 C C   . ILE A 1 136 ? -7.704  4.880   1.115   1.00 22.85 ? 229 ILE A C   1 
ATOM   1086 O O   . ILE A 1 136 ? -8.314  4.850   0.070   1.00 24.54 ? 229 ILE A O   1 
ATOM   1087 C CB  . ILE A 1 136 ? -8.839  4.254   3.291   1.00 25.67 ? 229 ILE A CB  1 
ATOM   1088 C CG1 . ILE A 1 136 ? -9.569  3.011   3.802   1.00 28.41 ? 229 ILE A CG1 1 
ATOM   1089 C CG2 . ILE A 1 136 ? -9.777  5.395   2.886   1.00 29.95 ? 229 ILE A CG2 1 
ATOM   1090 C CD1 . ILE A 1 136 ? -10.308 3.250   5.140   1.00 28.17 ? 229 ILE A CD1 1 
ATOM   1091 N N   . PRO A 1 137 ? -6.775  5.813   1.363   1.00 26.34 ? 230 PRO A N   1 
ATOM   1092 C CA  . PRO A 1 137 ? -6.684  6.923   0.370   1.00 26.56 ? 230 PRO A CA  1 
ATOM   1093 C C   . PRO A 1 137 ? -6.269  6.475   -1.013  1.00 26.03 ? 230 PRO A C   1 
ATOM   1094 O O   . PRO A 1 137 ? -6.507  7.180   -1.961  1.00 28.59 ? 230 PRO A O   1 
ATOM   1095 C CB  . PRO A 1 137 ? -5.595  7.798   0.944   1.00 30.11 ? 230 PRO A CB  1 
ATOM   1096 C CG  . PRO A 1 137 ? -5.589  7.542   2.400   1.00 32.39 ? 230 PRO A CG  1 
ATOM   1097 C CD  . PRO A 1 137 ? -5.932  6.043   2.535   1.00 28.82 ? 230 PRO A CD  1 
ATOM   1098 N N   . PHE A 1 138 ? -5.598  5.293   -1.119  1.00 24.34 ? 231 PHE A N   1 
ATOM   1099 C CA  . PHE A 1 138 ? -5.100  4.835   -2.414  1.00 23.49 ? 231 PHE A CA  1 
ATOM   1100 C C   . PHE A 1 138 ? -6.112  4.004   -3.153  1.00 23.29 ? 231 PHE A C   1 
ATOM   1101 O O   . PHE A 1 138 ? -5.879  3.713   -4.281  1.00 24.61 ? 231 PHE A O   1 
ATOM   1102 C CB  . PHE A 1 138 ? -3.844  3.959   -2.204  1.00 23.32 ? 231 PHE A CB  1 
ATOM   1103 C CG  . PHE A 1 138 ? -2.683  4.751   -1.679  1.00 24.96 ? 231 PHE A CG  1 
ATOM   1104 C CD1 . PHE A 1 138 ? -1.826  5.397   -2.582  1.00 28.51 ? 231 PHE A CD1 1 
ATOM   1105 C CD2 . PHE A 1 138 ? -2.490  4.922   -0.318  1.00 28.01 ? 231 PHE A CD2 1 
ATOM   1106 C CE1 . PHE A 1 138 ? -0.821  6.169   -2.091  1.00 28.89 ? 231 PHE A CE1 1 
ATOM   1107 C CE2 . PHE A 1 138 ? -1.409  5.662   0.136   1.00 31.61 ? 231 PHE A CE2 1 
ATOM   1108 C CZ  . PHE A 1 138 ? -0.602  6.270   -0.785  1.00 28.94 ? 231 PHE A CZ  1 
ATOM   1109 N N   . ILE A 1 139 ? -7.192  3.558   -2.539  1.00 23.68 ? 232 ILE A N   1 
ATOM   1110 C CA  . ILE A 1 139 ? -8.114  2.585   -3.122  1.00 23.72 ? 232 ILE A CA  1 
ATOM   1111 C C   . ILE A 1 139 ? -8.929  3.056   -4.362  1.00 28.85 ? 232 ILE A C   1 
ATOM   1112 O O   . ILE A 1 139 ? -8.881  2.446   -5.399  1.00 29.66 ? 232 ILE A O   1 
ATOM   1113 C CB  . ILE A 1 139 ? -9.051  1.926   -2.115  1.00 26.26 ? 232 ILE A CB  1 
ATOM   1114 C CG1 . ILE A 1 139 ? -8.261  1.237   -0.970  1.00 24.99 ? 232 ILE A CG1 1 
ATOM   1115 C CG2 . ILE A 1 139 ? -9.952  0.918   -2.820  1.00 31.76 ? 232 ILE A CG2 1 
ATOM   1116 C CD1 . ILE A 1 139 ? -7.258  0.164   -1.384  1.00 25.85 ? 232 ILE A CD1 1 
ATOM   1117 N N   . ARG A 1 140 ? -9.591  4.206   -4.249  1.00 27.63 ? 233 ARG A N   1 
ATOM   1118 C CA  . ARG A 1 140 ? -10.267 4.750   -5.410  1.00 29.66 ? 233 ARG A CA  1 
ATOM   1119 C C   . ARG A 1 140 ? -9.304  5.108   -6.537  1.00 28.39 ? 233 ARG A C   1 
ATOM   1120 O O   . ARG A 1 140 ? -9.480  4.671   -7.657  1.00 28.82 ? 233 ARG A O   1 
ATOM   1121 C CB  . ARG A 1 140 ? -11.127 5.945   -4.989  1.00 33.23 ? 233 ARG A CB  1 
ATOM   1122 C CG  . ARG A 1 140 ? -11.770 6.647   -6.191  1.00 39.19 ? 233 ARG A CG  1 
ATOM   1123 C CD  . ARG A 1 140 ? -12.599 5.691   -6.979  1.00 50.98 ? 233 ARG A CD  1 
ATOM   1124 N NE  . ARG A 1 140 ? -13.428 4.833   -6.131  1.00 59.39 ? 233 ARG A NE  1 
ATOM   1125 C CZ  . ARG A 1 140 ? -14.092 3.770   -6.572  1.00 70.48 ? 233 ARG A CZ  1 
ATOM   1126 N NH1 . ARG A 1 140 ? -14.069 3.416   -7.876  1.00 75.56 ? 233 ARG A NH1 1 
ATOM   1127 N NH2 . ARG A 1 140 ? -14.805 3.063   -5.708  1.00 75.23 ? 233 ARG A NH2 1 
ATOM   1128 N N   . PRO A 1 141 ? -8.207  5.825   -6.241  1.00 28.29 ? 234 PRO A N   1 
ATOM   1129 C CA  . PRO A 1 141 ? -7.242  5.984   -7.309  1.00 29.29 ? 234 PRO A CA  1 
ATOM   1130 C C   . PRO A 1 141 ? -6.706  4.722   -7.939  1.00 30.84 ? 234 PRO A C   1 
ATOM   1131 O O   . PRO A 1 141 ? -6.461  4.689   -9.186  1.00 29.56 ? 234 PRO A O   1 
ATOM   1132 C CB  . PRO A 1 141 ? -6.111  6.813   -6.648  1.00 29.21 ? 234 PRO A CB  1 
ATOM   1133 C CG  . PRO A 1 141 ? -6.736  7.394   -5.453  1.00 31.50 ? 234 PRO A CG  1 
ATOM   1134 C CD  . PRO A 1 141 ? -7.876  6.590   -5.042  1.00 29.31 ? 234 PRO A CD  1 
ATOM   1135 N N   . LEU A 1 142 ? -6.474  3.686   -7.141  1.00 27.32 ? 235 LEU A N   1 
ATOM   1136 C CA  . LEU A 1 142 ? -6.035  2.387   -7.713  1.00 27.25 ? 235 LEU A CA  1 
ATOM   1137 C C   . LEU A 1 142 ? -7.096  1.759   -8.623  1.00 28.88 ? 235 LEU A C   1 
ATOM   1138 O O   . LEU A 1 142 ? -6.756  1.319   -9.738  1.00 29.34 ? 235 LEU A O   1 
ATOM   1139 C CB  . LEU A 1 142 ? -5.660  1.358   -6.636  1.00 24.64 ? 235 LEU A CB  1 
ATOM   1140 C CG  . LEU A 1 142 ? -5.359  -0.051  -7.078  1.00 24.73 ? 235 LEU A CG  1 
ATOM   1141 C CD1 . LEU A 1 142 ? -4.123  -0.074  -7.899  1.00 24.90 ? 235 LEU A CD1 1 
ATOM   1142 C CD2 . LEU A 1 142 ? -5.224  -1.014  -5.865  1.00 25.30 ? 235 LEU A CD2 1 
ATOM   1143 N N   . ARG A 1 143 ? -8.342  1.769   -8.174  1.00 28.88 ? 236 ARG A N   1 
ATOM   1144 C CA  . ARG A 1 143 ? -9.456  1.212   -8.981  1.00 27.75 ? 236 ARG A CA  1 
ATOM   1145 C C   . ARG A 1 143 ? -9.538  2.013   -10.305 1.00 29.65 ? 236 ARG A C   1 
ATOM   1146 O O   . ARG A 1 143 ? -9.634  1.423   -11.382 1.00 31.93 ? 236 ARG A O   1 
ATOM   1147 C CB  . ARG A 1 143 ? -10.801 1.267   -8.281  1.00 28.45 ? 236 ARG A CB  1 
ATOM   1148 C CG  . ARG A 1 143 ? -10.841 0.363   -7.075  1.00 29.51 ? 236 ARG A CG  1 
ATOM   1149 C CD  . ARG A 1 143 ? -12.190 0.500   -6.393  1.00 36.60 ? 236 ARG A CD  1 
ATOM   1150 N NE  . ARG A 1 143 ? -12.310 -0.421  -5.268  1.00 37.19 ? 236 ARG A NE  1 
ATOM   1151 C CZ  . ARG A 1 143 ? -13.000 -0.218  -4.131  1.00 38.63 ? 236 ARG A CZ  1 
ATOM   1152 N NH1 . ARG A 1 143 ? -13.642 0.921   -3.918  1.00 36.26 ? 236 ARG A NH1 1 
ATOM   1153 N NH2 . ARG A 1 143 ? -13.005 -1.147  -3.175  1.00 33.58 ? 236 ARG A NH2 1 
ATOM   1154 N N   . ASP A 1 144 ? -9.397  3.341   -10.228 1.00 30.18 ? 237 ASP A N   1 
ATOM   1155 C CA  . ASP A 1 144 ? -9.472  4.148   -11.473 1.00 32.47 ? 237 ASP A CA  1 
ATOM   1156 C C   . ASP A 1 144 ? -8.283  3.914   -12.381 1.00 36.15 ? 237 ASP A C   1 
ATOM   1157 O O   . ASP A 1 144 ? -8.414  3.928   -13.568 1.00 35.31 ? 237 ASP A O   1 
ATOM   1158 C CB  . ASP A 1 144 ? -9.566  5.638   -11.171 1.00 34.36 ? 237 ASP A CB  1 
ATOM   1159 C CG  . ASP A 1 144 ? -10.943 6.022   -10.487 1.00 40.21 ? 237 ASP A CG  1 
ATOM   1160 O OD1 . ASP A 1 144 ? -11.889 5.188   -10.420 1.00 45.13 ? 237 ASP A OD1 1 
ATOM   1161 O OD2 . ASP A 1 144 ? -11.013 7.122   -9.914  1.00 45.45 ? 237 ASP A OD2 1 
ATOM   1162 N N   . TRP A 1 145 ? -7.109  3.763   -11.791 1.00 30.34 ? 238 TRP A N   1 
ATOM   1163 C CA  . TRP A 1 145 ? -5.935  3.467   -12.524 1.00 31.78 ? 238 TRP A CA  1 
ATOM   1164 C C   . TRP A 1 145 ? -6.013  2.108   -13.193 1.00 33.13 ? 238 TRP A C   1 
ATOM   1165 O O   . TRP A 1 145 ? -5.633  2.001   -14.369 1.00 33.55 ? 238 TRP A O   1 
ATOM   1166 C CB  . TRP A 1 145 ? -4.705  3.585   -11.601 1.00 31.10 ? 238 TRP A CB  1 
ATOM   1167 C CG  . TRP A 1 145 ? -3.380  3.435   -12.311 1.00 34.66 ? 238 TRP A CG  1 
ATOM   1168 C CD1 . TRP A 1 145 ? -2.539  4.478   -12.628 1.00 35.46 ? 238 TRP A CD1 1 
ATOM   1169 C CD2 . TRP A 1 145 ? -2.695  2.242   -12.750 1.00 29.63 ? 238 TRP A CD2 1 
ATOM   1170 N NE1 . TRP A 1 145 ? -1.412  4.042   -13.238 1.00 33.82 ? 238 TRP A NE1 1 
ATOM   1171 C CE2 . TRP A 1 145 ? -1.471  2.687   -13.356 1.00 35.63 ? 238 TRP A CE2 1 
ATOM   1172 C CE3 . TRP A 1 145 ? -2.959  0.880   -12.740 1.00 30.62 ? 238 TRP A CE3 1 
ATOM   1173 C CZ2 . TRP A 1 145 ? -0.554  1.829   -13.869 1.00 33.18 ? 238 TRP A CZ2 1 
ATOM   1174 C CZ3 . TRP A 1 145 ? -1.974  0.000   -13.227 1.00 32.31 ? 238 TRP A CZ3 1 
ATOM   1175 C CH2 . TRP A 1 145 ? -0.813  0.492   -13.812 1.00 34.77 ? 238 TRP A CH2 1 
ATOM   1176 N N   . LEU A 1 146 ? -6.588  1.090   -12.542 1.00 29.40 ? 239 LEU A N   1 
ATOM   1177 C CA  . LEU A 1 146 ? -6.667  -0.260  -13.154 1.00 30.41 ? 239 LEU A CA  1 
ATOM   1178 C C   . LEU A 1 146 ? -7.671  -0.285  -14.360 1.00 35.10 ? 239 LEU A C   1 
ATOM   1179 O O   . LEU A 1 146 ? -7.366  -0.885  -15.369 1.00 35.13 ? 239 LEU A O   1 
ATOM   1180 C CB  . LEU A 1 146 ? -7.100  -1.313  -12.196 1.00 28.98 ? 239 LEU A CB  1 
ATOM   1181 C CG  . LEU A 1 146 ? -5.997  -1.527  -11.151 1.00 30.01 ? 239 LEU A CG  1 
ATOM   1182 C CD1 . LEU A 1 146 ? -6.495  -2.276  -9.966  1.00 27.87 ? 239 LEU A CD1 1 
ATOM   1183 C CD2 . LEU A 1 146 ? -4.802  -2.265  -11.733 1.00 27.92 ? 239 LEU A CD2 1 
ATOM   1184 N N   . SER A 1 147 ? -8.754  0.445   -14.180 1.00 36.42 ? 240 SER A N   1 
ATOM   1185 C CA  . SER A 1 147 ? -9.781  0.658   -15.248 1.00 39.88 ? 240 SER A CA  1 
ATOM   1186 C C   . SER A 1 147 ? -9.148  1.340   -16.444 1.00 37.84 ? 240 SER A C   1 
ATOM   1187 O O   . SER A 1 147 ? -9.293  0.852   -17.555 1.00 42.68 ? 240 SER A O   1 
ATOM   1188 C CB  . SER A 1 147 ? -10.921 1.513   -14.730 1.00 39.10 ? 240 SER A CB  1 
ATOM   1189 O OG  . SER A 1 147 ? -11.567 0.764   -13.745 1.00 49.30 ? 240 SER A OG  1 
ATOM   1190 N N   . ARG A 1 148 ? -8.421  2.438   -16.256 1.00 41.20 ? 241 ARG A N   1 
ATOM   1191 C CA  . ARG A 1 148 ? -7.744  3.049   -17.390 1.00 44.97 ? 241 ARG A CA  1 
ATOM   1192 C C   . ARG A 1 148 ? -6.655  2.168   -18.103 1.00 60.05 ? 241 ARG A C   1 
ATOM   1193 O O   . ARG A 1 148 ? -6.561  2.206   -19.340 1.00 61.44 ? 241 ARG A O   1 
ATOM   1194 C CB  . ARG A 1 148 ? -7.183  4.423   -17.045 1.00 46.43 ? 241 ARG A CB  1 
ATOM   1195 C CG  . ARG A 1 148 ? -8.193  5.402   -16.438 1.00 55.05 ? 241 ARG A CG  1 
ATOM   1196 N N   . ARG A 1 149 ? -5.880  1.397   -17.337 0.50 60.25 ? 242 ARG A N   1 
ATOM   1197 C CA  . ARG A 1 149 ? -4.748  0.622   -17.879 0.50 64.14 ? 242 ARG A CA  1 
ATOM   1198 C C   . ARG A 1 149 ? -5.067  -0.783  -18.371 0.50 68.37 ? 242 ARG A C   1 
ATOM   1199 O O   . ARG A 1 149 ? -4.341  -1.301  -19.222 0.50 72.19 ? 242 ARG A O   1 
ATOM   1200 C CB  . ARG A 1 149 ? -3.630  0.535   -16.850 0.50 68.62 ? 242 ARG A CB  1 
ATOM   1201 C CG  . ARG A 1 149 ? -2.804  1.800   -16.780 0.50 69.55 ? 242 ARG A CG  1 
ATOM   1202 C CD  . ARG A 1 149 ? -2.690  2.447   -18.151 0.50 72.48 ? 242 ARG A CD  1 
ATOM   1203 N NE  . ARG A 1 149 ? -2.017  3.735   -18.065 0.50 71.71 ? 242 ARG A NE  1 
ATOM   1204 C CZ  . ARG A 1 149 ? -2.347  4.671   -17.186 0.50 71.28 ? 242 ARG A CZ  1 
ATOM   1205 N NH1 . ARG A 1 149 ? -1.695  5.823   -17.161 0.50 73.90 ? 242 ARG A NH1 1 
ATOM   1206 N NH2 . ARG A 1 149 ? -3.327  4.444   -16.322 0.50 70.61 ? 242 ARG A NH2 1 
ATOM   1207 N N   . PHE A 1 150 ? -6.119  -1.403  -17.834 1.00 68.47 ? 243 PHE A N   1 
ATOM   1208 C CA  . PHE A 1 150 ? -6.556  -2.748  -18.263 1.00 62.54 ? 243 PHE A CA  1 
ATOM   1209 C C   . PHE A 1 150 ? -7.974  -2.746  -18.832 1.00 76.43 ? 243 PHE A C   1 
ATOM   1210 O O   . PHE A 1 150 ? -8.174  -3.152  -19.978 1.00 95.17 ? 243 PHE A O   1 
ATOM   1211 C CB  . PHE A 1 150 ? -6.481  -3.717  -17.093 1.00 53.32 ? 243 PHE A CB  1 
ATOM   1212 C CG  . PHE A 1 150 ? -5.082  -3.934  -16.582 1.00 62.99 ? 243 PHE A CG  1 
ATOM   1213 C CD1 . PHE A 1 150 ? -4.234  -4.838  -17.207 1.00 66.09 ? 243 PHE A CD1 1 
ATOM   1214 C CD2 . PHE A 1 150 ? -4.590  -3.237  -15.504 1.00 49.77 ? 243 PHE A CD2 1 
ATOM   1215 C CE1 . PHE A 1 150 ? -2.934  -5.060  -16.752 1.00 68.19 ? 243 PHE A CE1 1 
ATOM   1216 C CE2 . PHE A 1 150 ? -3.275  -3.431  -15.072 1.00 56.88 ? 243 PHE A CE2 1 
ATOM   1217 C CZ  . PHE A 1 150 ? -2.451  -4.356  -15.683 1.00 55.21 ? 243 PHE A CZ  1 
ATOM   1218 N N   . GLY A 1 151 ? -8.954  -2.340  -18.017 1.00 88.23 ? 244 GLY A N   1 
ATOM   1219 C CA  . GLY A 1 151 ? -10.373 -2.275  -18.413 1.00 80.77 ? 244 GLY A CA  1 
ATOM   1220 C C   . GLY A 1 151 ? -10.932 -3.591  -18.918 1.00 87.34 ? 244 GLY A C   1 
ATOM   1221 O O   . GLY A 1 151 ? -11.879 -4.132  -18.351 1.00 94.66 ? 244 GLY A O   1 
HETATM 1222 C C1  . EDO B 2 .   ? 16.108  -4.126  -2.624  1.00 60.39 ? 301 EDO A C1  1 
HETATM 1223 O O1  . EDO B 2 .   ? 16.321  -5.303  -1.811  1.00 67.69 ? 301 EDO A O1  1 
HETATM 1224 C C2  . EDO B 2 .   ? 16.000  -4.595  -4.088  1.00 61.19 ? 301 EDO A C2  1 
HETATM 1225 O O2  . EDO B 2 .   ? 16.620  -3.666  -4.993  1.00 70.78 ? 301 EDO A O2  1 
HETATM 1226 C C1  . EDO C 2 .   ? -9.264  -0.341  14.218  1.00 56.22 ? 302 EDO A C1  1 
HETATM 1227 O O1  . EDO C 2 .   ? -8.696  0.876   13.635  1.00 55.58 ? 302 EDO A O1  1 
HETATM 1228 C C2  . EDO C 2 .   ? -10.784 -0.422  14.081  1.00 59.87 ? 302 EDO A C2  1 
HETATM 1229 O O2  . EDO C 2 .   ? -11.293 -1.332  13.073  1.00 69.36 ? 302 EDO A O2  1 
HETATM 1230 S S   . DMS D 3 .   ? -7.371  -13.653 -1.216  1.00 73.33 ? 303 DMS A S   1 
HETATM 1231 O O   . DMS D 3 .   ? -7.749  -12.337 -0.674  1.00 44.96 ? 303 DMS A O   1 
HETATM 1232 C C1  . DMS D 3 .   ? -7.418  -14.760 0.088   1.00 63.41 ? 303 DMS A C1  1 
HETATM 1233 C C2  . DMS D 3 .   ? -8.612  -14.188 -2.276  1.00 67.30 ? 303 DMS A C2  1 
HETATM 1234 C C   . ACT E 4 .   ? -2.517  -2.460  19.026  1.00 51.62 ? 304 ACT A C   1 
HETATM 1235 O O   . ACT E 4 .   ? -1.964  -1.336  19.057  1.00 62.61 ? 304 ACT A O   1 
HETATM 1236 O OXT . ACT E 4 .   ? -2.174  -3.223  18.136  1.00 56.65 ? 304 ACT A OXT 1 
HETATM 1237 C CH3 . ACT E 4 .   ? -3.527  -2.950  20.082  1.00 58.93 ? 304 ACT A CH3 1 
HETATM 1238 C C   . ACT F 4 .   ? -7.752  4.818   12.365  1.00 36.89 ? 305 ACT A C   1 
HETATM 1239 O O   . ACT F 4 .   ? -8.818  4.587   11.777  1.00 39.69 ? 305 ACT A O   1 
HETATM 1240 O OXT . ACT F 4 .   ? -7.184  3.847   12.959  1.00 69.57 ? 305 ACT A OXT 1 
HETATM 1241 C CH3 . ACT F 4 .   ? -7.264  6.227   12.644  1.00 45.06 ? 305 ACT A CH3 1 
HETATM 1242 N N1  . LJM G 5 .   ? -1.473  1.876   10.641  0.43 51.66 ? 306 LJM A N1  1 
HETATM 1243 C C4  . LJM G 5 .   ? -2.268  2.781   11.325  0.43 55.48 ? 306 LJM A C4  1 
HETATM 1244 C C5  . LJM G 5 .   ? -0.448  2.511   10.075  0.43 54.51 ? 306 LJM A C5  1 
HETATM 1245 C C6  . LJM G 5 .   ? 0.479   1.903   9.140   0.43 56.01 ? 306 LJM A C6  1 
HETATM 1246 C C7  . LJM G 5 .   ? 0.958   0.083   7.568   0.43 58.78 ? 306 LJM A C7  1 
HETATM 1247 C C8  . LJM G 5 .   ? 2.444   -0.144  7.725   0.43 58.50 ? 306 LJM A C8  1 
HETATM 1248 C C10 . LJM G 5 .   ? 4.725   0.275   7.040   0.43 60.54 ? 306 LJM A C10 1 
HETATM 1249 C C13 . LJM G 5 .   ? 2.927   -1.036  8.667   0.43 57.09 ? 306 LJM A C13 1 
HETATM 1250 C C1  . LJM G 5 .   ? -2.162  5.742   13.168  0.43 57.87 ? 306 LJM A C1  1 
HETATM 1251 C C11 . LJM G 5 .   ? 5.148   -0.606  7.996   0.43 56.98 ? 306 LJM A C11 1 
HETATM 1252 C C12 . LJM G 5 .   ? 4.285   -1.267  8.819   0.43 56.09 ? 306 LJM A C12 1 
HETATM 1253 C C2  . LJM G 5 .   ? -2.588  5.302   11.821  0.43 57.11 ? 306 LJM A C2  1 
HETATM 1254 C C3  . LJM G 5 .   ? -1.878  4.072   11.314  0.43 53.88 ? 306 LJM A C3  1 
HETATM 1255 C C9  . LJM G 5 .   ? 3.361   0.501   6.909   0.43 60.42 ? 306 LJM A C9  1 
HETATM 1256 F F1  . LJM G 5 .   ? 6.485   -0.835  8.139   0.43 48.76 ? 306 LJM A F1  1 
HETATM 1257 N N2  . LJM G 5 .   ? 0.303   0.627   8.755   0.43 56.37 ? 306 LJM A N2  1 
HETATM 1258 O O1  . LJM G 5 .   ? 1.392   2.603   8.691   0.43 59.80 ? 306 LJM A O1  1 
HETATM 1259 S S1  . LJM G 5 .   ? -0.332  4.169   10.564  0.43 49.19 ? 306 LJM A S1  1 
HETATM 1260 O O   . HOH H 6 .   ? -11.980 -1.981  10.907  1.00 39.20 ? 401 HOH A O   1 
HETATM 1261 O O   . HOH H 6 .   ? -20.229 4.562   11.998  1.00 57.58 ? 402 HOH A O   1 
HETATM 1262 O O   . HOH H 6 .   ? 0.899   6.061   -13.598 1.00 43.35 ? 403 HOH A O   1 
HETATM 1263 O O   . HOH H 6 .   ? 19.431  5.125   -4.994  1.00 46.39 ? 404 HOH A O   1 
HETATM 1264 O O   . HOH H 6 .   ? 1.153   -15.429 -0.692  1.00 48.35 ? 405 HOH A O   1 
HETATM 1265 O O   . HOH H 6 .   ? 0.385   -3.159  18.339  1.00 36.12 ? 406 HOH A O   1 
HETATM 1266 O O   . HOH H 6 .   ? -5.258  17.647  7.408   1.00 43.72 ? 407 HOH A O   1 
HETATM 1267 O O   . HOH H 6 .   ? 10.835  -1.063  6.169   1.00 49.93 ? 408 HOH A O   1 
HETATM 1268 O O   . HOH H 6 .   ? -14.856 1.170   13.736  1.00 51.46 ? 409 HOH A O   1 
HETATM 1269 O O   . HOH H 6 .   ? 12.166  -2.450  -13.426 1.00 48.08 ? 410 HOH A O   1 
HETATM 1270 O O   . HOH H 6 .   ? 18.850  2.344   -1.604  1.00 50.48 ? 411 HOH A O   1 
HETATM 1271 O O   . HOH H 6 .   ? -9.443  -5.246  -10.026 1.00 41.12 ? 412 HOH A O   1 
HETATM 1272 O O   . HOH H 6 .   ? 12.423  11.756  -2.795  1.00 45.42 ? 413 HOH A O   1 
HETATM 1273 O O   . HOH H 6 .   ? 16.659  -1.447  -6.362  1.00 51.35 ? 414 HOH A O   1 
HETATM 1274 O O   . HOH H 6 .   ? -0.781  -4.712  14.892  1.00 28.61 ? 415 HOH A O   1 
HETATM 1275 O O   . HOH H 6 .   ? -10.113 -15.824 -8.810  1.00 50.19 ? 416 HOH A O   1 
HETATM 1276 O O   . HOH H 6 .   ? -2.694  -10.370 11.648  1.00 37.19 ? 417 HOH A O   1 
HETATM 1277 O O   . HOH H 6 .   ? 16.706  -0.755  -3.325  1.00 36.21 ? 418 HOH A O   1 
HETATM 1278 O O   . HOH H 6 .   ? -13.378 -14.449 -8.966  1.00 37.80 ? 419 HOH A O   1 
HETATM 1279 O O   . HOH H 6 .   ? -7.387  9.672   -2.062  1.00 37.76 ? 420 HOH A O   1 
HETATM 1280 O O   . HOH H 6 .   ? -24.765 15.921  18.427  1.00 30.37 ? 421 HOH A O   1 
HETATM 1281 O O   . HOH H 6 .   ? -10.313 9.605   13.091  1.00 53.93 ? 422 HOH A O   1 
HETATM 1282 O O   . HOH H 6 .   ? -2.158  6.666   3.867   1.00 43.13 ? 423 HOH A O   1 
HETATM 1283 O O   . HOH H 6 .   ? 9.581   -1.985  8.658   1.00 46.63 ? 424 HOH A O   1 
HETATM 1284 O O   . HOH H 6 .   ? 5.028   -3.564  -12.893 1.00 26.06 ? 425 HOH A O   1 
HETATM 1285 O O   . HOH H 6 .   ? 13.507  6.612   -9.347  1.00 46.03 ? 426 HOH A O   1 
HETATM 1286 O O   . HOH H 6 .   ? -12.867 2.851   -11.323 1.00 57.19 ? 427 HOH A O   1 
HETATM 1287 O O   . HOH H 6 .   ? -10.628 -11.383 -4.355  1.00 45.43 ? 428 HOH A O   1 
HETATM 1288 O O   . HOH H 6 .   ? -16.181 2.341   4.939   1.00 44.61 ? 429 HOH A O   1 
HETATM 1289 O O   . HOH H 6 .   ? 16.667  -4.951  -12.278 1.00 53.45 ? 430 HOH A O   1 
HETATM 1290 O O   . HOH H 6 .   ? -19.563 11.628  11.602  1.00 37.88 ? 431 HOH A O   1 
HETATM 1291 O O   . HOH H 6 .   ? 9.510   6.662   -11.427 1.00 41.17 ? 432 HOH A O   1 
HETATM 1292 O O   . HOH H 6 .   ? 11.538  -10.979 -7.006  1.00 35.58 ? 433 HOH A O   1 
HETATM 1293 O O   . HOH H 6 .   ? -6.870  -11.217 4.041   1.00 31.59 ? 434 HOH A O   1 
HETATM 1294 O O   . HOH H 6 .   ? 11.223  -4.957  -3.255  1.00 30.10 ? 435 HOH A O   1 
HETATM 1295 O O   . HOH H 6 .   ? 17.427  -10.428 -11.751 1.00 51.41 ? 436 HOH A O   1 
HETATM 1296 O O   . HOH H 6 .   ? -9.486  -13.985 -5.856  1.00 56.24 ? 437 HOH A O   1 
HETATM 1297 O O   . HOH H 6 .   ? -5.845  7.007   -10.480 1.00 36.94 ? 438 HOH A O   1 
HETATM 1298 O O   . HOH H 6 .   ? -4.319  1.245   8.380   1.00 26.34 ? 439 HOH A O   1 
HETATM 1299 O O   . HOH H 6 .   ? 6.181   19.784  1.514   1.00 60.44 ? 440 HOH A O   1 
HETATM 1300 O O   . HOH H 6 .   ? 15.754  11.521  3.533   1.00 53.63 ? 441 HOH A O   1 
HETATM 1301 O O   . HOH H 6 .   ? 1.227   2.019   4.640   1.00 32.11 ? 442 HOH A O   1 
HETATM 1302 O O   . HOH H 6 .   ? -9.904  5.964   -1.879  1.00 28.68 ? 443 HOH A O   1 
HETATM 1303 O O   . HOH H 6 .   ? 1.389   -3.991  -1.961  1.00 23.27 ? 444 HOH A O   1 
HETATM 1304 O O   . HOH H 6 .   ? -11.478 -7.424  -6.099  1.00 30.08 ? 445 HOH A O   1 
HETATM 1305 O O   . HOH H 6 .   ? -1.220  7.872   -10.982 1.00 44.83 ? 446 HOH A O   1 
HETATM 1306 O O   . HOH H 6 .   ? 5.602   -0.003  -11.256 1.00 25.57 ? 447 HOH A O   1 
HETATM 1307 O O   . HOH H 6 .   ? 2.982   -1.772  -13.589 1.00 31.20 ? 448 HOH A O   1 
HETATM 1308 O O   . HOH H 6 .   ? -9.437  8.330   -7.961  1.00 60.84 ? 449 HOH A O   1 
HETATM 1309 O O   . HOH H 6 .   ? 7.071   14.706  1.204   1.00 44.10 ? 450 HOH A O   1 
HETATM 1310 O O   . HOH H 6 .   ? 13.111  -8.172  -8.812  1.00 34.10 ? 451 HOH A O   1 
HETATM 1311 O O   . HOH H 6 .   ? -0.532  9.626   -8.942  1.00 44.66 ? 452 HOH A O   1 
HETATM 1312 O O   . HOH H 6 .   ? -10.649 5.267   -14.661 1.00 52.09 ? 453 HOH A O   1 
HETATM 1313 O O   . HOH H 6 .   ? -16.257 -5.470  2.614   1.00 50.99 ? 454 HOH A O   1 
HETATM 1314 O O   . HOH H 6 .   ? 19.751  3.472   1.224   1.00 55.00 ? 455 HOH A O   1 
HETATM 1315 O O   . HOH H 6 .   ? -1.176  18.101  1.551   1.00 41.06 ? 456 HOH A O   1 
HETATM 1316 O O   . HOH H 6 .   ? -9.774  -8.528  -12.909 1.00 44.82 ? 457 HOH A O   1 
HETATM 1317 O O   . HOH H 6 .   ? 14.340  -6.071  22.787  1.00 39.51 ? 458 HOH A O   1 
HETATM 1318 O O   . HOH H 6 .   ? 6.625   -14.755 -7.124  1.00 45.24 ? 459 HOH A O   1 
HETATM 1319 O O   . HOH H 6 .   ? 13.966  -6.397  -14.846 1.00 35.72 ? 460 HOH A O   1 
HETATM 1320 O O   . HOH H 6 .   ? 10.456  1.525   -16.234 1.00 42.39 ? 461 HOH A O   1 
HETATM 1321 O O   . HOH H 6 .   ? 11.790  -11.709 -4.380  1.00 34.81 ? 462 HOH A O   1 
HETATM 1322 O O   . HOH H 6 .   ? -11.149 8.313   1.445   1.00 54.84 ? 463 HOH A O   1 
HETATM 1323 O O   . HOH H 6 .   ? -5.937  -11.153 10.005  1.00 43.50 ? 464 HOH A O   1 
HETATM 1324 O O   . HOH H 6 .   ? -1.210  -14.106 6.366   1.00 66.67 ? 465 HOH A O   1 
HETATM 1325 O O   . HOH H 6 .   ? -3.234  -13.818 2.281   1.00 31.43 ? 466 HOH A O   1 
HETATM 1326 O O   . HOH H 6 .   ? -10.940 -1.222  -11.346 1.00 33.89 ? 467 HOH A O   1 
HETATM 1327 O O   . HOH H 6 .   ? -0.694  2.511   2.741   1.00 27.86 ? 468 HOH A O   1 
HETATM 1328 O O   . HOH H 6 .   ? 19.613  8.587   5.052   1.00 53.91 ? 469 HOH A O   1 
HETATM 1329 O O   . HOH H 6 .   ? 7.883   -17.788 -3.087  1.00 44.35 ? 470 HOH A O   1 
HETATM 1330 O O   . HOH H 6 .   ? 9.871   4.662   7.178   1.00 41.61 ? 471 HOH A O   1 
HETATM 1331 O O   . HOH H 6 .   ? -7.859  7.365   5.503   1.00 51.84 ? 472 HOH A O   1 
HETATM 1332 O O   . HOH H 6 .   ? -10.410 -9.768  1.344   1.00 26.46 ? 473 HOH A O   1 
HETATM 1333 O O   . HOH H 6 .   ? 14.374  -0.556  -7.774  1.00 40.37 ? 474 HOH A O   1 
HETATM 1334 O O   . HOH H 6 .   ? -2.808  14.208  -3.345  1.00 43.49 ? 475 HOH A O   1 
HETATM 1335 O O   . HOH H 6 .   ? -20.394 7.046   6.133   1.00 56.40 ? 476 HOH A O   1 
HETATM 1336 O O   . HOH H 6 .   ? 14.230  -0.942  -10.000 1.00 49.76 ? 477 HOH A O   1 
HETATM 1337 O O   . HOH H 6 .   ? 5.906   -20.399 -3.701  1.00 54.41 ? 478 HOH A O   1 
HETATM 1338 O O   . HOH H 6 .   ? -5.463  -4.003  12.487  1.00 56.64 ? 479 HOH A O   1 
HETATM 1339 O O   . HOH H 6 .   ? -3.363  9.569   -7.252  1.00 52.63 ? 480 HOH A O   1 
HETATM 1340 O O   . HOH H 6 .   ? -13.746 -2.047  6.167   1.00 31.41 ? 481 HOH A O   1 
HETATM 1341 O O   . HOH H 6 .   ? -11.952 -6.314  3.613   1.00 44.32 ? 482 HOH A O   1 
HETATM 1342 O O   . HOH H 6 .   ? 2.205   9.246   -14.047 1.00 52.61 ? 483 HOH A O   1 
HETATM 1343 O O   . HOH H 6 .   ? -7.454  9.089   -9.843  1.00 46.26 ? 484 HOH A O   1 
HETATM 1344 O O   . HOH H 6 .   ? 10.297  -14.046 -3.425  1.00 46.24 ? 485 HOH A O   1 
HETATM 1345 O O   . HOH H 6 .   ? -3.893  8.151   -9.771  1.00 49.19 ? 486 HOH A O   1 
HETATM 1346 O O   . HOH H 6 .   ? 14.595  -12.227 -3.721  1.00 45.23 ? 487 HOH A O   1 
# 
